data_5Y5V
#
_entry.id   5Y5V
#
_cell.length_a   168.200
_cell.length_b   168.200
_cell.length_c   123.626
_cell.angle_alpha   90.00
_cell.angle_beta   90.00
_cell.angle_gamma   90.00
#
_symmetry.space_group_name_H-M   'P 42 21 2'
#
loop_
_entity.id
_entity.type
_entity.pdbx_description
1 polymer 'Pyrethroid hydrolase'
2 non-polymer 'SULFATE ION'
3 water water
#
_entity_poly.entity_id   1
_entity_poly.type   'polypeptide(L)'
_entity_poly.pdbx_seq_one_letter_code
;MTVTDIILIHGALNRGACYDAVVPLLEARGYRVHAPDLTGHTPGDGGHLSVVDMEHYTRPVADILARAEGQSILLGHALG
GASISWLAQHHPDKVAGLIYLTAVLTAPGVTPETFVLPGEPNRGTPHALDLIQPVDEGRGLQADFSRLERLREVFMGDYP
GEGMPPAEHFIQTQSTVPFGTPNPMEGRALEIPRLYIEALDDVVLPIAVQRQMQKEFPGPVAVVSLPASHAPYYSMPERL
AEAIADFADAPAEYRQTATKAGPDRPAGADGGRADRADLPLEHHHHHH
;
_entity_poly.pdbx_strand_id   A,B,C,D,E,F
#
# COMPACT_ATOMS: atom_id res chain seq x y z
N THR A 2 -9.83 28.58 -7.26
CA THR A 2 -9.23 27.32 -6.85
C THR A 2 -7.68 27.36 -6.82
N VAL A 3 -7.07 28.27 -7.58
CA VAL A 3 -5.61 28.28 -7.79
C VAL A 3 -5.01 29.29 -6.82
N THR A 4 -4.57 28.81 -5.66
CA THR A 4 -4.06 29.74 -4.66
C THR A 4 -2.58 30.06 -4.86
N ASP A 5 -1.76 29.08 -5.21
CA ASP A 5 -0.31 29.21 -5.15
C ASP A 5 0.34 29.08 -6.52
N ILE A 6 1.40 29.86 -6.74
CA ILE A 6 2.26 29.73 -7.92
C ILE A 6 3.67 29.40 -7.43
N ILE A 7 4.30 28.41 -8.05
CA ILE A 7 5.61 27.94 -7.63
C ILE A 7 6.57 28.07 -8.81
N LEU A 8 7.61 28.88 -8.63
CA LEU A 8 8.63 29.10 -9.64
C LEU A 8 9.88 28.29 -9.31
N ILE A 9 10.42 27.59 -10.30
CA ILE A 9 11.43 26.56 -10.06
C ILE A 9 12.63 26.81 -10.96
N HIS A 10 13.83 26.86 -10.36
CA HIS A 10 15.06 27.28 -11.02
C HIS A 10 15.60 26.16 -11.88
N GLY A 11 16.39 26.54 -12.88
CA GLY A 11 17.08 25.60 -13.74
C GLY A 11 18.46 25.23 -13.24
N ALA A 12 19.26 24.66 -14.14
CA ALA A 12 20.55 24.10 -13.74
C ALA A 12 21.50 25.19 -13.26
N LEU A 13 22.11 24.94 -12.11
CA LEU A 13 23.15 25.78 -11.52
C LEU A 13 22.60 27.12 -11.03
N ASN A 14 21.28 27.25 -10.90
CA ASN A 14 20.65 28.47 -10.43
C ASN A 14 20.04 28.23 -9.05
N ARG A 15 19.38 29.28 -8.53
CA ARG A 15 18.63 29.24 -7.28
C ARG A 15 17.33 30.01 -7.43
N GLY A 16 16.41 29.80 -6.47
CA GLY A 16 15.10 30.42 -6.56
C GLY A 16 15.17 31.93 -6.57
N ALA A 17 16.19 32.48 -5.93
CA ALA A 17 16.41 33.91 -5.95
C ALA A 17 16.44 34.47 -7.37
N CYS A 18 16.80 33.64 -8.35
CA CYS A 18 16.95 34.15 -9.71
C CYS A 18 15.67 34.77 -10.20
N TYR A 19 14.55 34.52 -9.52
CA TYR A 19 13.22 34.96 -9.94
C TYR A 19 12.78 36.26 -9.28
N ASP A 20 13.68 36.94 -8.54
CA ASP A 20 13.24 38.02 -7.65
C ASP A 20 12.51 39.13 -8.40
N ALA A 21 12.89 39.42 -9.64
CA ALA A 21 12.18 40.46 -10.36
C ALA A 21 10.70 40.16 -10.51
N VAL A 22 10.29 38.90 -10.36
CA VAL A 22 8.95 38.47 -10.71
C VAL A 22 8.09 38.19 -9.49
N VAL A 23 8.67 37.66 -8.41
CA VAL A 23 7.86 37.28 -7.25
C VAL A 23 6.95 38.40 -6.78
N PRO A 24 7.41 39.65 -6.58
CA PRO A 24 6.45 40.70 -6.25
C PRO A 24 5.39 40.92 -7.32
N LEU A 25 5.72 40.82 -8.61
CA LEU A 25 4.72 41.11 -9.62
C LEU A 25 3.58 40.11 -9.57
N LEU A 26 3.88 38.84 -9.25
CA LEU A 26 2.80 37.86 -9.12
C LEU A 26 2.09 37.99 -7.78
N GLU A 27 2.79 38.46 -6.74
CA GLU A 27 2.11 38.74 -5.48
C GLU A 27 1.04 39.82 -5.67
N ALA A 28 1.34 40.84 -6.48
CA ALA A 28 0.35 41.85 -6.82
C ALA A 28 -0.96 41.26 -7.34
N ARG A 29 -0.88 40.30 -8.27
CA ARG A 29 -2.13 39.73 -8.80
C ARG A 29 -2.86 38.85 -7.78
N GLY A 30 -2.43 38.79 -6.52
CA GLY A 30 -3.19 38.09 -5.51
C GLY A 30 -2.81 36.65 -5.24
N TYR A 31 -1.73 36.16 -5.82
CA TYR A 31 -1.34 34.81 -5.48
C TYR A 31 -0.31 34.80 -4.36
N ARG A 32 -0.09 33.58 -3.85
CA ARG A 32 0.95 33.29 -2.87
C ARG A 32 2.03 32.78 -3.81
N VAL A 33 3.22 33.34 -3.74
CA VAL A 33 4.26 33.03 -4.72
C VAL A 33 5.46 32.38 -4.07
N HIS A 34 5.91 31.27 -4.63
CA HIS A 34 7.03 30.51 -4.12
C HIS A 34 8.16 30.42 -5.16
N ALA A 35 9.40 30.48 -4.69
CA ALA A 35 10.58 30.28 -5.54
C ALA A 35 11.60 29.45 -4.78
N PRO A 36 11.26 28.21 -4.43
CA PRO A 36 12.12 27.42 -3.57
C PRO A 36 13.45 27.15 -4.23
N ASP A 37 14.41 26.81 -3.38
CA ASP A 37 15.64 26.14 -3.80
C ASP A 37 15.38 24.64 -3.76
N LEU A 38 15.81 23.94 -4.79
CA LEU A 38 15.72 22.49 -4.79
C LEU A 38 16.83 21.87 -3.94
N THR A 39 16.67 20.57 -3.64
CA THR A 39 17.68 19.83 -2.90
C THR A 39 19.04 20.03 -3.55
N GLY A 40 20.06 20.20 -2.71
CA GLY A 40 21.39 20.50 -3.19
C GLY A 40 21.58 21.90 -3.76
N HIS A 41 20.55 22.74 -3.75
CA HIS A 41 20.67 24.09 -4.28
C HIS A 41 20.74 25.15 -3.20
N THR A 42 20.99 24.78 -1.94
CA THR A 42 21.18 25.73 -0.86
C THR A 42 22.57 25.56 -0.26
N PRO A 43 23.43 26.58 -0.34
CA PRO A 43 24.77 26.50 0.26
C PRO A 43 24.77 25.94 1.68
N GLY A 44 25.63 24.96 1.93
CA GLY A 44 25.66 24.29 3.20
C GLY A 44 24.63 23.19 3.37
N ASP A 45 23.92 22.81 2.30
CA ASP A 45 23.01 21.68 2.36
C ASP A 45 23.61 20.41 1.77
N GLY A 46 24.91 20.42 1.51
CA GLY A 46 25.53 19.17 1.12
C GLY A 46 26.07 19.24 -0.29
N GLY A 47 25.30 19.84 -1.19
CA GLY A 47 25.75 20.05 -2.54
C GLY A 47 25.27 18.95 -3.46
N HIS A 48 25.86 18.95 -4.66
CA HIS A 48 25.31 18.15 -5.74
C HIS A 48 25.21 16.68 -5.37
N LEU A 49 26.21 16.15 -4.66
CA LEU A 49 26.16 14.73 -4.32
C LEU A 49 25.05 14.39 -3.35
N SER A 50 24.44 15.38 -2.69
CA SER A 50 23.45 15.08 -1.67
C SER A 50 22.14 14.53 -2.24
N VAL A 51 21.90 14.69 -3.54
CA VAL A 51 20.58 14.45 -4.12
C VAL A 51 20.47 13.00 -4.60
N VAL A 52 19.61 12.22 -3.94
CA VAL A 52 19.48 10.80 -4.26
C VAL A 52 18.78 10.61 -5.61
N ASP A 53 17.56 11.11 -5.74
CA ASP A 53 16.82 10.94 -6.97
C ASP A 53 15.88 12.13 -7.13
N MET A 54 14.85 11.97 -7.97
CA MET A 54 14.00 13.12 -8.27
C MET A 54 13.01 13.38 -7.14
N GLU A 55 12.37 12.32 -6.62
CA GLU A 55 11.57 12.47 -5.42
C GLU A 55 12.34 13.24 -4.36
N HIS A 56 13.64 12.96 -4.22
CA HIS A 56 14.44 13.70 -3.25
C HIS A 56 14.82 15.10 -3.75
N TYR A 57 15.09 15.25 -5.05
CA TYR A 57 15.38 16.56 -5.63
C TYR A 57 14.19 17.51 -5.52
N THR A 58 12.98 16.99 -5.72
CA THR A 58 11.80 17.84 -5.83
C THR A 58 11.05 17.99 -4.52
N ARG A 59 11.48 17.30 -3.47
CA ARG A 59 10.77 17.32 -2.19
C ARG A 59 10.48 18.73 -1.71
N PRO A 60 11.40 19.70 -1.76
CA PRO A 60 11.06 21.06 -1.30
C PRO A 60 9.81 21.65 -1.94
N VAL A 61 9.52 21.32 -3.20
CA VAL A 61 8.28 21.78 -3.83
C VAL A 61 7.10 20.99 -3.30
N ALA A 62 7.22 19.67 -3.25
CA ALA A 62 6.13 18.83 -2.74
C ALA A 62 5.71 19.27 -1.34
N ASP A 63 6.68 19.58 -0.47
CA ASP A 63 6.39 20.20 0.82
C ASP A 63 5.47 21.41 0.65
N ILE A 64 5.84 22.36 -0.21
CA ILE A 64 4.99 23.52 -0.47
C ILE A 64 3.62 23.07 -0.95
N LEU A 65 3.60 22.27 -2.01
CA LEU A 65 2.33 21.83 -2.59
C LEU A 65 1.43 21.21 -1.52
N ALA A 66 2.03 20.53 -0.54
CA ALA A 66 1.25 19.98 0.55
C ALA A 66 0.61 21.10 1.37
N ARG A 67 1.37 22.16 1.66
CA ARG A 67 0.89 23.24 2.51
C ARG A 67 0.00 24.24 1.76
N ALA A 68 -0.21 24.04 0.46
CA ALA A 68 -1.07 24.95 -0.29
C ALA A 68 -2.50 24.85 0.22
N GLU A 69 -3.23 25.97 0.13
CA GLU A 69 -4.62 25.97 0.59
C GLU A 69 -5.56 25.45 -0.49
N GLY A 70 -5.30 25.77 -1.76
CA GLY A 70 -6.03 25.24 -2.90
C GLY A 70 -5.13 24.64 -3.97
N GLN A 71 -5.27 25.11 -5.21
CA GLN A 71 -4.47 24.62 -6.33
C GLN A 71 -3.18 25.40 -6.48
N SER A 72 -2.26 24.83 -7.25
CA SER A 72 -0.97 25.44 -7.46
C SER A 72 -0.59 25.37 -8.94
N ILE A 73 0.30 26.26 -9.34
CA ILE A 73 0.82 26.33 -10.69
C ILE A 73 2.32 26.13 -10.61
N LEU A 74 2.85 25.15 -11.34
CA LEU A 74 4.28 24.88 -11.36
C LEU A 74 4.88 25.45 -12.63
N LEU A 75 5.78 26.42 -12.47
CA LEU A 75 6.62 26.88 -13.56
C LEU A 75 8.01 26.29 -13.44
N GLY A 76 8.60 25.98 -14.58
CA GLY A 76 9.97 25.52 -14.62
C GLY A 76 10.77 26.25 -15.68
N HIS A 77 12.03 26.47 -15.38
CA HIS A 77 12.91 27.11 -16.30
C HIS A 77 14.00 26.14 -16.74
N ALA A 78 14.39 26.23 -17.98
CA ALA A 78 15.49 25.42 -18.51
C ALA A 78 15.36 24.02 -17.92
N LEU A 79 16.41 23.43 -17.34
CA LEU A 79 16.26 22.08 -16.78
C LEU A 79 15.13 21.97 -15.77
N GLY A 80 14.57 23.09 -15.31
CA GLY A 80 13.50 23.03 -14.32
C GLY A 80 12.25 22.38 -14.87
N GLY A 81 12.06 22.45 -16.19
CA GLY A 81 10.97 21.71 -16.81
C GLY A 81 10.95 20.26 -16.39
N ALA A 82 12.14 19.65 -16.24
CA ALA A 82 12.21 18.25 -15.84
C ALA A 82 11.56 18.01 -14.48
N SER A 83 11.53 19.02 -13.61
CA SER A 83 11.00 18.85 -12.26
C SER A 83 9.49 18.91 -12.25
N ILE A 84 8.92 19.99 -12.81
CA ILE A 84 7.47 20.16 -12.76
C ILE A 84 6.77 19.00 -13.47
N SER A 85 7.37 18.47 -14.54
CA SER A 85 6.84 17.24 -15.14
C SER A 85 6.79 16.10 -14.14
N TRP A 86 7.92 15.87 -13.43
CA TRP A 86 7.96 14.81 -12.44
C TRP A 86 6.93 15.02 -11.33
N LEU A 87 6.84 16.25 -10.81
CA LEU A 87 5.89 16.55 -9.73
C LEU A 87 4.45 16.41 -10.21
N ALA A 88 4.16 16.87 -11.42
CA ALA A 88 2.80 16.80 -11.93
C ALA A 88 2.28 15.38 -11.86
N GLN A 89 3.12 14.41 -12.10
CA GLN A 89 2.73 13.03 -12.03
C GLN A 89 2.54 12.53 -10.59
N HIS A 90 3.17 13.20 -9.63
CA HIS A 90 3.08 12.72 -8.26
C HIS A 90 2.18 13.59 -7.39
N HIS A 91 1.75 14.76 -7.88
CA HIS A 91 0.79 15.59 -7.15
C HIS A 91 -0.24 16.18 -8.11
N PRO A 92 -0.86 15.37 -8.98
CA PRO A 92 -1.75 15.96 -10.00
C PRO A 92 -3.02 16.53 -9.41
N ASP A 93 -3.45 15.97 -8.28
CA ASP A 93 -4.51 16.60 -7.50
C ASP A 93 -4.15 18.03 -7.14
N LYS A 94 -2.90 18.27 -6.76
CA LYS A 94 -2.57 19.54 -6.12
C LYS A 94 -2.13 20.62 -7.09
N VAL A 95 -2.00 20.32 -8.39
CA VAL A 95 -1.51 21.32 -9.33
C VAL A 95 -2.51 21.48 -10.48
N ALA A 96 -2.76 22.74 -10.85
CA ALA A 96 -3.82 23.10 -11.79
C ALA A 96 -3.29 23.58 -13.13
N GLY A 97 -1.97 23.62 -13.30
CA GLY A 97 -1.39 24.01 -14.57
C GLY A 97 0.12 23.92 -14.52
N LEU A 98 0.72 23.95 -15.70
CA LEU A 98 2.16 23.72 -15.85
C LEU A 98 2.71 24.76 -16.83
N ILE A 99 3.73 25.50 -16.40
CA ILE A 99 4.40 26.46 -17.27
C ILE A 99 5.82 25.97 -17.52
N TYR A 100 6.21 25.97 -18.77
CA TYR A 100 7.53 25.53 -19.18
C TYR A 100 8.19 26.75 -19.82
N LEU A 101 8.99 27.49 -19.02
CA LEU A 101 9.62 28.73 -19.47
C LEU A 101 10.96 28.53 -20.12
N THR A 102 10.97 28.49 -21.45
CA THR A 102 12.05 27.98 -22.28
C THR A 102 12.66 26.73 -21.66
N ALA A 103 11.81 25.81 -21.25
CA ALA A 103 12.20 24.70 -20.40
C ALA A 103 12.23 23.39 -21.19
N VAL A 104 12.77 22.36 -20.54
CA VAL A 104 12.83 21.02 -21.10
C VAL A 104 11.49 20.33 -20.86
N LEU A 105 10.80 20.04 -21.93
CA LEU A 105 9.55 19.30 -21.87
C LEU A 105 9.75 18.03 -22.67
N THR A 106 9.68 16.88 -22.00
CA THR A 106 9.90 15.61 -22.65
C THR A 106 8.64 14.78 -22.53
N ALA A 107 8.25 14.16 -23.65
CA ALA A 107 7.19 13.17 -23.70
C ALA A 107 7.42 12.14 -22.61
N PRO A 108 6.36 11.49 -22.11
CA PRO A 108 6.55 10.37 -21.18
C PRO A 108 7.63 9.42 -21.69
N GLY A 109 8.48 8.95 -20.77
CA GLY A 109 9.51 7.99 -21.12
C GLY A 109 10.74 8.57 -21.76
N VAL A 110 10.73 9.85 -22.13
CA VAL A 110 11.88 10.51 -22.75
C VAL A 110 12.62 11.31 -21.68
N THR A 111 13.97 11.14 -21.60
CA THR A 111 14.77 11.86 -20.64
C THR A 111 15.17 13.22 -21.19
N PRO A 112 15.50 14.18 -20.33
CA PRO A 112 15.94 15.49 -20.83
C PRO A 112 17.23 15.45 -21.64
N GLU A 113 18.05 14.42 -21.52
CA GLU A 113 19.29 14.48 -22.27
C GLU A 113 19.05 14.26 -23.74
N THR A 114 17.93 13.63 -24.08
CA THR A 114 17.61 13.39 -25.49
C THR A 114 17.69 14.69 -26.30
N PHE A 115 17.30 15.82 -25.68
CA PHE A 115 17.33 17.12 -26.34
C PHE A 115 18.58 17.92 -26.02
N VAL A 116 19.21 17.63 -24.88
CA VAL A 116 20.46 18.28 -24.55
C VAL A 116 21.56 17.75 -25.46
N LEU A 117 21.54 16.44 -25.69
CA LEU A 117 22.53 15.78 -26.53
C LEU A 117 22.28 15.87 -28.03
N PRO A 118 23.39 15.77 -28.85
CA PRO A 118 23.10 15.88 -30.29
C PRO A 118 22.19 14.80 -30.83
N GLY A 119 21.22 15.21 -31.64
CA GLY A 119 20.26 14.30 -32.22
C GLY A 119 19.47 14.88 -33.37
N GLU A 120 18.71 14.04 -34.06
CA GLU A 120 17.86 14.46 -35.15
C GLU A 120 16.43 14.07 -34.82
N PRO A 121 15.38 14.96 -35.01
CA PRO A 121 15.74 16.28 -35.56
C PRO A 121 15.61 17.39 -34.53
N ASN A 122 16.33 18.48 -34.75
CA ASN A 122 16.27 19.63 -33.87
C ASN A 122 16.50 19.32 -32.41
N ARG A 123 17.59 18.62 -32.12
CA ARG A 123 17.91 18.26 -30.75
C ARG A 123 19.29 18.74 -30.36
N GLY A 124 19.47 19.05 -29.08
CA GLY A 124 20.73 19.49 -28.53
C GLY A 124 21.02 20.96 -28.28
N THR A 125 21.89 21.18 -27.30
CA THR A 125 22.31 22.50 -26.85
C THR A 125 23.83 22.52 -26.80
N PRO A 126 24.47 22.76 -27.93
CA PRO A 126 25.94 22.72 -28.00
C PRO A 126 26.64 23.88 -27.29
N HIS A 127 26.02 25.04 -27.16
CA HIS A 127 26.62 26.09 -26.35
C HIS A 127 26.66 25.68 -24.89
N ALA A 128 25.61 25.03 -24.40
CA ALA A 128 25.49 24.77 -22.98
C ALA A 128 26.41 23.64 -22.56
N LEU A 129 26.46 22.57 -23.36
CA LEU A 129 27.43 21.52 -23.10
C LEU A 129 28.85 22.06 -23.15
N ASP A 130 29.10 23.07 -24.01
CA ASP A 130 30.44 23.61 -24.19
C ASP A 130 30.93 24.38 -22.95
N LEU A 131 30.03 25.10 -22.27
CA LEU A 131 30.41 25.91 -21.10
C LEU A 131 30.16 25.20 -19.77
N ILE A 132 29.48 24.05 -19.81
CA ILE A 132 29.17 23.24 -18.63
C ILE A 132 29.93 21.92 -18.74
N GLN A 133 30.83 21.67 -17.80
CA GLN A 133 31.74 20.53 -17.82
C GLN A 133 31.45 19.54 -16.69
N PRO A 134 31.76 18.27 -16.90
CA PRO A 134 31.69 17.30 -15.79
C PRO A 134 32.71 17.61 -14.69
N VAL A 135 32.32 17.32 -13.45
CA VAL A 135 33.22 17.35 -12.31
C VAL A 135 32.94 16.13 -11.42
N ASP A 136 33.78 15.99 -10.38
CA ASP A 136 33.61 14.98 -9.34
C ASP A 136 33.42 13.59 -9.98
N GLU A 137 34.42 13.22 -10.78
CA GLU A 137 34.43 11.96 -11.54
C GLU A 137 33.17 11.77 -12.38
N GLY A 138 32.47 12.88 -12.68
CA GLY A 138 31.37 12.86 -13.61
C GLY A 138 29.99 12.92 -13.02
N ARG A 139 29.85 13.10 -11.70
CA ARG A 139 28.52 13.09 -11.12
C ARG A 139 28.01 14.48 -10.78
N GLY A 140 28.72 15.52 -11.19
CA GLY A 140 28.19 16.86 -11.13
C GLY A 140 28.62 17.63 -12.36
N LEU A 141 27.94 18.74 -12.60
CA LEU A 141 28.33 19.62 -13.70
C LEU A 141 28.63 20.98 -13.11
N GLN A 142 29.64 21.63 -13.65
CA GLN A 142 30.07 22.93 -13.18
C GLN A 142 30.36 23.79 -14.40
N ALA A 143 30.18 25.10 -14.27
CA ALA A 143 30.43 25.95 -15.42
C ALA A 143 31.93 25.99 -15.71
N ASP A 144 32.31 26.67 -16.78
CA ASP A 144 33.71 26.73 -17.18
C ASP A 144 34.23 28.16 -16.93
N PHE A 145 34.72 28.39 -15.71
CA PHE A 145 34.99 29.77 -15.33
C PHE A 145 36.19 30.37 -16.03
N SER A 146 36.87 29.61 -16.89
CA SER A 146 37.92 30.20 -17.71
C SER A 146 37.37 31.11 -18.80
N ARG A 147 36.05 31.16 -18.98
CA ARG A 147 35.42 31.93 -20.03
C ARG A 147 34.21 32.64 -19.41
N LEU A 148 34.48 33.68 -18.62
CA LEU A 148 33.41 34.30 -17.86
C LEU A 148 32.52 35.13 -18.76
N GLU A 149 33.12 35.96 -19.61
CA GLU A 149 32.26 36.75 -20.50
C GLU A 149 31.41 35.84 -21.38
N ARG A 150 32.00 34.75 -21.91
CA ARG A 150 31.18 33.81 -22.66
C ARG A 150 30.03 33.27 -21.82
N LEU A 151 30.29 32.95 -20.55
CA LEU A 151 29.20 32.52 -19.68
C LEU A 151 28.12 33.56 -19.60
N ARG A 152 28.50 34.84 -19.56
CA ARG A 152 27.51 35.91 -19.41
C ARG A 152 26.69 36.08 -20.68
N GLU A 153 27.34 36.02 -21.84
CA GLU A 153 26.65 36.21 -23.12
C GLU A 153 25.62 35.13 -23.34
N VAL A 154 25.93 33.92 -22.92
CA VAL A 154 25.03 32.80 -23.21
C VAL A 154 23.93 32.69 -22.17
N PHE A 155 24.27 32.79 -20.89
CA PHE A 155 23.25 32.62 -19.86
C PHE A 155 22.74 33.88 -19.17
N MET A 156 23.60 34.87 -18.98
CA MET A 156 23.20 36.09 -18.28
C MET A 156 22.93 37.31 -19.13
N GLY A 157 22.77 37.13 -20.43
CA GLY A 157 22.53 38.22 -21.34
C GLY A 157 21.32 39.03 -20.99
N ASP A 158 20.34 38.37 -20.41
CA ASP A 158 19.08 38.97 -19.99
C ASP A 158 19.18 40.04 -18.93
N TYR A 159 20.08 39.84 -17.96
CA TYR A 159 20.26 40.77 -16.86
C TYR A 159 20.59 42.15 -17.34
N PRO A 160 19.91 43.19 -16.72
CA PRO A 160 20.27 44.52 -17.22
C PRO A 160 21.72 44.77 -16.89
N GLY A 161 22.48 45.28 -17.85
CA GLY A 161 23.89 45.54 -17.65
C GLY A 161 24.75 44.41 -18.17
N MET A 164 27.20 39.48 -14.14
CA MET A 164 26.33 40.50 -13.61
C MET A 164 25.27 40.03 -12.62
N PRO A 165 24.62 38.83 -12.88
CA PRO A 165 23.62 38.44 -11.88
C PRO A 165 24.23 38.27 -10.53
N PRO A 166 23.40 38.38 -9.44
CA PRO A 166 24.06 38.25 -8.13
C PRO A 166 24.52 36.89 -7.73
N ALA A 167 25.32 36.76 -6.70
CA ALA A 167 25.77 35.44 -6.29
C ALA A 167 24.65 34.63 -5.65
N GLU A 168 23.66 35.30 -5.08
CA GLU A 168 22.59 34.55 -4.42
C GLU A 168 21.71 33.80 -5.41
N HIS A 169 21.97 33.97 -6.70
CA HIS A 169 21.22 33.34 -7.78
C HIS A 169 21.75 31.99 -8.20
N PHE A 170 23.07 31.77 -8.10
CA PHE A 170 23.69 30.56 -8.62
C PHE A 170 24.21 29.65 -7.52
N ILE A 171 24.44 28.39 -7.89
CA ILE A 171 25.29 27.48 -7.12
C ILE A 171 26.49 27.06 -7.98
N GLN A 172 27.40 26.32 -7.36
CA GLN A 172 28.67 25.97 -8.00
C GLN A 172 28.56 24.70 -8.83
N THR A 173 28.01 23.63 -8.26
CA THR A 173 27.88 22.39 -9.00
C THR A 173 26.47 21.82 -8.85
N GLN A 174 26.02 21.17 -9.94
CA GLN A 174 24.65 20.73 -10.16
C GLN A 174 24.62 19.21 -10.24
N SER A 175 23.59 18.62 -9.65
CA SER A 175 23.45 17.17 -9.70
C SER A 175 22.97 16.73 -11.06
N THR A 176 23.47 15.59 -11.54
CA THR A 176 23.01 15.07 -12.83
C THR A 176 21.75 14.22 -12.69
N VAL A 177 21.07 14.26 -11.53
CA VAL A 177 19.89 13.43 -11.33
C VAL A 177 18.75 13.79 -12.28
N PRO A 178 18.30 15.05 -12.37
CA PRO A 178 17.18 15.35 -13.29
C PRO A 178 17.50 15.06 -14.75
N PHE A 179 18.78 14.96 -15.11
CA PHE A 179 19.19 14.73 -16.50
C PHE A 179 18.92 13.31 -16.96
N GLY A 180 18.98 12.36 -16.05
CA GLY A 180 18.87 10.97 -16.43
C GLY A 180 17.48 10.45 -16.21
N THR A 181 16.75 11.03 -15.26
CA THR A 181 15.43 10.50 -14.89
C THR A 181 14.40 10.86 -15.96
N PRO A 182 13.71 9.88 -16.54
CA PRO A 182 12.74 10.17 -17.59
C PRO A 182 11.46 10.78 -17.02
N ASN A 183 10.73 11.45 -17.90
CA ASN A 183 9.42 12.00 -17.53
C ASN A 183 8.48 10.84 -17.24
N PRO A 184 7.89 10.77 -16.08
CA PRO A 184 7.05 9.62 -15.76
C PRO A 184 5.58 9.96 -15.84
N MET A 185 5.21 11.00 -16.59
CA MET A 185 3.84 11.48 -16.55
C MET A 185 2.88 10.49 -17.19
N GLU A 186 1.71 10.35 -16.56
CA GLU A 186 0.70 9.43 -17.07
C GLU A 186 -0.63 9.76 -16.39
N GLY A 187 -1.72 9.36 -17.03
CA GLY A 187 -3.02 9.44 -16.37
C GLY A 187 -3.51 10.86 -16.11
N ARG A 188 -4.00 11.10 -14.88
CA ARG A 188 -4.43 12.43 -14.50
C ARG A 188 -3.36 13.46 -14.83
N ALA A 189 -2.09 13.08 -14.65
CA ALA A 189 -0.97 13.98 -14.91
C ALA A 189 -1.09 14.62 -16.28
N LEU A 190 -1.48 13.84 -17.28
CA LEU A 190 -1.52 14.39 -18.63
C LEU A 190 -2.73 15.26 -18.85
N GLU A 191 -3.75 15.15 -18.00
CA GLU A 191 -4.91 16.03 -18.11
C GLU A 191 -4.51 17.48 -17.89
N ILE A 192 -3.63 17.73 -16.92
CA ILE A 192 -3.20 19.05 -16.44
C ILE A 192 -2.82 20.00 -17.58
N PRO A 193 -3.37 21.21 -17.62
CA PRO A 193 -3.12 22.09 -18.76
C PRO A 193 -1.64 22.43 -18.88
N ARG A 194 -1.23 22.77 -20.09
CA ARG A 194 0.18 22.96 -20.36
C ARG A 194 0.37 24.20 -21.23
N LEU A 195 1.32 25.03 -20.82
CA LEU A 195 1.72 26.22 -21.56
C LEU A 195 3.23 26.30 -21.67
N TYR A 196 3.72 26.69 -22.84
CA TYR A 196 5.14 26.85 -23.12
C TYR A 196 5.39 28.32 -23.40
N ILE A 197 6.14 28.98 -22.50
CA ILE A 197 6.69 30.30 -22.81
C ILE A 197 8.05 30.08 -23.44
N GLU A 198 8.20 30.45 -24.70
CA GLU A 198 9.46 30.20 -25.38
C GLU A 198 10.18 31.53 -25.56
N ALA A 199 11.48 31.52 -25.23
CA ALA A 199 12.37 32.65 -25.50
C ALA A 199 12.87 32.52 -26.93
N LEU A 200 12.46 33.44 -27.81
CA LEU A 200 12.78 33.33 -29.23
C LEU A 200 14.26 33.53 -29.51
N ASP A 201 14.97 34.31 -28.67
CA ASP A 201 16.39 34.57 -28.88
C ASP A 201 17.30 33.72 -27.97
N ASP A 202 16.76 32.71 -27.29
CA ASP A 202 17.58 31.81 -26.47
C ASP A 202 18.59 31.06 -27.33
N VAL A 203 19.86 31.11 -26.94
CA VAL A 203 20.90 30.33 -27.59
C VAL A 203 21.50 29.29 -26.65
N VAL A 204 21.07 29.23 -25.39
CA VAL A 204 21.31 28.02 -24.60
C VAL A 204 20.43 26.89 -25.13
N LEU A 205 19.11 27.09 -25.08
CA LEU A 205 18.11 26.16 -25.61
C LEU A 205 17.43 26.79 -26.82
N PRO A 206 17.89 26.52 -28.04
CA PRO A 206 17.48 27.33 -29.20
C PRO A 206 16.03 27.13 -29.59
N ILE A 207 15.39 28.20 -30.08
CA ILE A 207 13.96 28.15 -30.42
C ILE A 207 13.62 26.91 -31.23
N ALA A 208 14.52 26.50 -32.13
CA ALA A 208 14.30 25.27 -32.89
C ALA A 208 14.15 24.05 -31.97
N VAL A 209 14.93 23.99 -30.88
CA VAL A 209 14.77 22.86 -29.97
C VAL A 209 13.53 23.06 -29.12
N GLN A 210 13.16 24.31 -28.88
CA GLN A 210 12.02 24.52 -28.00
C GLN A 210 10.77 24.00 -28.67
N ARG A 211 10.61 24.31 -29.94
CA ARG A 211 9.42 23.86 -30.66
C ARG A 211 9.42 22.35 -30.84
N GLN A 212 10.59 21.76 -31.11
CA GLN A 212 10.62 20.31 -31.30
C GLN A 212 10.05 19.60 -30.09
N MET A 213 10.28 20.13 -28.89
CA MET A 213 9.78 19.43 -27.71
C MET A 213 8.28 19.55 -27.61
N GLN A 214 7.73 20.75 -27.84
CA GLN A 214 6.28 20.91 -27.90
C GLN A 214 5.67 19.94 -28.90
N LYS A 215 6.26 19.87 -30.10
CA LYS A 215 5.77 19.00 -31.15
C LYS A 215 5.82 17.53 -30.71
N GLU A 216 6.95 17.11 -30.12
CA GLU A 216 7.14 15.72 -29.74
C GLU A 216 6.34 15.31 -28.52
N PHE A 217 5.69 16.26 -27.87
CA PHE A 217 5.01 15.93 -26.62
C PHE A 217 3.56 15.59 -26.92
N PRO A 218 3.07 14.44 -26.47
CA PRO A 218 1.75 13.99 -26.91
C PRO A 218 0.68 14.84 -26.23
N GLY A 219 -0.16 15.48 -27.04
CA GLY A 219 -1.23 16.29 -26.51
C GLY A 219 -0.95 17.74 -26.78
N PRO A 220 -1.93 18.61 -26.53
CA PRO A 220 -1.79 20.02 -26.89
C PRO A 220 -0.94 20.78 -25.87
N VAL A 221 -0.09 21.67 -26.38
CA VAL A 221 0.61 22.63 -25.54
C VAL A 221 0.32 24.03 -26.05
N ALA A 222 -0.42 24.80 -25.25
CA ALA A 222 -0.55 26.25 -25.43
C ALA A 222 0.84 26.89 -25.42
N VAL A 223 0.98 27.99 -26.16
CA VAL A 223 2.29 28.58 -26.43
C VAL A 223 2.21 30.09 -26.33
N VAL A 224 3.14 30.71 -25.60
CA VAL A 224 3.36 32.15 -25.67
C VAL A 224 4.82 32.39 -26.00
N SER A 225 5.13 33.51 -26.66
CA SER A 225 6.46 33.75 -27.21
C SER A 225 6.99 35.10 -26.78
N LEU A 226 8.13 35.11 -26.07
CA LEU A 226 8.80 36.30 -25.57
C LEU A 226 10.03 36.58 -26.40
N PRO A 227 10.27 37.83 -26.83
CA PRO A 227 11.51 38.11 -27.56
C PRO A 227 12.68 38.15 -26.60
N ALA A 228 13.02 37.00 -26.05
CA ALA A 228 14.06 36.94 -25.03
C ALA A 228 15.23 36.00 -25.22
N SER A 229 16.23 36.24 -24.40
CA SER A 229 17.45 35.48 -24.34
C SER A 229 17.14 34.30 -23.47
N HIS A 230 18.17 33.75 -22.84
CA HIS A 230 18.00 32.59 -21.98
C HIS A 230 17.08 32.82 -20.79
N ALA A 231 17.19 33.96 -20.14
CA ALA A 231 16.34 34.19 -19.00
C ALA A 231 15.30 35.28 -19.22
N PRO A 232 14.01 34.83 -19.39
CA PRO A 232 13.00 35.88 -19.57
C PRO A 232 12.78 36.73 -18.34
N TYR A 233 12.88 36.13 -17.16
CA TYR A 233 12.64 36.82 -15.90
C TYR A 233 13.55 38.01 -15.65
N TYR A 234 14.80 37.93 -16.05
CA TYR A 234 15.71 39.05 -15.87
C TYR A 234 15.38 40.28 -16.72
N SER A 235 15.01 40.06 -17.98
CA SER A 235 14.84 41.13 -18.97
C SER A 235 13.37 41.52 -19.25
N MET A 236 12.39 40.73 -18.86
CA MET A 236 10.98 41.12 -19.00
C MET A 236 10.16 40.47 -17.91
N PRO A 237 10.41 40.84 -16.65
CA PRO A 237 9.61 40.23 -15.59
C PRO A 237 8.14 40.54 -15.72
N GLU A 238 7.79 41.79 -16.04
CA GLU A 238 6.37 42.15 -16.22
C GLU A 238 5.73 41.28 -17.30
N ARG A 239 6.24 41.35 -18.54
CA ARG A 239 5.64 40.57 -19.62
C ARG A 239 5.53 39.11 -19.23
N LEU A 240 6.50 38.59 -18.49
CA LEU A 240 6.46 37.19 -18.08
C LEU A 240 5.47 37.00 -16.96
N ALA A 241 5.44 37.96 -16.03
CA ALA A 241 4.53 37.89 -14.90
C ALA A 241 3.08 37.89 -15.36
N GLU A 242 2.77 38.77 -16.32
CA GLU A 242 1.42 38.85 -16.88
C GLU A 242 0.99 37.52 -17.49
N ALA A 243 1.82 36.98 -18.38
CA ALA A 243 1.47 35.71 -19.02
C ALA A 243 1.45 34.55 -18.04
N ILE A 244 2.16 34.67 -16.91
CA ILE A 244 2.02 33.68 -15.86
C ILE A 244 0.66 33.82 -15.19
N ALA A 245 0.34 35.02 -14.73
CA ALA A 245 -0.88 35.24 -13.96
C ALA A 245 -2.13 35.16 -14.83
N ASP A 246 -2.03 35.35 -16.14
CA ASP A 246 -3.19 35.07 -16.97
C ASP A 246 -3.44 33.57 -17.04
N PHE A 247 -2.40 32.76 -16.91
CA PHE A 247 -2.57 31.32 -16.99
C PHE A 247 -3.14 30.78 -15.68
N ALA A 248 -2.72 31.31 -14.54
CA ALA A 248 -3.27 30.86 -13.26
C ALA A 248 -4.63 31.48 -12.96
N ASP A 249 -5.08 32.46 -13.75
CA ASP A 249 -6.46 32.92 -13.63
C ASP A 249 -7.43 31.91 -14.24
N ALA A 250 -7.07 31.32 -15.39
CA ALA A 250 -7.92 30.35 -16.07
C ALA A 250 -7.07 29.43 -16.92
N PRO A 251 -6.47 28.39 -16.32
CA PRO A 251 -5.49 27.60 -17.07
C PRO A 251 -6.08 26.84 -18.26
N ALA A 252 -7.29 26.29 -18.12
CA ALA A 252 -7.86 25.50 -19.20
C ALA A 252 -8.16 26.36 -20.44
N GLU A 253 -8.87 27.48 -20.27
CA GLU A 253 -9.20 28.30 -21.43
C GLU A 253 -7.94 28.85 -22.11
N TYR A 254 -7.03 29.40 -21.32
CA TYR A 254 -5.79 30.04 -21.81
C TYR A 254 -5.05 29.21 -22.85
N THR B 2 15.94 -23.84 -13.99
CA THR B 2 15.03 -23.31 -12.97
C THR B 2 13.79 -22.72 -13.64
N VAL B 3 13.82 -22.62 -14.98
CA VAL B 3 12.75 -22.05 -15.78
C VAL B 3 11.90 -23.20 -16.30
N THR B 4 10.68 -23.36 -15.78
CA THR B 4 9.89 -24.53 -16.14
C THR B 4 8.77 -24.27 -17.13
N ASP B 5 8.29 -23.04 -17.27
CA ASP B 5 7.14 -22.75 -18.13
C ASP B 5 7.45 -21.64 -19.12
N ILE B 6 7.01 -21.83 -20.36
CA ILE B 6 7.05 -20.81 -21.40
C ILE B 6 5.61 -20.48 -21.78
N ILE B 7 5.28 -19.19 -21.87
CA ILE B 7 3.90 -18.73 -22.10
C ILE B 7 3.85 -17.87 -23.35
N LEU B 8 2.94 -18.21 -24.26
CA LEU B 8 2.86 -17.58 -25.58
C LEU B 8 1.56 -16.80 -25.66
N ILE B 9 1.70 -15.47 -25.75
CA ILE B 9 0.59 -14.52 -25.68
C ILE B 9 0.36 -13.91 -27.06
N HIS B 10 -0.88 -13.95 -27.51
CA HIS B 10 -1.25 -13.52 -28.86
C HIS B 10 -1.37 -12.01 -28.92
N GLY B 11 -1.37 -11.51 -30.16
CA GLY B 11 -1.57 -10.10 -30.44
C GLY B 11 -3.04 -9.76 -30.61
N ALA B 12 -3.27 -8.59 -31.20
CA ALA B 12 -4.62 -8.05 -31.26
C ALA B 12 -5.45 -8.85 -32.26
N LEU B 13 -6.72 -9.05 -31.94
CA LEU B 13 -7.64 -9.78 -32.81
C LEU B 13 -7.22 -11.22 -33.05
N ASN B 14 -6.36 -11.80 -32.20
CA ASN B 14 -5.94 -13.18 -32.37
C ASN B 14 -6.32 -14.00 -31.13
N ARG B 15 -6.14 -15.30 -31.22
CA ARG B 15 -6.36 -16.19 -30.07
C ARG B 15 -5.06 -16.94 -29.80
N GLY B 16 -5.12 -17.85 -28.83
CA GLY B 16 -3.90 -18.57 -28.49
C GLY B 16 -3.48 -19.52 -29.58
N ALA B 17 -4.46 -20.07 -30.32
CA ALA B 17 -4.22 -21.11 -31.30
C ALA B 17 -3.26 -20.66 -32.39
N CYS B 18 -3.01 -19.36 -32.55
CA CYS B 18 -2.08 -18.96 -33.61
C CYS B 18 -0.69 -19.56 -33.42
N TYR B 19 -0.38 -20.01 -32.21
CA TYR B 19 0.95 -20.55 -31.92
C TYR B 19 1.02 -22.05 -32.16
N ASP B 20 0.06 -22.63 -32.89
CA ASP B 20 -0.07 -24.09 -32.91
C ASP B 20 1.22 -24.76 -33.37
N ALA B 21 1.93 -24.15 -34.32
CA ALA B 21 3.11 -24.79 -34.89
C ALA B 21 4.32 -24.68 -34.00
N VAL B 22 4.29 -23.84 -32.97
CA VAL B 22 5.44 -23.62 -32.12
C VAL B 22 5.36 -24.46 -30.84
N VAL B 23 4.18 -24.53 -30.25
CA VAL B 23 3.97 -25.20 -28.97
C VAL B 23 4.64 -26.57 -28.97
N PRO B 24 4.32 -27.49 -29.89
CA PRO B 24 4.92 -28.84 -29.80
C PRO B 24 6.44 -28.83 -29.85
N LEU B 25 7.03 -27.84 -30.53
CA LEU B 25 8.48 -27.81 -30.66
C LEU B 25 9.15 -27.40 -29.34
N LEU B 26 8.57 -26.41 -28.64
CA LEU B 26 9.08 -26.05 -27.32
C LEU B 26 8.91 -27.20 -26.34
N GLU B 27 7.78 -27.90 -26.40
CA GLU B 27 7.62 -29.05 -25.51
C GLU B 27 8.74 -30.06 -25.73
N ALA B 28 9.15 -30.24 -26.99
CA ALA B 28 10.33 -31.06 -27.25
C ALA B 28 11.53 -30.55 -26.47
N ARG B 29 11.70 -29.22 -26.39
CA ARG B 29 12.83 -28.66 -25.65
C ARG B 29 12.71 -28.87 -24.16
N GLY B 30 11.58 -29.38 -23.68
CA GLY B 30 11.40 -29.71 -22.27
C GLY B 30 10.65 -28.69 -21.42
N TYR B 31 9.99 -27.71 -22.03
CA TYR B 31 9.26 -26.68 -21.31
C TYR B 31 7.77 -26.96 -21.37
N ARG B 32 7.09 -26.75 -20.23
CA ARG B 32 5.64 -26.66 -20.23
C ARG B 32 5.25 -25.37 -20.97
N VAL B 33 4.41 -25.50 -22.00
CA VAL B 33 4.11 -24.38 -22.89
C VAL B 33 2.63 -24.05 -22.80
N HIS B 34 2.32 -22.75 -22.79
CA HIS B 34 0.95 -22.28 -22.74
C HIS B 34 0.72 -21.27 -23.84
N ALA B 35 -0.45 -21.33 -24.46
CA ALA B 35 -0.89 -20.34 -25.45
C ALA B 35 -2.30 -19.90 -25.08
N PRO B 36 -2.46 -19.25 -23.93
CA PRO B 36 -3.80 -18.94 -23.45
C PRO B 36 -4.46 -17.84 -24.26
N ASP B 37 -5.79 -17.93 -24.43
CA ASP B 37 -6.55 -16.75 -24.85
C ASP B 37 -6.55 -15.75 -23.71
N LEU B 38 -6.37 -14.47 -24.04
CA LEU B 38 -6.57 -13.44 -23.03
C LEU B 38 -8.07 -13.19 -22.79
N THR B 39 -8.36 -12.42 -21.75
CA THR B 39 -9.75 -12.06 -21.48
C THR B 39 -10.33 -11.30 -22.67
N GLY B 40 -11.52 -11.71 -23.09
CA GLY B 40 -12.16 -11.14 -24.25
C GLY B 40 -11.92 -11.89 -25.54
N HIS B 41 -10.99 -12.84 -25.57
CA HIS B 41 -10.62 -13.51 -26.80
C HIS B 41 -11.09 -14.95 -26.87
N THR B 42 -12.10 -15.32 -26.12
CA THR B 42 -12.68 -16.63 -26.36
C THR B 42 -14.10 -16.49 -26.85
N PRO B 43 -14.46 -17.06 -28.00
CA PRO B 43 -15.86 -17.01 -28.40
C PRO B 43 -16.72 -17.51 -27.26
N GLY B 44 -17.69 -16.67 -26.89
CA GLY B 44 -18.58 -16.95 -25.79
C GLY B 44 -18.24 -16.23 -24.50
N ASP B 45 -17.00 -15.81 -24.33
CA ASP B 45 -16.56 -15.28 -23.04
C ASP B 45 -16.98 -13.84 -22.81
N GLY B 46 -17.62 -13.17 -23.77
CA GLY B 46 -18.18 -11.85 -23.56
C GLY B 46 -17.58 -10.75 -24.40
N GLY B 47 -16.42 -10.95 -24.99
CA GLY B 47 -15.97 -10.05 -26.03
C GLY B 47 -15.36 -8.76 -25.52
N HIS B 48 -15.28 -7.78 -26.42
CA HIS B 48 -14.33 -6.67 -26.23
C HIS B 48 -14.75 -5.74 -25.10
N LEU B 49 -16.05 -5.48 -24.95
CA LEU B 49 -16.48 -4.58 -23.90
C LEU B 49 -16.48 -5.25 -22.53
N SER B 50 -16.20 -6.55 -22.47
CA SER B 50 -16.12 -7.25 -21.20
C SER B 50 -14.79 -7.09 -20.49
N VAL B 51 -13.71 -6.72 -21.17
CA VAL B 51 -12.45 -6.48 -20.46
C VAL B 51 -12.47 -5.10 -19.83
N VAL B 52 -12.01 -5.01 -18.58
CA VAL B 52 -12.16 -3.78 -17.80
C VAL B 52 -10.88 -2.98 -17.86
N ASP B 53 -9.78 -3.59 -17.43
CA ASP B 53 -8.47 -2.95 -17.35
C ASP B 53 -7.43 -3.95 -17.83
N MET B 54 -6.15 -3.55 -17.80
CA MET B 54 -5.10 -4.49 -18.16
C MET B 54 -4.98 -5.62 -17.16
N GLU B 55 -5.41 -5.40 -15.92
CA GLU B 55 -5.41 -6.49 -14.93
C GLU B 55 -6.38 -7.59 -15.35
N HIS B 56 -7.60 -7.22 -15.74
CA HIS B 56 -8.57 -8.18 -16.27
C HIS B 56 -8.10 -8.77 -17.60
N TYR B 57 -7.57 -7.92 -18.47
CA TYR B 57 -7.19 -8.39 -19.80
C TYR B 57 -6.23 -9.57 -19.71
N THR B 58 -5.24 -9.47 -18.83
CA THR B 58 -4.15 -10.42 -18.84
C THR B 58 -4.38 -11.58 -17.87
N ARG B 59 -5.51 -11.62 -17.18
CA ARG B 59 -5.65 -12.58 -16.08
C ARG B 59 -5.42 -14.04 -16.47
N PRO B 60 -5.75 -14.51 -17.68
CA PRO B 60 -5.38 -15.89 -18.01
C PRO B 60 -3.90 -16.21 -17.81
N VAL B 61 -2.99 -15.29 -18.15
CA VAL B 61 -1.57 -15.55 -17.92
C VAL B 61 -1.26 -15.54 -16.43
N ALA B 62 -1.89 -14.66 -15.66
CA ALA B 62 -1.59 -14.62 -14.24
C ALA B 62 -2.07 -15.89 -13.53
N ASP B 63 -3.22 -16.44 -13.94
CA ASP B 63 -3.57 -17.79 -13.53
C ASP B 63 -2.39 -18.73 -13.78
N ILE B 64 -1.82 -18.70 -14.99
CA ILE B 64 -0.76 -19.65 -15.35
C ILE B 64 0.48 -19.42 -14.50
N LEU B 65 0.85 -18.15 -14.29
CA LEU B 65 2.01 -17.85 -13.47
C LEU B 65 1.82 -18.34 -12.03
N ALA B 66 0.60 -18.22 -11.50
CA ALA B 66 0.42 -18.63 -10.11
C ALA B 66 0.42 -20.15 -9.95
N ARG B 67 0.38 -20.91 -11.04
CA ARG B 67 0.39 -22.35 -10.96
C ARG B 67 1.68 -22.96 -11.51
N ALA B 68 2.63 -22.13 -11.93
CA ALA B 68 3.89 -22.61 -12.49
C ALA B 68 4.79 -23.10 -11.37
N GLU B 69 5.39 -24.28 -11.58
CA GLU B 69 6.27 -24.82 -10.56
C GLU B 69 7.53 -23.95 -10.38
N GLY B 70 8.03 -23.36 -11.45
CA GLY B 70 9.22 -22.55 -11.40
C GLY B 70 8.99 -21.17 -11.99
N GLN B 71 10.07 -20.60 -12.51
CA GLN B 71 9.99 -19.33 -13.22
C GLN B 71 9.44 -19.55 -14.63
N SER B 72 8.90 -18.48 -15.22
CA SER B 72 8.30 -18.54 -16.53
C SER B 72 8.94 -17.54 -17.51
N ILE B 73 8.91 -17.90 -18.80
CA ILE B 73 9.24 -16.98 -19.89
C ILE B 73 7.93 -16.49 -20.50
N LEU B 74 7.79 -15.17 -20.63
CA LEU B 74 6.64 -14.56 -21.30
C LEU B 74 7.06 -14.09 -22.68
N LEU B 75 6.25 -14.39 -23.68
CA LEU B 75 6.50 -13.95 -25.04
C LEU B 75 5.26 -13.21 -25.51
N GLY B 76 5.46 -12.10 -26.21
CA GLY B 76 4.33 -11.33 -26.70
C GLY B 76 4.50 -11.02 -28.16
N HIS B 77 3.39 -10.94 -28.89
CA HIS B 77 3.45 -10.64 -30.31
C HIS B 77 2.65 -9.41 -30.64
N ALA B 78 3.24 -8.49 -31.40
CA ALA B 78 2.51 -7.29 -31.76
C ALA B 78 2.04 -6.62 -30.48
N LEU B 79 0.76 -6.37 -30.37
CA LEU B 79 0.22 -5.78 -29.17
C LEU B 79 0.46 -6.70 -28.01
N GLY B 80 0.47 -8.01 -28.26
CA GLY B 80 0.66 -8.93 -27.14
C GLY B 80 1.76 -8.50 -26.20
N GLY B 81 2.80 -7.84 -26.72
CA GLY B 81 3.90 -7.39 -25.87
C GLY B 81 3.44 -6.41 -24.82
N ALA B 82 2.36 -5.67 -25.07
CA ALA B 82 1.89 -4.74 -24.06
C ALA B 82 1.34 -5.46 -22.84
N SER B 83 0.87 -6.69 -23.02
CA SER B 83 0.49 -7.51 -21.88
C SER B 83 1.72 -7.92 -21.07
N ILE B 84 2.73 -8.50 -21.73
CA ILE B 84 3.84 -9.06 -20.98
C ILE B 84 4.54 -7.98 -20.15
N SER B 85 4.77 -6.79 -20.73
CA SER B 85 5.23 -5.65 -19.95
C SER B 85 4.35 -5.44 -18.71
N TRP B 86 3.03 -5.36 -18.90
CA TRP B 86 2.15 -5.19 -17.75
C TRP B 86 2.32 -6.33 -16.75
N LEU B 87 2.53 -7.58 -17.21
CA LEU B 87 2.65 -8.68 -16.26
C LEU B 87 4.04 -8.79 -15.65
N ALA B 88 5.07 -8.34 -16.35
CA ALA B 88 6.40 -8.31 -15.74
C ALA B 88 6.40 -7.47 -14.47
N GLN B 89 5.64 -6.38 -14.45
CA GLN B 89 5.69 -5.50 -13.29
C GLN B 89 4.91 -6.07 -12.11
N HIS B 90 3.79 -6.72 -12.38
CA HIS B 90 3.00 -7.29 -11.30
C HIS B 90 3.40 -8.70 -10.86
N HIS B 91 4.24 -9.37 -11.63
CA HIS B 91 4.67 -10.72 -11.28
C HIS B 91 6.17 -10.95 -11.40
N PRO B 92 6.99 -9.97 -10.87
CA PRO B 92 8.44 -10.22 -11.02
C PRO B 92 8.89 -11.48 -10.34
N ASP B 93 8.16 -11.93 -9.34
CA ASP B 93 8.52 -13.14 -8.63
C ASP B 93 8.48 -14.40 -9.49
N LYS B 94 7.61 -14.43 -10.50
CA LYS B 94 7.48 -15.60 -11.37
C LYS B 94 7.88 -15.48 -12.83
N VAL B 95 8.49 -14.36 -13.25
CA VAL B 95 8.82 -14.15 -14.65
C VAL B 95 10.33 -13.98 -14.82
N ALA B 96 10.93 -14.81 -15.69
CA ALA B 96 12.39 -14.97 -15.81
C ALA B 96 13.02 -14.27 -17.00
N GLY B 97 12.24 -14.00 -18.04
CA GLY B 97 12.69 -13.24 -19.18
C GLY B 97 11.46 -12.91 -19.99
N LEU B 98 11.57 -11.88 -20.81
CA LEU B 98 10.47 -11.44 -21.66
C LEU B 98 10.92 -11.49 -23.13
N ILE B 99 10.11 -12.06 -24.01
CA ILE B 99 10.42 -12.13 -25.42
C ILE B 99 9.39 -11.32 -26.21
N TYR B 100 9.85 -10.25 -26.84
CA TYR B 100 9.02 -9.31 -27.58
C TYR B 100 9.13 -9.66 -29.06
N LEU B 101 8.13 -10.37 -29.58
CA LEU B 101 8.20 -10.94 -30.92
C LEU B 101 7.47 -9.99 -31.86
N THR B 102 8.22 -9.17 -32.58
CA THR B 102 7.63 -8.05 -33.34
C THR B 102 6.61 -7.31 -32.48
N ALA B 103 6.99 -7.00 -31.26
CA ALA B 103 5.98 -6.63 -30.28
C ALA B 103 6.10 -5.15 -29.97
N VAL B 104 5.25 -4.72 -29.05
CA VAL B 104 5.26 -3.35 -28.63
C VAL B 104 6.06 -3.30 -27.36
N LEU B 105 7.19 -2.62 -27.41
CA LEU B 105 8.03 -2.48 -26.26
C LEU B 105 7.87 -1.02 -25.96
N THR B 106 7.39 -0.72 -24.77
CA THR B 106 7.18 0.66 -24.42
C THR B 106 7.86 0.99 -23.11
N ALA B 107 8.44 2.18 -23.04
CA ALA B 107 9.12 2.61 -21.84
C ALA B 107 8.11 2.79 -20.75
N PRO B 108 8.59 2.66 -19.46
CA PRO B 108 7.55 2.82 -18.44
C PRO B 108 6.87 4.16 -18.57
N GLY B 109 5.55 4.14 -18.46
CA GLY B 109 4.75 5.35 -18.56
C GLY B 109 4.32 5.71 -19.96
N VAL B 110 4.76 4.93 -20.95
CA VAL B 110 4.38 5.19 -22.34
C VAL B 110 3.40 4.11 -22.74
N THR B 111 2.49 4.45 -23.64
CA THR B 111 1.45 3.52 -24.04
C THR B 111 1.77 2.91 -25.40
N PRO B 112 1.19 1.75 -25.72
CA PRO B 112 1.39 1.18 -27.06
C PRO B 112 0.82 2.04 -28.19
N GLU B 113 -0.33 2.67 -27.96
CA GLU B 113 -0.89 3.73 -28.79
C GLU B 113 0.20 4.56 -29.44
N THR B 114 1.18 4.96 -28.61
CA THR B 114 2.24 5.90 -29.00
C THR B 114 2.97 5.50 -30.27
N PHE B 115 3.10 4.22 -30.55
CA PHE B 115 3.76 3.78 -31.78
C PHE B 115 2.79 3.29 -32.85
N VAL B 116 1.51 3.13 -32.50
CA VAL B 116 0.46 2.85 -33.48
C VAL B 116 0.25 4.10 -34.31
N LEU B 117 -0.31 5.14 -33.67
CA LEU B 117 -0.69 6.36 -34.38
C LEU B 117 0.55 7.09 -34.89
N PRO B 118 0.38 8.13 -35.72
CA PRO B 118 1.56 8.81 -36.28
C PRO B 118 2.26 9.72 -35.29
N GLY B 119 3.59 9.71 -35.35
CA GLY B 119 4.40 10.66 -34.62
C GLY B 119 5.85 10.37 -34.92
N GLU B 120 6.70 11.34 -34.64
CA GLU B 120 8.12 11.07 -34.87
C GLU B 120 8.92 11.10 -33.54
N PRO B 121 10.05 10.38 -33.51
CA PRO B 121 10.65 9.59 -34.60
C PRO B 121 10.12 8.15 -34.76
N ASN B 122 9.82 7.80 -36.01
CA ASN B 122 9.60 6.40 -36.42
C ASN B 122 8.45 5.70 -35.66
N ARG B 123 7.35 6.41 -35.45
CA ARG B 123 6.20 5.81 -34.80
C ARG B 123 5.12 5.71 -35.87
N GLY B 124 4.48 4.55 -35.99
CA GLY B 124 3.45 4.42 -37.00
C GLY B 124 3.23 3.09 -37.67
N THR B 125 1.99 2.62 -37.62
CA THR B 125 1.59 1.38 -38.24
C THR B 125 0.39 1.77 -39.08
N PRO B 126 0.71 2.52 -40.20
CA PRO B 126 -0.44 2.94 -41.02
C PRO B 126 -1.25 1.83 -41.66
N HIS B 127 -0.60 0.77 -42.11
CA HIS B 127 -1.33 -0.30 -42.77
C HIS B 127 -2.34 -0.88 -41.82
N ALA B 128 -1.96 -1.03 -40.56
CA ALA B 128 -2.88 -1.57 -39.56
C ALA B 128 -4.01 -0.60 -39.27
N LEU B 129 -3.72 0.69 -39.14
CA LEU B 129 -4.78 1.66 -38.92
C LEU B 129 -5.76 1.65 -40.08
N ASP B 130 -5.25 1.52 -41.31
CA ASP B 130 -6.08 1.46 -42.50
C ASP B 130 -7.00 0.25 -42.47
N LEU B 131 -6.44 -0.93 -42.28
CA LEU B 131 -7.21 -2.16 -42.33
C LEU B 131 -7.97 -2.47 -41.04
N ILE B 132 -7.90 -1.63 -40.01
CA ILE B 132 -8.58 -1.87 -38.74
C ILE B 132 -9.40 -0.63 -38.41
N GLN B 133 -10.69 -0.82 -38.21
CA GLN B 133 -11.47 0.37 -38.01
C GLN B 133 -12.23 0.27 -36.70
N PRO B 134 -12.58 1.41 -36.09
CA PRO B 134 -13.28 1.35 -34.80
C PRO B 134 -14.68 0.79 -34.98
N VAL B 135 -15.22 0.35 -33.84
CA VAL B 135 -16.52 -0.32 -33.74
C VAL B 135 -17.10 0.06 -32.39
N ASP B 136 -18.43 0.06 -32.31
CA ASP B 136 -19.11 0.38 -31.08
C ASP B 136 -18.49 1.64 -30.48
N GLU B 137 -18.62 2.73 -31.25
CA GLU B 137 -18.24 4.07 -30.82
C GLU B 137 -16.80 4.12 -30.30
N GLY B 138 -15.90 3.36 -30.93
CA GLY B 138 -14.51 3.47 -30.58
C GLY B 138 -14.08 2.64 -29.39
N ARG B 139 -14.98 1.87 -28.78
CA ARG B 139 -14.52 1.00 -27.71
C ARG B 139 -13.99 -0.32 -28.23
N GLY B 140 -14.25 -0.66 -29.50
CA GLY B 140 -13.74 -1.88 -30.07
C GLY B 140 -13.10 -1.65 -31.43
N LEU B 141 -12.36 -2.65 -31.87
CA LEU B 141 -11.68 -2.58 -33.16
C LEU B 141 -12.01 -3.82 -33.97
N GLN B 142 -12.15 -3.64 -35.28
CA GLN B 142 -12.50 -4.76 -36.12
C GLN B 142 -11.87 -4.56 -37.50
N ALA B 143 -11.49 -5.67 -38.12
CA ALA B 143 -10.85 -5.60 -39.43
C ALA B 143 -11.83 -5.09 -40.50
N ASP B 144 -11.26 -4.62 -41.62
CA ASP B 144 -12.04 -4.14 -42.76
C ASP B 144 -12.20 -5.30 -43.74
N PHE B 145 -13.15 -6.16 -43.43
CA PHE B 145 -13.43 -7.38 -44.17
C PHE B 145 -13.80 -7.18 -45.65
N SER B 146 -13.85 -5.94 -46.13
CA SER B 146 -14.08 -5.76 -47.55
C SER B 146 -12.82 -6.01 -48.37
N ARG B 147 -11.65 -5.92 -47.76
CA ARG B 147 -10.41 -6.19 -48.48
C ARG B 147 -9.72 -7.43 -47.92
N LEU B 148 -10.42 -8.56 -47.99
CA LEU B 148 -9.86 -9.82 -47.51
C LEU B 148 -8.48 -10.07 -48.10
N GLU B 149 -8.32 -9.87 -49.40
CA GLU B 149 -6.98 -10.07 -49.95
C GLU B 149 -6.01 -9.09 -49.29
N ARG B 150 -6.42 -7.85 -49.09
CA ARG B 150 -5.50 -6.90 -48.48
C ARG B 150 -5.18 -7.28 -47.03
N LEU B 151 -6.17 -7.77 -46.28
CA LEU B 151 -5.85 -8.36 -44.97
C LEU B 151 -4.83 -9.49 -45.10
N ARG B 152 -5.11 -10.50 -45.96
CA ARG B 152 -4.20 -11.63 -46.03
C ARG B 152 -2.78 -11.18 -46.32
N GLU B 153 -2.63 -10.19 -47.21
CA GLU B 153 -1.29 -9.75 -47.59
C GLU B 153 -0.61 -9.10 -46.41
N VAL B 154 -1.30 -8.17 -45.74
CA VAL B 154 -0.68 -7.41 -44.66
C VAL B 154 -0.46 -8.28 -43.43
N PHE B 155 -1.45 -9.07 -43.04
CA PHE B 155 -1.42 -9.79 -41.77
C PHE B 155 -1.06 -11.26 -41.86
N MET B 156 -1.37 -11.97 -42.95
CA MET B 156 -1.18 -13.41 -43.00
C MET B 156 -0.40 -13.85 -44.22
N GLY B 157 0.49 -13.00 -44.72
CA GLY B 157 1.35 -13.43 -45.81
C GLY B 157 2.29 -14.54 -45.41
N ASP B 158 2.64 -14.61 -44.12
CA ASP B 158 3.54 -15.66 -43.67
C ASP B 158 2.91 -17.04 -43.70
N TYR B 159 1.59 -17.13 -43.65
CA TYR B 159 0.94 -18.45 -43.54
C TYR B 159 1.16 -19.25 -44.82
N PRO B 160 1.58 -20.51 -44.71
CA PRO B 160 1.80 -21.34 -45.91
C PRO B 160 0.65 -21.35 -46.92
N GLY B 161 0.90 -20.82 -48.11
CA GLY B 161 -0.09 -20.86 -49.16
C GLY B 161 -0.98 -19.63 -49.19
N GLY B 163 -4.22 -20.91 -47.78
CA GLY B 163 -4.81 -19.60 -47.96
C GLY B 163 -4.80 -18.72 -46.70
N MET B 164 -5.75 -18.95 -45.81
CA MET B 164 -5.84 -18.20 -44.57
C MET B 164 -5.82 -19.15 -43.37
N PRO B 165 -5.27 -18.73 -42.23
CA PRO B 165 -5.20 -19.63 -41.08
C PRO B 165 -6.60 -19.95 -40.61
N PRO B 166 -6.79 -21.05 -39.86
CA PRO B 166 -8.15 -21.47 -39.48
C PRO B 166 -8.84 -20.37 -38.70
N ALA B 167 -10.17 -20.48 -38.63
CA ALA B 167 -10.95 -19.49 -37.89
C ALA B 167 -10.57 -19.41 -36.42
N GLU B 168 -10.28 -20.56 -35.81
CA GLU B 168 -9.95 -20.59 -34.38
C GLU B 168 -8.70 -19.79 -34.04
N HIS B 169 -7.98 -19.29 -35.06
CA HIS B 169 -6.84 -18.41 -34.85
C HIS B 169 -7.22 -16.95 -34.64
N PHE B 170 -8.49 -16.56 -34.82
CA PHE B 170 -8.89 -15.16 -34.75
C PHE B 170 -10.16 -14.95 -33.93
N ILE B 171 -10.39 -13.68 -33.58
CA ILE B 171 -11.68 -13.23 -33.07
C ILE B 171 -12.26 -12.18 -34.00
N GLN B 172 -13.44 -11.69 -33.66
CA GLN B 172 -14.09 -10.65 -34.44
C GLN B 172 -13.63 -9.26 -34.01
N THR B 173 -13.74 -8.96 -32.71
CA THR B 173 -13.62 -7.60 -32.20
C THR B 173 -12.60 -7.54 -31.06
N GLN B 174 -11.72 -6.54 -31.12
CA GLN B 174 -10.58 -6.41 -30.22
C GLN B 174 -10.81 -5.26 -29.28
N SER B 175 -10.61 -5.50 -27.99
CA SER B 175 -10.75 -4.46 -26.98
C SER B 175 -9.55 -3.53 -26.96
N THR B 176 -9.78 -2.30 -26.51
CA THR B 176 -8.77 -1.25 -26.58
C THR B 176 -8.09 -0.96 -25.24
N VAL B 177 -8.43 -1.66 -24.17
CA VAL B 177 -7.77 -1.31 -22.91
C VAL B 177 -6.26 -1.52 -22.99
N PRO B 178 -5.70 -2.47 -23.76
CA PRO B 178 -4.23 -2.56 -23.82
C PRO B 178 -3.57 -1.50 -24.68
N PHE B 179 -4.31 -0.67 -25.41
CA PHE B 179 -3.66 0.41 -26.18
C PHE B 179 -3.47 1.65 -25.35
N GLY B 180 -4.36 1.90 -24.40
CA GLY B 180 -4.35 3.18 -23.71
C GLY B 180 -3.54 3.17 -22.44
N THR B 181 -3.26 1.94 -21.86
CA THR B 181 -2.64 2.04 -20.53
C THR B 181 -1.12 2.01 -20.63
N PRO B 182 -0.43 2.88 -19.89
CA PRO B 182 1.02 2.93 -19.97
C PRO B 182 1.64 1.66 -19.38
N ASN B 183 2.89 1.42 -19.76
CA ASN B 183 3.63 0.28 -19.21
C ASN B 183 3.96 0.59 -17.75
N PRO B 184 3.54 -0.25 -16.80
CA PRO B 184 3.81 0.01 -15.36
C PRO B 184 5.15 -0.45 -14.79
N MET B 185 6.15 -0.75 -15.60
CA MET B 185 7.35 -1.43 -15.07
C MET B 185 8.26 -0.48 -14.31
N GLU B 186 8.69 -0.93 -13.14
CA GLU B 186 9.50 -0.07 -12.29
C GLU B 186 10.48 -0.93 -11.50
N GLY B 187 11.71 -0.44 -11.40
CA GLY B 187 12.70 -1.10 -10.59
C GLY B 187 12.89 -2.57 -10.88
N ARG B 188 12.34 -3.44 -10.04
CA ARG B 188 12.68 -4.86 -10.10
C ARG B 188 12.22 -5.47 -11.41
N ALA B 189 11.02 -5.09 -11.85
CA ALA B 189 10.54 -5.58 -13.15
C ALA B 189 11.54 -5.26 -14.25
N LEU B 190 12.15 -4.06 -14.22
CA LEU B 190 13.13 -3.68 -15.23
C LEU B 190 14.46 -4.43 -15.11
N GLU B 191 14.60 -5.38 -14.20
CA GLU B 191 15.81 -6.16 -14.20
C GLU B 191 15.65 -7.47 -14.97
N ILE B 192 14.45 -7.77 -15.42
CA ILE B 192 14.24 -9.05 -16.10
C ILE B 192 14.90 -9.01 -17.46
N PRO B 193 15.54 -10.08 -17.90
CA PRO B 193 16.12 -10.09 -19.26
C PRO B 193 15.05 -9.91 -20.32
N ARG B 194 15.41 -9.18 -21.38
CA ARG B 194 14.52 -8.89 -22.49
C ARG B 194 15.17 -9.28 -23.82
N LEU B 195 14.38 -9.90 -24.70
CA LEU B 195 14.83 -10.26 -26.04
C LEU B 195 13.80 -9.76 -27.04
N TYR B 196 14.25 -9.07 -28.09
CA TYR B 196 13.36 -8.61 -29.16
C TYR B 196 13.69 -9.39 -30.41
N ILE B 197 12.76 -10.23 -30.85
CA ILE B 197 12.91 -11.02 -32.07
C ILE B 197 12.31 -10.17 -33.19
N GLU B 198 13.16 -9.54 -33.98
CA GLU B 198 12.66 -8.71 -35.06
C GLU B 198 12.09 -9.58 -36.18
N ALA B 199 11.04 -9.08 -36.81
CA ALA B 199 10.55 -9.62 -38.08
C ALA B 199 10.80 -8.53 -39.12
N LEU B 200 11.87 -8.72 -39.89
CA LEU B 200 12.39 -7.66 -40.75
C LEU B 200 11.34 -7.19 -41.76
N ASP B 201 10.68 -8.14 -42.43
CA ASP B 201 9.79 -7.87 -43.57
C ASP B 201 8.37 -7.51 -43.15
N ASP B 202 8.05 -7.55 -41.87
CA ASP B 202 6.78 -7.08 -41.34
C ASP B 202 6.41 -5.72 -41.92
N VAL B 203 5.21 -5.63 -42.47
CA VAL B 203 4.66 -4.36 -42.95
C VAL B 203 3.56 -3.81 -42.06
N VAL B 204 3.11 -4.57 -41.05
CA VAL B 204 2.18 -4.06 -40.04
C VAL B 204 2.92 -3.07 -39.16
N LEU B 205 3.91 -3.60 -38.44
CA LEU B 205 4.81 -2.95 -37.51
C LEU B 205 6.15 -2.82 -38.19
N PRO B 206 6.46 -1.69 -38.84
CA PRO B 206 7.66 -1.60 -39.67
C PRO B 206 8.94 -1.73 -38.85
N ILE B 207 9.98 -2.26 -39.51
CA ILE B 207 11.24 -2.52 -38.80
C ILE B 207 11.80 -1.25 -38.18
N ALA B 208 11.70 -0.11 -38.88
CA ALA B 208 12.08 1.15 -38.25
C ALA B 208 11.37 1.31 -36.92
N VAL B 209 10.08 0.96 -36.87
CA VAL B 209 9.32 1.09 -35.63
C VAL B 209 9.76 0.06 -34.59
N GLN B 210 10.04 -1.18 -35.03
CA GLN B 210 10.53 -2.18 -34.07
C GLN B 210 11.80 -1.68 -33.41
N ARG B 211 12.76 -1.25 -34.23
CA ARG B 211 14.01 -0.74 -33.71
C ARG B 211 13.77 0.49 -32.85
N GLN B 212 12.91 1.40 -33.30
CA GLN B 212 12.63 2.60 -32.54
C GLN B 212 12.15 2.26 -31.13
N MET B 213 11.31 1.23 -31.01
CA MET B 213 10.86 0.83 -29.67
C MET B 213 12.04 0.37 -28.83
N GLN B 214 13.07 -0.19 -29.47
CA GLN B 214 14.25 -0.70 -28.76
C GLN B 214 15.17 0.42 -28.29
N LYS B 215 15.47 1.38 -29.18
CA LYS B 215 16.28 2.51 -28.79
C LYS B 215 15.69 3.22 -27.58
N GLU B 216 14.38 3.42 -27.57
CA GLU B 216 13.70 4.23 -26.56
C GLU B 216 13.39 3.47 -25.27
N PHE B 217 13.60 2.16 -25.22
CA PHE B 217 13.37 1.45 -23.96
C PHE B 217 14.61 1.57 -23.09
N PRO B 218 14.49 2.13 -21.89
CA PRO B 218 15.70 2.36 -21.08
C PRO B 218 16.41 1.05 -20.78
N GLY B 219 17.73 1.06 -20.92
CA GLY B 219 18.48 -0.13 -20.62
C GLY B 219 18.46 -1.16 -21.74
N PRO B 220 19.12 -2.30 -21.49
CA PRO B 220 19.55 -3.18 -22.61
C PRO B 220 18.50 -4.18 -23.10
N VAL B 221 18.42 -4.30 -24.43
CA VAL B 221 17.43 -5.16 -25.12
C VAL B 221 18.18 -6.06 -26.10
N ALA B 222 18.21 -7.35 -25.82
CA ALA B 222 18.87 -8.27 -26.75
C ALA B 222 18.03 -8.41 -28.03
N VAL B 223 18.70 -8.69 -29.16
CA VAL B 223 18.04 -8.70 -30.46
C VAL B 223 18.37 -9.99 -31.17
N VAL B 224 17.36 -10.57 -31.82
CA VAL B 224 17.59 -11.52 -32.91
C VAL B 224 16.70 -11.11 -34.08
N SER B 225 17.17 -11.39 -35.29
CA SER B 225 16.50 -10.95 -36.50
C SER B 225 16.06 -12.15 -37.32
N LEU B 226 14.74 -12.21 -37.59
CA LEU B 226 14.12 -13.24 -38.43
C LEU B 226 13.58 -12.60 -39.69
N PRO B 227 13.84 -13.17 -40.84
CA PRO B 227 13.44 -12.56 -42.11
C PRO B 227 11.98 -12.82 -42.47
N ALA B 228 11.08 -12.46 -41.55
CA ALA B 228 9.68 -12.82 -41.68
C ALA B 228 8.81 -11.56 -41.69
N SER B 229 7.60 -11.72 -42.19
CA SER B 229 6.63 -10.64 -42.10
C SER B 229 5.97 -10.71 -40.72
N HIS B 230 4.77 -10.17 -40.63
CA HIS B 230 4.14 -9.82 -39.37
C HIS B 230 4.05 -10.99 -38.38
N ALA B 231 4.02 -12.23 -38.86
CA ALA B 231 3.68 -13.41 -38.04
C ALA B 231 4.70 -14.53 -38.20
N PRO B 232 5.86 -14.42 -37.56
CA PRO B 232 6.91 -15.42 -37.79
C PRO B 232 6.54 -16.79 -37.28
N TYR B 233 5.57 -16.89 -36.38
CA TYR B 233 5.16 -18.20 -35.88
C TYR B 233 4.42 -19.02 -36.93
N TYR B 234 4.11 -18.45 -38.11
CA TYR B 234 3.55 -19.22 -39.22
C TYR B 234 4.62 -19.70 -40.21
N SER B 235 5.59 -18.83 -40.57
CA SER B 235 6.57 -19.16 -41.59
C SER B 235 7.84 -19.83 -41.05
N MET B 236 8.20 -19.60 -39.78
CA MET B 236 9.42 -20.18 -39.19
C MET B 236 9.18 -20.67 -37.77
N PRO B 237 8.27 -21.63 -37.57
CA PRO B 237 8.15 -22.20 -36.22
C PRO B 237 9.45 -22.82 -35.74
N GLU B 238 10.23 -23.45 -36.62
CA GLU B 238 11.44 -24.16 -36.17
C GLU B 238 12.51 -23.17 -35.69
N ARG B 239 12.86 -22.18 -36.52
CA ARG B 239 13.86 -21.20 -36.10
C ARG B 239 13.38 -20.41 -34.88
N LEU B 240 12.13 -19.93 -34.91
CA LEU B 240 11.60 -19.19 -33.77
C LEU B 240 11.73 -19.99 -32.48
N ALA B 241 11.19 -21.21 -32.48
CA ALA B 241 11.22 -22.04 -31.27
C ALA B 241 12.63 -22.22 -30.76
N GLU B 242 13.61 -22.32 -31.67
CA GLU B 242 15.01 -22.42 -31.24
C GLU B 242 15.40 -21.18 -30.44
N ALA B 243 15.24 -19.99 -31.03
CA ALA B 243 15.62 -18.77 -30.34
C ALA B 243 14.82 -18.58 -29.06
N ILE B 244 13.54 -18.91 -29.07
CA ILE B 244 12.77 -18.87 -27.83
C ILE B 244 13.40 -19.77 -26.79
N ALA B 245 13.66 -21.04 -27.15
CA ALA B 245 14.17 -22.01 -26.19
C ALA B 245 15.57 -21.67 -25.74
N ASP B 246 16.43 -21.25 -26.67
CA ASP B 246 17.78 -20.81 -26.31
C ASP B 246 17.73 -19.73 -25.23
N PHE B 247 16.90 -18.70 -25.44
CA PHE B 247 16.66 -17.69 -24.42
C PHE B 247 16.22 -18.32 -23.10
N ALA B 248 15.32 -19.30 -23.15
CA ALA B 248 14.87 -19.90 -21.90
C ALA B 248 15.92 -20.83 -21.30
N ASP B 249 16.88 -21.28 -22.09
CA ASP B 249 17.97 -22.07 -21.55
C ASP B 249 18.89 -21.26 -20.65
N ALA B 250 18.99 -19.92 -20.86
CA ALA B 250 19.71 -19.04 -19.95
C ALA B 250 19.44 -17.57 -20.26
N PRO B 251 18.36 -16.99 -19.69
CA PRO B 251 17.95 -15.63 -20.12
C PRO B 251 18.95 -14.52 -19.82
N ALA B 252 19.63 -14.56 -18.67
CA ALA B 252 20.56 -13.48 -18.35
C ALA B 252 21.78 -13.49 -19.28
N GLU B 253 22.16 -14.66 -19.79
CA GLU B 253 23.34 -14.71 -20.64
C GLU B 253 23.07 -14.21 -22.06
N TYR B 254 21.88 -14.51 -22.58
CA TYR B 254 21.54 -14.39 -24.00
C TYR B 254 21.94 -13.07 -24.63
N THR C 2 -16.56 23.19 13.60
CA THR C 2 -16.37 21.73 13.56
C THR C 2 -16.78 21.17 12.20
N VAL C 3 -17.99 21.48 11.73
CA VAL C 3 -18.52 20.98 10.45
C VAL C 3 -18.83 22.17 9.56
N THR C 4 -18.25 22.18 8.36
CA THR C 4 -18.39 23.30 7.44
C THR C 4 -18.94 22.95 6.08
N ASP C 5 -18.89 21.68 5.68
CA ASP C 5 -19.24 21.31 4.31
C ASP C 5 -20.21 20.13 4.35
N ILE C 6 -21.21 20.16 3.47
CA ILE C 6 -22.21 19.09 3.37
C ILE C 6 -22.29 18.62 1.91
N ILE C 7 -22.15 17.32 1.70
CA ILE C 7 -22.02 16.74 0.37
C ILE C 7 -23.23 15.86 0.08
N LEU C 8 -23.93 16.15 -1.02
CA LEU C 8 -25.09 15.39 -1.45
C LEU C 8 -24.74 14.63 -2.71
N ILE C 9 -24.95 13.31 -2.68
CA ILE C 9 -24.42 12.40 -3.70
C ILE C 9 -25.56 11.66 -4.36
N HIS C 10 -25.61 11.73 -5.69
CA HIS C 10 -26.75 11.23 -6.43
C HIS C 10 -26.74 9.71 -6.52
N GLY C 11 -27.94 9.15 -6.68
CA GLY C 11 -28.12 7.75 -6.95
C GLY C 11 -27.85 7.44 -8.40
N ALA C 12 -28.25 6.24 -8.82
CA ALA C 12 -27.96 5.80 -10.17
C ALA C 12 -28.70 6.64 -11.22
N LEU C 13 -28.04 6.83 -12.38
CA LEU C 13 -28.65 7.51 -13.53
C LEU C 13 -29.04 8.97 -13.25
N ASN C 14 -28.87 9.44 -11.99
CA ASN C 14 -29.15 10.83 -11.62
C ASN C 14 -27.87 11.66 -11.73
N ARG C 15 -27.98 12.93 -11.37
CA ARG C 15 -26.84 13.84 -11.29
C ARG C 15 -27.07 14.87 -10.19
N GLY C 16 -26.01 15.66 -9.94
CA GLY C 16 -26.02 16.53 -8.78
C GLY C 16 -27.12 17.58 -8.81
N ALA C 17 -27.48 18.05 -10.00
CA ALA C 17 -28.56 19.02 -10.12
C ALA C 17 -29.85 18.49 -9.53
N CYS C 18 -29.98 17.17 -9.37
CA CYS C 18 -31.20 16.67 -8.77
C CYS C 18 -31.44 17.25 -7.40
N TYR C 19 -30.41 17.79 -6.74
CA TYR C 19 -30.57 18.33 -5.39
C TYR C 19 -30.93 19.82 -5.35
N ASP C 20 -31.17 20.45 -6.51
CA ASP C 20 -31.23 21.91 -6.60
C ASP C 20 -32.23 22.53 -5.63
N ALA C 21 -33.27 21.79 -5.24
CA ALA C 21 -34.22 22.31 -4.28
C ALA C 21 -33.74 22.21 -2.85
N VAL C 22 -32.69 21.45 -2.58
CA VAL C 22 -32.18 21.26 -1.22
C VAL C 22 -30.96 22.12 -0.93
N VAL C 23 -30.08 22.28 -1.93
CA VAL C 23 -28.92 23.15 -1.78
C VAL C 23 -29.25 24.53 -1.19
N PRO C 24 -30.25 25.27 -1.69
CA PRO C 24 -30.43 26.64 -1.16
C PRO C 24 -30.77 26.65 0.32
N LEU C 25 -31.68 25.77 0.73
CA LEU C 25 -32.10 25.68 2.12
C LEU C 25 -30.96 25.22 3.03
N LEU C 26 -30.00 24.46 2.51
CA LEU C 26 -28.89 24.05 3.35
C LEU C 26 -27.83 25.15 3.48
N GLU C 27 -27.52 25.88 2.40
CA GLU C 27 -26.64 27.04 2.56
C GLU C 27 -27.23 28.05 3.54
N ALA C 28 -28.56 28.16 3.58
CA ALA C 28 -29.24 29.05 4.53
C ALA C 28 -29.03 28.63 5.98
N ARG C 29 -28.58 27.41 6.23
CA ARG C 29 -28.08 27.01 7.53
C ARG C 29 -26.57 27.21 7.63
N GLY C 30 -26.01 28.07 6.79
CA GLY C 30 -24.62 28.47 6.94
C GLY C 30 -23.59 27.39 6.69
N TYR C 31 -23.88 26.46 5.78
CA TYR C 31 -22.90 25.48 5.34
C TYR C 31 -22.51 25.77 3.90
N ARG C 32 -21.34 25.24 3.52
CA ARG C 32 -20.97 25.12 2.12
C ARG C 32 -21.54 23.79 1.64
N VAL C 33 -22.41 23.85 0.62
CA VAL C 33 -23.09 22.66 0.15
C VAL C 33 -22.51 22.23 -1.20
N HIS C 34 -22.51 20.92 -1.42
CA HIS C 34 -22.00 20.35 -2.65
C HIS C 34 -22.98 19.31 -3.19
N ALA C 35 -23.29 19.41 -4.48
CA ALA C 35 -24.02 18.37 -5.19
C ALA C 35 -23.23 17.97 -6.43
N PRO C 36 -22.03 17.43 -6.25
CA PRO C 36 -21.17 17.18 -7.40
C PRO C 36 -21.70 16.01 -8.21
N ASP C 37 -21.22 15.91 -9.44
CA ASP C 37 -21.41 14.70 -10.23
C ASP C 37 -20.30 13.72 -9.88
N LEU C 38 -20.65 12.48 -9.59
CA LEU C 38 -19.67 11.40 -9.60
C LEU C 38 -19.05 11.27 -11.00
N THR C 39 -17.98 10.49 -11.12
CA THR C 39 -17.35 10.33 -12.42
C THR C 39 -18.18 9.38 -13.27
N GLY C 40 -18.27 9.71 -14.56
CA GLY C 40 -19.22 9.06 -15.45
C GLY C 40 -20.59 9.69 -15.46
N HIS C 41 -20.71 10.91 -14.93
CA HIS C 41 -21.99 11.57 -14.73
C HIS C 41 -21.91 13.03 -15.14
N THR C 42 -21.07 13.34 -16.12
CA THR C 42 -21.15 14.65 -16.74
C THR C 42 -20.98 14.49 -18.23
N PRO C 43 -21.96 14.89 -19.04
CA PRO C 43 -22.01 14.42 -20.44
C PRO C 43 -20.73 14.71 -21.18
N GLY C 44 -20.26 13.70 -21.93
CA GLY C 44 -18.99 13.80 -22.59
C GLY C 44 -17.79 13.60 -21.71
N ASP C 45 -18.04 13.23 -20.46
CA ASP C 45 -16.99 12.96 -19.49
C ASP C 45 -16.21 11.73 -19.87
N GLY C 46 -16.92 10.76 -20.40
CA GLY C 46 -16.34 9.49 -20.78
C GLY C 46 -17.42 8.46 -20.58
N GLY C 47 -18.25 8.66 -19.57
CA GLY C 47 -19.33 7.73 -19.31
C GLY C 47 -19.05 6.58 -18.38
N HIS C 48 -19.96 5.61 -18.39
CA HIS C 48 -19.88 4.43 -17.55
C HIS C 48 -18.67 3.55 -17.79
N LEU C 49 -18.27 3.42 -19.04
CA LEU C 49 -17.11 2.61 -19.37
C LEU C 49 -15.83 3.16 -18.78
N SER C 50 -15.73 4.48 -18.74
CA SER C 50 -14.57 5.19 -18.22
C SER C 50 -14.30 5.04 -16.71
N VAL C 51 -15.29 4.57 -15.97
CA VAL C 51 -15.12 4.43 -14.52
C VAL C 51 -14.26 3.20 -14.26
N VAL C 52 -13.10 3.41 -13.67
CA VAL C 52 -12.19 2.31 -13.44
C VAL C 52 -12.51 1.58 -12.15
N ASP C 53 -12.64 2.32 -11.04
CA ASP C 53 -12.86 1.71 -9.74
C ASP C 53 -13.66 2.67 -8.85
N MET C 54 -13.97 2.20 -7.64
CA MET C 54 -14.74 3.02 -6.70
C MET C 54 -13.95 4.24 -6.23
N GLU C 55 -12.62 4.19 -6.22
CA GLU C 55 -11.87 5.42 -6.01
C GLU C 55 -12.24 6.43 -7.07
N HIS C 56 -12.24 5.98 -8.33
CA HIS C 56 -12.49 6.86 -9.47
C HIS C 56 -13.93 7.35 -9.44
N TYR C 57 -14.86 6.42 -9.27
CA TYR C 57 -16.27 6.79 -9.17
C TYR C 57 -16.48 7.87 -8.12
N THR C 58 -15.81 7.75 -7.00
CA THR C 58 -15.96 8.65 -5.88
C THR C 58 -14.93 9.75 -5.74
N ARG C 59 -14.05 9.90 -6.71
CA ARG C 59 -13.00 10.90 -6.64
C ARG C 59 -13.49 12.34 -6.60
N PRO C 60 -14.68 12.60 -7.27
CA PRO C 60 -15.08 14.02 -7.23
C PRO C 60 -15.30 14.51 -5.82
N VAL C 61 -15.92 13.70 -4.98
CA VAL C 61 -16.14 14.10 -3.59
C VAL C 61 -14.83 14.23 -2.83
N ALA C 62 -13.94 13.27 -3.05
CA ALA C 62 -12.66 13.21 -2.39
C ALA C 62 -11.91 14.51 -2.60
N ASP C 63 -11.96 15.02 -3.81
CA ASP C 63 -11.29 16.28 -4.09
C ASP C 63 -11.99 17.32 -3.22
N ILE C 64 -13.30 17.19 -3.10
CA ILE C 64 -14.06 18.12 -2.29
C ILE C 64 -13.59 18.00 -0.84
N LEU C 65 -13.34 16.77 -0.41
CA LEU C 65 -12.90 16.53 0.95
C LEU C 65 -11.54 17.18 1.24
N ALA C 66 -10.61 17.11 0.30
CA ALA C 66 -9.32 17.74 0.48
C ALA C 66 -9.46 19.24 0.69
N ARG C 67 -10.10 19.94 -0.24
CA ARG C 67 -10.21 21.40 -0.15
C ARG C 67 -11.07 21.87 1.01
N ALA C 68 -11.85 20.99 1.62
CA ALA C 68 -12.81 21.41 2.64
C ALA C 68 -12.05 21.97 3.83
N GLU C 69 -12.47 23.14 4.31
CA GLU C 69 -11.80 23.78 5.43
C GLU C 69 -11.82 22.86 6.66
N GLY C 70 -13.00 22.55 7.16
CA GLY C 70 -13.14 21.68 8.31
C GLY C 70 -13.75 20.35 7.99
N GLN C 71 -14.50 19.78 8.93
CA GLN C 71 -15.11 18.47 8.75
C GLN C 71 -16.38 18.56 7.90
N SER C 72 -16.75 17.43 7.31
CA SER C 72 -17.81 17.43 6.30
C SER C 72 -18.83 16.32 6.53
N ILE C 73 -20.09 16.61 6.13
CA ILE C 73 -21.21 15.67 6.21
C ILE C 73 -21.51 15.08 4.82
N LEU C 74 -21.61 13.75 4.73
CA LEU C 74 -21.83 13.02 3.48
C LEU C 74 -23.24 12.43 3.46
N LEU C 75 -24.06 12.85 2.48
CA LEU C 75 -25.39 12.30 2.21
C LEU C 75 -25.39 11.51 0.91
N GLY C 76 -26.04 10.37 0.92
CA GLY C 76 -26.15 9.54 -0.28
C GLY C 76 -27.59 9.12 -0.49
N HIS C 77 -28.01 9.16 -1.75
CA HIS C 77 -29.37 8.79 -2.13
C HIS C 77 -29.32 7.49 -2.91
N ALA C 78 -30.27 6.60 -2.62
CA ALA C 78 -30.45 5.35 -3.37
C ALA C 78 -29.10 4.65 -3.45
N LEU C 79 -28.63 4.25 -4.64
CA LEU C 79 -27.33 3.57 -4.72
C LEU C 79 -26.19 4.45 -4.21
N GLY C 80 -26.39 5.77 -4.20
CA GLY C 80 -25.35 6.67 -3.76
C GLY C 80 -24.85 6.29 -2.39
N GLY C 81 -25.69 5.57 -1.62
CA GLY C 81 -25.25 5.05 -0.34
C GLY C 81 -23.96 4.25 -0.44
N ALA C 82 -23.79 3.49 -1.52
CA ALA C 82 -22.57 2.70 -1.62
C ALA C 82 -21.34 3.57 -1.82
N SER C 83 -21.51 4.75 -2.42
CA SER C 83 -20.40 5.69 -2.49
C SER C 83 -20.03 6.27 -1.14
N ILE C 84 -20.92 7.03 -0.54
CA ILE C 84 -20.64 7.69 0.71
C ILE C 84 -20.04 6.74 1.69
N SER C 85 -20.44 5.49 1.65
CA SER C 85 -19.91 4.50 2.53
C SER C 85 -18.48 4.26 2.13
N TRP C 86 -18.20 4.07 0.86
CA TRP C 86 -16.85 3.83 0.41
C TRP C 86 -15.96 4.90 0.95
N LEU C 87 -16.20 6.10 0.49
CA LEU C 87 -15.41 7.22 0.92
C LEU C 87 -15.12 7.33 2.38
N ALA C 88 -16.03 6.89 3.23
CA ALA C 88 -15.83 7.00 4.64
C ALA C 88 -14.76 6.09 5.14
N GLN C 89 -14.32 5.19 4.31
CA GLN C 89 -13.29 4.27 4.73
C GLN C 89 -11.97 4.78 4.34
N HIS C 90 -11.94 5.74 3.44
CA HIS C 90 -10.68 6.27 3.00
C HIS C 90 -10.50 7.70 3.42
N HIS C 91 -11.47 8.23 4.14
CA HIS C 91 -11.37 9.59 4.55
C HIS C 91 -12.02 9.83 5.88
N PRO C 92 -11.79 8.98 6.84
CA PRO C 92 -12.40 9.18 8.13
C PRO C 92 -12.07 10.50 8.77
N ASP C 93 -10.80 10.86 8.83
CA ASP C 93 -10.44 12.11 9.46
C ASP C 93 -11.16 13.24 8.77
N LYS C 94 -11.95 12.94 7.75
CA LYS C 94 -12.60 14.06 7.07
C LYS C 94 -14.11 14.17 7.09
N VAL C 95 -14.81 13.07 7.29
CA VAL C 95 -16.27 13.06 7.30
C VAL C 95 -16.78 12.92 8.73
N ALA C 96 -17.84 13.68 9.03
CA ALA C 96 -18.41 13.82 10.37
C ALA C 96 -19.71 13.06 10.58
N GLY C 97 -20.48 12.83 9.52
CA GLY C 97 -21.69 12.03 9.58
C GLY C 97 -21.94 11.37 8.24
N LEU C 98 -22.72 10.30 8.26
CA LEU C 98 -23.14 9.62 7.04
C LEU C 98 -24.67 9.53 7.05
N ILE C 99 -25.35 10.33 6.21
CA ILE C 99 -26.80 10.31 6.10
C ILE C 99 -27.18 9.48 4.88
N TYR C 100 -28.11 8.55 5.07
CA TYR C 100 -28.48 7.61 4.03
C TYR C 100 -29.91 7.93 3.60
N LEU C 101 -30.04 8.73 2.54
CA LEU C 101 -31.36 9.08 2.02
C LEU C 101 -31.83 7.90 1.17
N THR C 102 -32.69 7.05 1.75
CA THR C 102 -33.21 5.85 1.11
C THR C 102 -32.06 5.13 0.43
N ALA C 103 -30.90 5.15 1.04
CA ALA C 103 -29.73 4.76 0.29
C ALA C 103 -29.50 3.26 0.45
N VAL C 104 -28.28 2.82 0.16
CA VAL C 104 -27.93 1.41 0.32
C VAL C 104 -26.90 1.35 1.43
N LEU C 105 -27.28 0.66 2.51
CA LEU C 105 -26.48 0.52 3.73
C LEU C 105 -26.11 -0.96 3.83
N THR C 106 -24.96 -1.31 3.28
CA THR C 106 -24.51 -2.68 3.38
C THR C 106 -23.53 -2.85 4.53
N ALA C 107 -23.58 -4.01 5.18
CA ALA C 107 -22.65 -4.30 6.25
C ALA C 107 -21.23 -4.44 5.68
N PRO C 108 -20.19 -4.19 6.48
CA PRO C 108 -18.82 -4.36 5.96
C PRO C 108 -18.67 -5.71 5.29
N GLY C 109 -18.17 -5.68 4.06
CA GLY C 109 -18.01 -6.88 3.27
C GLY C 109 -19.19 -7.31 2.45
N VAL C 110 -20.32 -6.57 2.51
CA VAL C 110 -21.55 -6.91 1.79
C VAL C 110 -21.72 -5.97 0.59
N THR C 111 -22.08 -6.56 -0.57
CA THR C 111 -22.23 -5.81 -1.81
C THR C 111 -23.61 -5.18 -1.91
N PRO C 112 -23.73 -4.03 -2.59
CA PRO C 112 -25.05 -3.38 -2.75
C PRO C 112 -26.08 -4.27 -3.41
N GLU C 113 -25.66 -5.26 -4.17
CA GLU C 113 -26.62 -6.07 -4.87
C GLU C 113 -27.34 -7.05 -3.94
N THR C 114 -26.85 -7.29 -2.73
CA THR C 114 -27.54 -8.23 -1.85
C THR C 114 -29.00 -7.83 -1.65
N PHE C 115 -29.26 -6.52 -1.59
CA PHE C 115 -30.58 -5.96 -1.36
C PHE C 115 -31.28 -5.54 -2.66
N VAL C 116 -30.57 -5.57 -3.78
CA VAL C 116 -31.18 -5.21 -5.05
C VAL C 116 -31.79 -6.45 -5.69
N LEU C 117 -31.10 -7.57 -5.57
CA LEU C 117 -31.56 -8.83 -6.12
C LEU C 117 -32.51 -9.55 -5.18
N PRO C 118 -33.38 -10.46 -5.76
CA PRO C 118 -34.30 -11.10 -4.80
C PRO C 118 -33.62 -11.96 -3.74
N GLY C 119 -34.05 -11.80 -2.51
CA GLY C 119 -33.50 -12.57 -1.41
C GLY C 119 -34.32 -12.45 -0.15
N GLU C 120 -34.02 -13.28 0.84
CA GLU C 120 -34.68 -13.21 2.14
C GLU C 120 -33.61 -13.02 3.20
N PRO C 121 -33.94 -12.27 4.25
CA PRO C 121 -35.26 -11.65 4.38
C PRO C 121 -35.31 -10.22 3.84
N ASN C 122 -36.47 -9.87 3.27
CA ASN C 122 -36.81 -8.48 2.93
C ASN C 122 -35.74 -7.84 2.06
N ARG C 123 -35.40 -8.52 0.95
CA ARG C 123 -34.42 -8.08 -0.02
C ARG C 123 -35.04 -8.12 -1.41
N GLY C 124 -34.76 -7.05 -2.18
CA GLY C 124 -35.11 -6.98 -3.59
C GLY C 124 -35.67 -5.63 -4.02
N THR C 125 -35.30 -5.15 -5.20
CA THR C 125 -35.87 -3.95 -5.81
C THR C 125 -36.46 -4.29 -7.17
N PRO C 126 -37.53 -5.08 -7.21
CA PRO C 126 -37.95 -5.66 -8.48
C PRO C 126 -38.43 -4.64 -9.50
N HIS C 127 -38.88 -3.48 -9.07
CA HIS C 127 -39.25 -2.47 -10.05
C HIS C 127 -38.02 -1.90 -10.70
N ALA C 128 -37.00 -1.57 -9.90
CA ALA C 128 -35.77 -1.07 -10.49
C ALA C 128 -35.24 -2.06 -11.50
N LEU C 129 -35.13 -3.34 -11.13
CA LEU C 129 -34.62 -4.33 -12.07
C LEU C 129 -35.49 -4.41 -13.32
N ASP C 130 -36.81 -4.40 -13.14
CA ASP C 130 -37.69 -4.40 -14.30
C ASP C 130 -37.40 -3.21 -15.20
N LEU C 131 -37.33 -2.00 -14.63
CA LEU C 131 -37.25 -0.79 -15.44
C LEU C 131 -35.82 -0.31 -15.70
N ILE C 132 -34.81 -0.97 -15.14
CA ILE C 132 -33.41 -0.65 -15.42
C ILE C 132 -32.84 -1.87 -16.14
N GLN C 133 -32.33 -1.67 -17.34
CA GLN C 133 -31.97 -2.87 -18.04
C GLN C 133 -30.46 -2.92 -18.23
N PRO C 134 -29.84 -4.10 -18.07
CA PRO C 134 -28.38 -4.18 -18.21
C PRO C 134 -27.98 -4.02 -19.66
N VAL C 135 -26.84 -3.36 -19.87
CA VAL C 135 -26.30 -3.12 -21.21
C VAL C 135 -24.79 -3.29 -21.18
N ASP C 136 -24.23 -3.53 -22.37
CA ASP C 136 -22.78 -3.65 -22.58
C ASP C 136 -22.17 -4.74 -21.71
N GLU C 137 -22.73 -5.95 -21.82
CA GLU C 137 -22.18 -7.11 -21.16
C GLU C 137 -21.93 -6.81 -19.68
N GLY C 138 -22.99 -6.34 -19.01
CA GLY C 138 -22.96 -6.15 -17.58
C GLY C 138 -22.16 -4.97 -17.08
N ARG C 139 -21.59 -4.17 -17.97
CA ARG C 139 -20.83 -3.00 -17.56
C ARG C 139 -21.67 -1.75 -17.39
N GLY C 140 -22.93 -1.75 -17.85
CA GLY C 140 -23.76 -0.56 -17.77
C GLY C 140 -25.22 -0.93 -17.59
N LEU C 141 -25.99 0.08 -17.17
CA LEU C 141 -27.43 -0.04 -16.94
C LEU C 141 -28.12 1.15 -17.57
N GLN C 142 -29.35 0.92 -18.05
CA GLN C 142 -30.09 1.90 -18.83
C GLN C 142 -31.58 1.77 -18.53
N ALA C 143 -32.26 2.90 -18.39
CA ALA C 143 -33.71 2.83 -18.20
C ALA C 143 -34.43 2.27 -19.44
N ASP C 144 -35.54 1.59 -19.21
CA ASP C 144 -36.35 1.08 -20.31
C ASP C 144 -37.28 2.18 -20.80
N PHE C 145 -36.94 2.80 -21.93
CA PHE C 145 -37.74 3.93 -22.38
C PHE C 145 -38.97 3.49 -23.16
N SER C 146 -39.13 2.19 -23.37
CA SER C 146 -40.41 1.65 -23.84
C SER C 146 -41.58 2.02 -22.90
N ARG C 147 -41.29 2.29 -21.65
CA ARG C 147 -42.33 2.49 -20.64
C ARG C 147 -41.96 3.79 -19.93
N LEU C 148 -42.29 4.90 -20.58
CA LEU C 148 -41.98 6.22 -20.04
C LEU C 148 -42.86 6.56 -18.84
N GLU C 149 -44.18 6.35 -18.95
CA GLU C 149 -45.00 6.70 -17.80
C GLU C 149 -44.62 5.85 -16.60
N ARG C 150 -44.13 4.64 -16.83
CA ARG C 150 -43.70 3.84 -15.70
C ARG C 150 -42.46 4.42 -15.03
N LEU C 151 -41.47 4.86 -15.80
CA LEU C 151 -40.31 5.51 -15.19
C LEU C 151 -40.72 6.66 -14.30
N ARG C 152 -41.82 7.34 -14.62
CA ARG C 152 -42.22 8.49 -13.83
C ARG C 152 -42.91 8.07 -12.54
N GLU C 153 -43.81 7.10 -12.63
CA GLU C 153 -44.60 6.73 -11.46
C GLU C 153 -43.73 6.21 -10.33
N VAL C 154 -42.75 5.36 -10.65
CA VAL C 154 -41.92 4.79 -9.58
C VAL C 154 -40.71 5.67 -9.28
N PHE C 155 -40.10 6.31 -10.28
CA PHE C 155 -38.89 7.07 -10.01
C PHE C 155 -39.15 8.56 -9.78
N MET C 156 -40.17 9.15 -10.43
CA MET C 156 -40.32 10.61 -10.44
C MET C 156 -41.67 11.07 -9.92
N GLY C 157 -42.42 10.21 -9.25
CA GLY C 157 -43.71 10.62 -8.74
C GLY C 157 -43.67 11.77 -7.76
N ASP C 158 -42.50 12.02 -7.14
CA ASP C 158 -42.41 13.09 -6.15
C ASP C 158 -42.41 14.48 -6.81
N TYR C 159 -41.78 14.62 -7.97
CA TYR C 159 -41.72 15.90 -8.66
C TYR C 159 -43.11 16.50 -8.82
N PRO C 160 -43.30 17.79 -8.47
CA PRO C 160 -44.58 18.50 -8.49
C PRO C 160 -45.21 18.67 -9.88
N GLY C 163 -44.42 18.72 -13.91
CA GLY C 163 -44.53 17.66 -14.89
C GLY C 163 -43.51 16.52 -14.85
N MET C 164 -42.27 16.82 -15.25
CA MET C 164 -41.14 15.88 -15.26
C MET C 164 -39.84 16.66 -15.07
N PRO C 165 -38.87 16.10 -14.37
CA PRO C 165 -37.68 16.87 -14.00
C PRO C 165 -36.80 17.12 -15.21
N PRO C 166 -35.99 18.17 -15.16
CA PRO C 166 -35.16 18.54 -16.33
C PRO C 166 -34.14 17.46 -16.68
N ALA C 167 -33.44 17.69 -17.79
CA ALA C 167 -32.49 16.70 -18.28
C ALA C 167 -31.18 16.74 -17.51
N GLU C 168 -30.77 17.92 -17.04
CA GLU C 168 -29.57 18.02 -16.21
C GLU C 168 -29.57 16.99 -15.09
N HIS C 169 -30.74 16.71 -14.50
CA HIS C 169 -30.79 15.76 -13.39
C HIS C 169 -30.27 14.37 -13.76
N PHE C 170 -30.35 13.95 -15.03
CA PHE C 170 -30.08 12.57 -15.36
C PHE C 170 -28.89 12.42 -16.30
N ILE C 171 -28.40 11.17 -16.39
CA ILE C 171 -27.55 10.69 -17.47
C ILE C 171 -28.27 9.53 -18.14
N GLN C 172 -27.62 8.86 -19.08
CA GLN C 172 -28.32 7.85 -19.84
C GLN C 172 -27.84 6.43 -19.58
N THR C 173 -26.55 6.20 -19.50
CA THR C 173 -26.03 4.91 -19.08
C THR C 173 -25.29 5.09 -17.76
N GLN C 174 -25.42 4.10 -16.87
CA GLN C 174 -24.86 4.18 -15.52
C GLN C 174 -23.92 3.01 -15.25
N SER C 175 -22.78 3.30 -14.63
CA SER C 175 -21.80 2.26 -14.37
C SER C 175 -22.31 1.22 -13.37
N THR C 176 -21.84 -0.01 -13.55
CA THR C 176 -22.16 -1.14 -12.69
C THR C 176 -21.20 -1.33 -11.50
N VAL C 177 -20.12 -0.57 -11.40
CA VAL C 177 -19.09 -0.92 -10.41
C VAL C 177 -19.46 -0.54 -8.96
N PRO C 178 -20.36 0.39 -8.68
CA PRO C 178 -20.80 0.51 -7.28
C PRO C 178 -21.63 -0.68 -6.80
N PHE C 179 -22.41 -1.31 -7.69
CA PHE C 179 -23.23 -2.45 -7.27
C PHE C 179 -22.41 -3.63 -6.81
N GLY C 180 -21.13 -3.71 -7.17
CA GLY C 180 -20.34 -4.92 -7.01
C GLY C 180 -19.12 -4.85 -6.12
N THR C 181 -18.83 -3.68 -5.61
CA THR C 181 -17.74 -3.48 -4.70
C THR C 181 -18.31 -3.60 -3.30
N PRO C 182 -17.82 -4.51 -2.49
CA PRO C 182 -18.35 -4.62 -1.15
C PRO C 182 -17.91 -3.44 -0.33
N ASN C 183 -18.73 -3.05 0.62
CA ASN C 183 -18.41 -1.94 1.47
C ASN C 183 -17.13 -2.21 2.17
N PRO C 184 -16.24 -1.26 2.29
CA PRO C 184 -14.98 -1.55 2.94
C PRO C 184 -14.69 -0.89 4.27
N MET C 185 -15.61 -0.12 4.83
CA MET C 185 -15.34 0.52 6.09
C MET C 185 -15.00 -0.55 7.08
N GLU C 186 -14.44 -0.14 8.20
CA GLU C 186 -14.09 -1.02 9.28
C GLU C 186 -13.00 -0.31 9.98
N GLY C 187 -13.29 0.14 11.19
CA GLY C 187 -12.28 0.83 11.91
C GLY C 187 -12.55 2.22 12.35
N ARG C 188 -11.98 3.21 11.70
CA ARG C 188 -12.19 4.51 12.21
C ARG C 188 -13.51 4.87 11.60
N ALA C 189 -13.87 4.20 10.50
CA ALA C 189 -15.09 4.52 9.83
C ALA C 189 -16.32 4.23 10.63
N LEU C 190 -16.43 3.01 11.09
CA LEU C 190 -17.62 2.58 11.82
C LEU C 190 -17.87 3.47 13.04
N GLU C 191 -16.97 4.42 13.30
CA GLU C 191 -17.16 5.41 14.35
C GLU C 191 -18.10 6.55 13.98
N ILE C 192 -18.33 6.79 12.69
CA ILE C 192 -18.98 8.02 12.25
C ILE C 192 -20.48 7.87 12.50
N PRO C 193 -21.15 8.90 13.01
CA PRO C 193 -22.59 8.80 13.25
C PRO C 193 -23.34 8.64 11.93
N ARG C 194 -24.22 7.67 11.90
CA ARG C 194 -25.01 7.41 10.72
C ARG C 194 -26.48 7.70 10.98
N LEU C 195 -27.09 8.41 10.04
CA LEU C 195 -28.50 8.69 10.00
C LEU C 195 -29.09 8.02 8.77
N TYR C 196 -30.21 7.34 8.95
CA TYR C 196 -31.01 6.80 7.85
C TYR C 196 -32.31 7.61 7.79
N ILE C 197 -32.56 8.25 6.64
CA ILE C 197 -33.78 9.02 6.39
C ILE C 197 -34.68 8.16 5.51
N GLU C 198 -35.62 7.47 6.13
CA GLU C 198 -36.50 6.59 5.39
C GLU C 198 -37.43 7.39 4.47
N ALA C 199 -37.76 6.77 3.34
CA ALA C 199 -38.84 7.21 2.46
C ALA C 199 -39.92 6.14 2.54
N LEU C 200 -40.95 6.41 3.36
CA LEU C 200 -41.95 5.39 3.66
C LEU C 200 -42.67 4.91 2.42
N ASP C 201 -42.92 5.79 1.46
CA ASP C 201 -43.75 5.47 0.30
C ASP C 201 -42.94 5.07 -0.91
N ASP C 202 -41.62 4.98 -0.78
CA ASP C 202 -40.77 4.64 -1.91
C ASP C 202 -41.11 3.25 -2.44
N VAL C 203 -41.20 3.11 -3.76
CA VAL C 203 -41.46 1.81 -4.38
C VAL C 203 -40.29 1.30 -5.18
N VAL C 204 -39.32 2.16 -5.49
CA VAL C 204 -38.06 1.68 -6.03
C VAL C 204 -37.40 0.73 -5.03
N LEU C 205 -37.15 1.23 -3.82
CA LEU C 205 -36.49 0.53 -2.74
C LEU C 205 -37.42 0.51 -1.54
N PRO C 206 -38.28 -0.53 -1.41
CA PRO C 206 -39.38 -0.50 -0.43
C PRO C 206 -38.98 -0.15 1.00
N ILE C 207 -39.93 0.27 1.82
CA ILE C 207 -39.64 0.58 3.21
C ILE C 207 -39.17 -0.66 3.93
N ALA C 208 -39.73 -1.81 3.60
CA ALA C 208 -39.30 -3.04 4.27
C ALA C 208 -37.84 -3.31 4.00
N VAL C 209 -37.42 -3.14 2.76
CA VAL C 209 -36.03 -3.35 2.40
C VAL C 209 -35.09 -2.35 3.04
N GLN C 210 -35.51 -1.10 3.11
CA GLN C 210 -34.68 -0.07 3.71
C GLN C 210 -34.45 -0.41 5.16
N ARG C 211 -35.51 -0.86 5.80
CA ARG C 211 -35.45 -1.24 7.20
C ARG C 211 -34.51 -2.41 7.39
N GLN C 212 -34.51 -3.34 6.45
CA GLN C 212 -33.66 -4.51 6.57
C GLN C 212 -32.20 -4.12 6.59
N MET C 213 -31.81 -3.18 5.74
CA MET C 213 -30.42 -2.75 5.74
C MET C 213 -30.05 -2.06 7.05
N GLN C 214 -30.98 -1.28 7.62
CA GLN C 214 -30.74 -0.72 8.95
C GLN C 214 -30.55 -1.81 9.98
N LYS C 215 -31.31 -2.90 9.88
CA LYS C 215 -31.26 -3.87 10.96
C LYS C 215 -29.94 -4.64 10.95
N GLU C 216 -29.32 -4.83 9.79
CA GLU C 216 -28.12 -5.65 9.70
C GLU C 216 -26.84 -4.81 9.70
N PHE C 217 -26.92 -3.60 10.13
CA PHE C 217 -25.66 -2.91 10.18
C PHE C 217 -25.16 -2.87 11.61
N PRO C 218 -23.90 -3.23 11.86
CA PRO C 218 -23.43 -3.31 13.24
C PRO C 218 -23.32 -1.92 13.86
N GLY C 219 -23.92 -1.77 15.04
CA GLY C 219 -23.89 -0.52 15.75
C GLY C 219 -25.20 0.21 15.66
N PRO C 220 -25.15 1.52 15.86
CA PRO C 220 -26.38 2.33 15.83
C PRO C 220 -26.57 3.08 14.52
N VAL C 221 -27.82 3.08 14.03
CA VAL C 221 -28.20 3.83 12.84
C VAL C 221 -29.39 4.72 13.20
N ALA C 222 -29.16 6.02 13.31
CA ALA C 222 -30.22 6.92 13.73
C ALA C 222 -31.25 7.06 12.60
N VAL C 223 -32.52 7.18 12.95
CA VAL C 223 -33.62 6.99 12.00
C VAL C 223 -34.59 8.16 12.07
N VAL C 224 -34.78 8.84 10.93
CA VAL C 224 -35.90 9.75 10.74
C VAL C 224 -36.61 9.31 9.47
N SER C 225 -37.88 9.71 9.35
CA SER C 225 -38.79 9.13 8.37
C SER C 225 -39.57 10.20 7.62
N LEU C 226 -39.55 10.13 6.30
CA LEU C 226 -40.30 11.08 5.49
C LEU C 226 -41.42 10.37 4.73
N PRO C 227 -42.66 10.88 4.78
CA PRO C 227 -43.70 10.33 3.92
C PRO C 227 -43.49 10.71 2.46
N ALA C 228 -42.48 10.12 1.83
CA ALA C 228 -42.12 10.45 0.45
C ALA C 228 -41.91 9.18 -0.33
N SER C 229 -41.67 9.34 -1.62
CA SER C 229 -41.43 8.21 -2.47
C SER C 229 -39.93 8.18 -2.80
N HIS C 230 -39.57 7.62 -3.94
CA HIS C 230 -38.17 7.34 -4.17
C HIS C 230 -37.24 8.56 -4.14
N ALA C 231 -37.75 9.79 -4.11
CA ALA C 231 -36.90 10.97 -4.27
C ALA C 231 -37.47 12.13 -3.49
N PRO C 232 -37.26 12.17 -2.17
CA PRO C 232 -37.86 13.25 -1.36
C PRO C 232 -37.28 14.61 -1.65
N TYR C 233 -36.06 14.70 -2.18
CA TYR C 233 -35.47 16.01 -2.43
C TYR C 233 -36.27 16.79 -3.46
N TYR C 234 -37.09 16.10 -4.24
CA TYR C 234 -38.12 16.78 -5.02
C TYR C 234 -39.29 17.22 -4.13
N SER C 235 -39.99 16.26 -3.53
CA SER C 235 -41.31 16.54 -2.98
C SER C 235 -41.28 17.36 -1.69
N MET C 236 -40.27 17.19 -0.83
CA MET C 236 -40.25 17.87 0.46
C MET C 236 -38.85 18.35 0.83
N PRO C 237 -38.30 19.29 0.07
CA PRO C 237 -36.92 19.74 0.31
C PRO C 237 -36.74 20.51 1.60
N GLU C 238 -37.81 21.10 2.13
CA GLU C 238 -37.70 21.87 3.37
C GLU C 238 -37.47 20.95 4.57
N ARG C 239 -38.38 19.99 4.80
CA ARG C 239 -38.17 19.07 5.90
C ARG C 239 -36.96 18.21 5.68
N LEU C 240 -36.64 17.92 4.42
CA LEU C 240 -35.42 17.18 4.11
C LEU C 240 -34.22 17.96 4.59
N ALA C 241 -34.14 19.24 4.23
CA ALA C 241 -33.03 20.08 4.68
C ALA C 241 -33.00 20.17 6.20
N GLU C 242 -34.16 20.30 6.83
CA GLU C 242 -34.19 20.41 8.29
C GLU C 242 -33.69 19.14 8.96
N ALA C 243 -33.96 17.97 8.38
CA ALA C 243 -33.48 16.75 9.00
C ALA C 243 -31.99 16.57 8.74
N ILE C 244 -31.49 17.13 7.65
CA ILE C 244 -30.05 17.09 7.40
C ILE C 244 -29.35 18.13 8.28
N ALA C 245 -29.87 19.36 8.29
CA ALA C 245 -29.21 20.44 9.02
C ALA C 245 -29.16 20.14 10.52
N ASP C 246 -30.28 19.68 11.10
CA ASP C 246 -30.27 19.25 12.49
C ASP C 246 -29.18 18.21 12.76
N PHE C 247 -28.98 17.28 11.83
CA PHE C 247 -27.92 16.30 11.97
C PHE C 247 -26.55 16.92 11.79
N ALA C 248 -26.44 17.93 10.93
CA ALA C 248 -25.13 18.53 10.70
C ALA C 248 -24.65 19.34 11.90
N ASP C 249 -25.57 19.95 12.65
CA ASP C 249 -25.19 20.72 13.83
C ASP C 249 -24.61 19.82 14.92
N ALA C 250 -25.23 18.67 15.13
CA ALA C 250 -24.90 17.80 16.26
C ALA C 250 -24.88 16.36 15.79
N PRO C 251 -23.83 15.97 15.04
CA PRO C 251 -23.80 14.61 14.50
C PRO C 251 -23.77 13.51 15.56
N ALA C 252 -23.06 13.72 16.67
CA ALA C 252 -23.07 12.73 17.75
C ALA C 252 -24.40 12.69 18.47
N GLU C 253 -25.15 13.79 18.47
CA GLU C 253 -26.36 13.93 19.25
C GLU C 253 -27.63 13.48 18.53
N TYR C 254 -27.56 13.17 17.23
CA TYR C 254 -28.79 12.85 16.52
C TYR C 254 -29.22 11.41 16.80
N THR D 2 11.61 -29.37 3.62
CA THR D 2 11.05 -28.05 3.87
C THR D 2 12.04 -26.93 3.54
N VAL D 3 13.04 -26.74 4.38
CA VAL D 3 14.03 -25.68 4.16
C VAL D 3 15.01 -26.15 3.09
N THR D 4 15.04 -25.43 1.96
CA THR D 4 15.85 -25.82 0.81
C THR D 4 17.03 -24.89 0.53
N ASP D 5 16.97 -23.63 0.93
CA ASP D 5 17.96 -22.65 0.53
C ASP D 5 18.50 -21.95 1.76
N ILE D 6 19.78 -21.59 1.69
CA ILE D 6 20.41 -20.78 2.73
C ILE D 6 21.10 -19.61 2.05
N ILE D 7 20.82 -18.39 2.52
CA ILE D 7 21.23 -17.18 1.83
C ILE D 7 22.13 -16.35 2.75
N LEU D 8 23.43 -16.37 2.48
CA LEU D 8 24.42 -15.76 3.35
C LEU D 8 24.65 -14.32 2.90
N ILE D 9 24.16 -13.36 3.69
CA ILE D 9 24.23 -11.96 3.31
C ILE D 9 25.39 -11.31 4.03
N HIS D 10 26.19 -10.58 3.29
CA HIS D 10 27.38 -9.96 3.78
C HIS D 10 27.23 -8.66 4.48
N GLY D 11 28.31 -8.17 5.03
CA GLY D 11 28.25 -6.94 5.80
C GLY D 11 28.87 -5.75 5.10
N ALA D 12 29.17 -4.73 5.89
CA ALA D 12 29.72 -3.50 5.34
C ALA D 12 31.05 -3.72 4.63
N LEU D 13 31.24 -3.00 3.53
CA LEU D 13 32.47 -2.99 2.73
C LEU D 13 32.88 -4.38 2.25
N ASN D 14 31.94 -5.34 2.19
CA ASN D 14 32.23 -6.72 1.80
C ASN D 14 31.41 -7.14 0.59
N ARG D 15 31.69 -8.36 0.14
CA ARG D 15 30.98 -9.03 -0.94
C ARG D 15 30.72 -10.47 -0.54
N GLY D 16 29.92 -11.17 -1.35
CA GLY D 16 29.54 -12.52 -0.97
C GLY D 16 30.72 -13.47 -0.87
N ALA D 17 31.85 -13.10 -1.47
CA ALA D 17 33.00 -14.00 -1.53
C ALA D 17 33.54 -14.32 -0.15
N CYS D 18 33.32 -13.45 0.84
CA CYS D 18 33.84 -13.73 2.18
C CYS D 18 33.29 -15.03 2.73
N TYR D 19 32.06 -15.37 2.35
CA TYR D 19 31.45 -16.64 2.72
C TYR D 19 31.98 -17.79 1.88
N ASP D 20 33.12 -17.61 1.20
CA ASP D 20 33.58 -18.64 0.27
C ASP D 20 33.87 -19.96 0.98
N ALA D 21 34.52 -19.90 2.15
CA ALA D 21 34.84 -21.13 2.88
C ALA D 21 33.58 -21.85 3.37
N VAL D 22 32.53 -21.10 3.71
CA VAL D 22 31.37 -21.70 4.35
C VAL D 22 30.48 -22.41 3.35
N VAL D 23 30.29 -21.81 2.16
CA VAL D 23 29.34 -22.29 1.15
C VAL D 23 29.51 -23.79 0.94
N PRO D 24 30.67 -24.30 0.48
CA PRO D 24 30.76 -25.73 0.16
C PRO D 24 30.49 -26.66 1.34
N LEU D 25 30.76 -26.20 2.58
CA LEU D 25 30.41 -26.98 3.77
C LEU D 25 28.91 -26.98 4.03
N LEU D 26 28.19 -25.93 3.63
CA LEU D 26 26.74 -25.98 3.69
C LEU D 26 26.15 -26.77 2.52
N GLU D 27 26.80 -26.76 1.37
CA GLU D 27 26.30 -27.57 0.27
C GLU D 27 26.30 -29.05 0.65
N ALA D 28 27.32 -29.49 1.39
CA ALA D 28 27.42 -30.89 1.79
C ALA D 28 26.29 -31.32 2.71
N ARG D 29 25.67 -30.36 3.42
CA ARG D 29 24.54 -30.65 4.29
C ARG D 29 23.20 -30.52 3.59
N GLY D 30 23.17 -30.72 2.27
CA GLY D 30 21.94 -30.88 1.52
C GLY D 30 21.13 -29.62 1.28
N TYR D 31 21.79 -28.48 1.11
CA TYR D 31 21.12 -27.19 0.92
C TYR D 31 21.65 -26.51 -0.32
N ARG D 32 20.85 -25.58 -0.85
CA ARG D 32 21.27 -24.78 -1.98
C ARG D 32 21.74 -23.52 -1.27
N VAL D 33 22.94 -23.07 -1.60
CA VAL D 33 23.53 -21.95 -0.91
C VAL D 33 23.74 -20.81 -1.90
N HIS D 34 23.61 -19.57 -1.41
CA HIS D 34 23.84 -18.37 -2.19
C HIS D 34 24.56 -17.35 -1.33
N ALA D 35 25.63 -16.74 -1.84
CA ALA D 35 26.27 -15.60 -1.20
C ALA D 35 26.23 -14.40 -2.14
N PRO D 36 25.06 -13.79 -2.32
CA PRO D 36 24.94 -12.75 -3.34
C PRO D 36 25.63 -11.47 -2.92
N ASP D 37 25.97 -10.67 -3.91
CA ASP D 37 26.28 -9.27 -3.67
C ASP D 37 24.97 -8.49 -3.62
N LEU D 38 24.84 -7.59 -2.65
CA LEU D 38 23.69 -6.70 -2.64
C LEU D 38 24.02 -5.45 -3.45
N THR D 39 23.03 -4.57 -3.57
CA THR D 39 23.17 -3.51 -4.53
C THR D 39 24.34 -2.64 -4.14
N GLY D 40 25.15 -2.30 -5.13
CA GLY D 40 26.32 -1.47 -4.93
C GLY D 40 27.57 -2.25 -4.66
N HIS D 41 27.47 -3.58 -4.57
CA HIS D 41 28.57 -4.42 -4.11
C HIS D 41 29.17 -5.33 -5.21
N THR D 42 28.97 -4.99 -6.48
CA THR D 42 29.63 -5.70 -7.59
C THR D 42 30.27 -4.67 -8.51
N PRO D 43 31.60 -4.55 -8.51
CA PRO D 43 32.28 -3.46 -9.23
C PRO D 43 31.69 -3.13 -10.59
N GLY D 44 31.62 -1.85 -10.92
CA GLY D 44 31.01 -1.43 -12.15
C GLY D 44 29.51 -1.17 -12.10
N ASP D 45 28.84 -1.51 -10.98
CA ASP D 45 27.39 -1.41 -10.87
C ASP D 45 26.92 -0.06 -10.33
N GLY D 46 27.78 0.96 -10.41
CA GLY D 46 27.37 2.28 -10.01
C GLY D 46 27.58 2.59 -8.56
N GLY D 47 28.04 1.60 -7.78
CA GLY D 47 28.65 1.87 -6.51
C GLY D 47 27.69 2.32 -5.44
N HIS D 48 28.26 2.98 -4.42
CA HIS D 48 27.45 3.30 -3.26
C HIS D 48 26.37 4.33 -3.59
N LEU D 49 26.57 5.15 -4.62
CA LEU D 49 25.57 6.13 -5.00
C LEU D 49 24.37 5.52 -5.74
N SER D 50 24.49 4.30 -6.28
CA SER D 50 23.31 3.74 -6.91
C SER D 50 22.21 3.40 -5.91
N VAL D 51 22.53 3.15 -4.65
CA VAL D 51 21.56 2.54 -3.75
C VAL D 51 20.54 3.58 -3.33
N VAL D 52 19.26 3.36 -3.67
CA VAL D 52 18.26 4.38 -3.39
C VAL D 52 17.58 4.16 -2.04
N ASP D 53 17.26 2.91 -1.69
CA ASP D 53 16.66 2.64 -0.40
C ASP D 53 16.92 1.17 -0.04
N MET D 54 16.29 0.69 1.02
CA MET D 54 16.46 -0.71 1.41
C MET D 54 15.77 -1.66 0.43
N GLU D 55 14.65 -1.27 -0.17
CA GLU D 55 14.04 -2.04 -1.26
C GLU D 55 15.09 -2.44 -2.26
N HIS D 56 15.86 -1.45 -2.71
CA HIS D 56 16.74 -1.59 -3.86
C HIS D 56 18.01 -2.32 -3.46
N TYR D 57 18.54 -1.98 -2.28
CA TYR D 57 19.83 -2.48 -1.85
C TYR D 57 19.78 -3.95 -1.50
N THR D 58 18.64 -4.47 -1.02
CA THR D 58 18.50 -5.90 -0.78
C THR D 58 17.93 -6.65 -1.97
N ARG D 59 17.54 -5.94 -3.03
CA ARG D 59 16.80 -6.56 -4.12
C ARG D 59 17.43 -7.84 -4.66
N PRO D 60 18.75 -7.93 -4.87
CA PRO D 60 19.32 -9.21 -5.28
C PRO D 60 18.72 -10.39 -4.52
N VAL D 61 18.40 -10.22 -3.24
CA VAL D 61 18.02 -11.39 -2.46
C VAL D 61 16.60 -11.79 -2.76
N ALA D 62 15.71 -10.82 -3.05
CA ALA D 62 14.33 -11.17 -3.36
C ALA D 62 14.28 -12.12 -4.55
N ASP D 63 14.97 -11.77 -5.62
CA ASP D 63 15.03 -12.65 -6.78
C ASP D 63 15.45 -14.07 -6.38
N ILE D 64 16.44 -14.20 -5.47
CA ILE D 64 16.85 -15.54 -5.03
C ILE D 64 15.75 -16.21 -4.24
N LEU D 65 14.93 -15.42 -3.54
CA LEU D 65 13.83 -16.00 -2.78
C LEU D 65 12.75 -16.50 -3.73
N ALA D 66 12.44 -15.71 -4.77
CA ALA D 66 11.43 -16.12 -5.75
C ALA D 66 11.79 -17.41 -6.47
N ARG D 67 13.09 -17.71 -6.65
CA ARG D 67 13.44 -18.89 -7.44
C ARG D 67 13.61 -20.11 -6.59
N ALA D 68 13.90 -19.92 -5.32
CA ALA D 68 14.10 -21.05 -4.42
C ALA D 68 12.88 -21.95 -4.44
N GLU D 69 13.13 -23.25 -4.38
CA GLU D 69 12.04 -24.21 -4.47
C GLU D 69 11.22 -24.26 -3.18
N GLY D 70 11.89 -24.36 -2.03
CA GLY D 70 11.21 -24.36 -0.75
C GLY D 70 11.41 -23.09 0.06
N GLN D 71 11.41 -23.25 1.38
CA GLN D 71 11.61 -22.13 2.29
C GLN D 71 13.09 -21.93 2.58
N SER D 72 13.48 -20.68 2.82
CA SER D 72 14.88 -20.29 2.86
C SER D 72 15.29 -19.70 4.20
N ILE D 73 16.56 -19.94 4.57
CA ILE D 73 17.18 -19.33 5.74
C ILE D 73 17.97 -18.11 5.29
N LEU D 74 17.71 -16.96 5.92
CA LEU D 74 18.55 -15.80 5.74
C LEU D 74 19.55 -15.71 6.89
N LEU D 75 20.81 -15.39 6.55
CA LEU D 75 21.81 -15.04 7.55
C LEU D 75 22.46 -13.73 7.15
N GLY D 76 22.82 -12.94 8.16
CA GLY D 76 23.36 -11.62 7.94
C GLY D 76 24.51 -11.35 8.88
N HIS D 77 25.61 -10.88 8.36
CA HIS D 77 26.74 -10.58 9.16
C HIS D 77 26.89 -9.09 9.27
N ALA D 78 27.25 -8.59 10.43
CA ALA D 78 27.47 -7.17 10.61
C ALA D 78 26.24 -6.37 10.17
N LEU D 79 26.42 -5.39 9.31
CA LEU D 79 25.35 -4.57 8.82
C LEU D 79 24.38 -5.45 8.07
N GLY D 80 24.83 -6.64 7.70
CA GLY D 80 24.02 -7.58 6.98
C GLY D 80 22.83 -7.95 7.80
N GLY D 81 22.91 -7.72 9.11
CA GLY D 81 21.80 -8.02 10.00
C GLY D 81 20.59 -7.19 9.63
N ALA D 82 20.80 -5.93 9.32
CA ALA D 82 19.73 -5.02 8.92
C ALA D 82 18.97 -5.58 7.72
N SER D 83 19.69 -6.03 6.70
CA SER D 83 19.04 -6.48 5.48
C SER D 83 18.19 -7.71 5.73
N ILE D 84 18.75 -8.75 6.35
CA ILE D 84 17.95 -9.94 6.61
C ILE D 84 16.70 -9.60 7.41
N SER D 85 16.76 -8.53 8.21
CA SER D 85 15.55 -8.03 8.87
C SER D 85 14.59 -7.44 7.85
N TRP D 86 15.02 -6.39 7.15
CA TRP D 86 14.19 -5.72 6.15
C TRP D 86 13.59 -6.71 5.16
N LEU D 87 14.38 -7.66 4.67
CA LEU D 87 13.83 -8.66 3.76
C LEU D 87 12.81 -9.53 4.47
N ALA D 88 13.03 -9.86 5.74
CA ALA D 88 12.08 -10.73 6.44
C ALA D 88 10.68 -10.11 6.49
N GLN D 89 10.62 -8.79 6.69
CA GLN D 89 9.33 -8.11 6.77
C GLN D 89 8.57 -8.22 5.46
N HIS D 90 9.28 -8.17 4.35
CA HIS D 90 8.63 -8.18 3.05
C HIS D 90 8.52 -9.55 2.45
N HIS D 91 9.07 -10.55 3.06
CA HIS D 91 9.07 -11.87 2.43
C HIS D 91 8.83 -12.93 3.49
N PRO D 92 7.86 -12.72 4.39
CA PRO D 92 7.72 -13.63 5.53
C PRO D 92 7.21 -15.00 5.15
N ASP D 93 6.46 -15.09 4.05
CA ASP D 93 6.07 -16.39 3.51
C ASP D 93 7.26 -17.15 2.95
N LYS D 94 8.36 -16.46 2.64
CA LYS D 94 9.49 -17.09 1.98
C LYS D 94 10.73 -17.15 2.86
N VAL D 95 10.62 -16.83 4.15
CA VAL D 95 11.71 -16.94 5.11
C VAL D 95 11.30 -17.86 6.24
N ALA D 96 12.16 -18.81 6.58
CA ALA D 96 11.88 -19.81 7.61
C ALA D 96 12.71 -19.65 8.87
N GLY D 97 13.84 -18.93 8.82
CA GLY D 97 14.65 -18.66 9.99
C GLY D 97 15.57 -17.49 9.73
N LEU D 98 16.00 -16.84 10.79
CA LEU D 98 16.94 -15.74 10.67
C LEU D 98 18.17 -15.97 11.54
N ILE D 99 19.34 -15.72 10.98
CA ILE D 99 20.56 -15.90 11.74
C ILE D 99 21.37 -14.64 11.70
N TYR D 100 21.68 -14.07 12.85
CA TYR D 100 22.49 -12.87 12.88
C TYR D 100 23.78 -13.30 13.49
N LEU D 101 24.87 -13.18 12.74
CA LEU D 101 26.17 -13.57 13.22
C LEU D 101 26.92 -12.30 13.48
N THR D 102 27.11 -11.91 14.75
CA THR D 102 27.80 -10.65 15.09
C THR D 102 27.08 -9.60 14.26
N ALA D 103 25.76 -9.70 14.28
CA ALA D 103 24.96 -8.89 13.38
C ALA D 103 24.20 -7.83 14.17
N VAL D 104 24.00 -6.69 13.52
CA VAL D 104 23.05 -5.71 14.01
C VAL D 104 21.67 -6.35 14.09
N LEU D 105 21.19 -6.55 15.31
CA LEU D 105 19.82 -6.98 15.59
C LEU D 105 19.10 -5.79 16.18
N THR D 106 18.02 -5.35 15.57
CA THR D 106 17.40 -4.10 16.04
C THR D 106 15.88 -4.27 16.15
N ALA D 107 15.32 -3.83 17.30
CA ALA D 107 13.89 -3.92 17.56
C ALA D 107 13.11 -3.23 16.45
N PRO D 108 11.90 -3.72 16.11
CA PRO D 108 11.06 -3.00 15.16
C PRO D 108 11.05 -1.54 15.48
N GLY D 109 11.49 -0.72 14.53
CA GLY D 109 11.35 0.70 14.61
C GLY D 109 12.62 1.47 14.94
N VAL D 110 13.72 0.80 15.25
CA VAL D 110 14.96 1.50 15.50
C VAL D 110 15.99 1.21 14.41
N THR D 111 16.63 2.29 13.93
CA THR D 111 17.67 2.21 12.93
C THR D 111 18.84 1.41 13.46
N PRO D 112 19.65 0.84 12.57
CA PRO D 112 20.85 0.14 13.03
C PRO D 112 21.89 1.04 13.65
N GLU D 113 21.89 2.34 13.34
CA GLU D 113 22.91 3.20 13.94
C GLU D 113 22.66 3.46 15.42
N THR D 114 21.70 2.83 16.03
CA THR D 114 21.50 3.00 17.46
C THR D 114 22.74 2.42 18.12
N PHE D 115 23.05 1.20 17.73
CA PHE D 115 24.17 0.46 18.27
C PHE D 115 25.52 0.83 17.77
N VAL D 116 25.60 1.54 16.69
CA VAL D 116 26.89 1.94 16.15
C VAL D 116 27.40 3.17 16.89
N LEU D 117 26.59 4.22 16.87
CA LEU D 117 26.92 5.46 17.49
C LEU D 117 26.89 5.18 18.92
N PRO D 118 27.64 6.02 19.72
CA PRO D 118 27.68 5.66 21.12
C PRO D 118 26.62 6.29 21.95
N GLY D 119 26.33 5.68 23.08
CA GLY D 119 25.31 6.20 23.92
C GLY D 119 24.89 5.08 24.78
N GLU D 120 24.30 5.39 25.91
CA GLU D 120 23.90 4.33 26.81
C GLU D 120 22.46 3.91 26.62
N PRO D 121 22.07 2.63 27.00
CA PRO D 121 23.10 1.75 27.56
C PRO D 121 23.76 0.84 26.57
N ASN D 122 24.96 0.31 26.83
CA ASN D 122 25.70 -0.61 25.95
C ASN D 122 25.57 -0.41 24.44
N ARG D 123 25.99 0.73 23.94
CA ARG D 123 25.86 1.01 22.52
C ARG D 123 27.12 1.58 21.90
N GLY D 124 27.38 1.25 20.64
CA GLY D 124 28.52 1.76 19.92
C GLY D 124 29.58 0.80 19.49
N THR D 125 30.22 1.13 18.36
CA THR D 125 31.33 0.38 17.75
C THR D 125 32.46 1.37 17.53
N PRO D 126 33.07 1.88 18.60
CA PRO D 126 34.02 2.99 18.42
C PRO D 126 35.20 2.60 17.54
N HIS D 127 35.56 1.31 17.55
CA HIS D 127 36.67 0.89 16.72
C HIS D 127 36.32 1.02 15.26
N ALA D 128 35.16 0.51 14.87
CA ALA D 128 34.73 0.68 13.49
C ALA D 128 34.65 2.17 13.13
N LEU D 129 34.03 2.98 13.98
CA LEU D 129 33.86 4.39 13.65
C LEU D 129 35.19 5.10 13.49
N ASP D 130 36.23 4.67 14.22
CA ASP D 130 37.57 5.24 14.07
C ASP D 130 38.17 4.88 12.71
N LEU D 131 38.03 3.62 12.32
CA LEU D 131 38.61 3.09 11.09
C LEU D 131 37.77 3.33 9.83
N ILE D 132 36.46 3.58 9.96
CA ILE D 132 35.60 3.85 8.80
C ILE D 132 35.21 5.31 8.84
N GLN D 133 35.27 5.98 7.70
CA GLN D 133 35.16 7.43 7.64
C GLN D 133 34.09 7.82 6.65
N PRO D 134 33.12 8.67 7.04
CA PRO D 134 32.05 9.06 6.12
C PRO D 134 32.60 9.87 4.95
N VAL D 135 32.02 9.63 3.76
CA VAL D 135 32.45 10.30 2.52
C VAL D 135 31.22 10.62 1.68
N ASP D 136 31.36 11.65 0.84
CA ASP D 136 30.33 12.05 -0.11
C ASP D 136 29.04 12.46 0.60
N GLU D 137 29.17 13.39 1.55
CA GLU D 137 28.01 13.93 2.26
C GLU D 137 27.18 12.82 2.90
N GLY D 138 27.86 11.95 3.63
CA GLY D 138 27.19 10.90 4.34
C GLY D 138 26.66 9.79 3.47
N ARG D 139 26.85 9.86 2.16
CA ARG D 139 26.30 8.81 1.33
C ARG D 139 27.13 7.54 1.41
N GLY D 140 28.45 7.66 1.58
CA GLY D 140 29.32 6.51 1.54
C GLY D 140 30.30 6.48 2.70
N LEU D 141 30.83 5.30 2.99
CA LEU D 141 31.78 5.08 4.07
C LEU D 141 33.00 4.31 3.59
N GLN D 142 34.21 4.80 3.77
CA GLN D 142 35.38 4.10 3.28
C GLN D 142 36.44 3.97 4.36
N ALA D 143 36.99 2.76 4.48
CA ALA D 143 37.99 2.45 5.47
C ALA D 143 39.20 3.37 5.35
N ASP D 144 39.88 3.54 6.48
CA ASP D 144 41.05 4.39 6.60
C ASP D 144 42.25 3.58 6.13
N PHE D 145 42.74 3.88 4.92
CA PHE D 145 43.84 3.13 4.34
C PHE D 145 45.21 3.76 4.67
N SER D 146 45.25 4.63 5.68
CA SER D 146 46.51 5.07 6.24
C SER D 146 46.96 4.17 7.38
N ARG D 147 46.11 3.20 7.75
CA ARG D 147 46.32 2.33 8.88
C ARG D 147 45.93 0.92 8.49
N LEU D 148 46.59 0.41 7.45
CA LEU D 148 46.28 -0.91 6.92
C LEU D 148 46.42 -2.00 7.98
N GLU D 149 47.38 -1.85 8.93
CA GLU D 149 47.62 -2.95 9.85
C GLU D 149 46.60 -2.96 10.97
N ARG D 150 46.22 -1.78 11.45
CA ARG D 150 45.09 -1.73 12.37
C ARG D 150 43.88 -2.43 11.77
N LEU D 151 43.48 -2.00 10.57
CA LEU D 151 42.41 -2.61 9.77
C LEU D 151 42.48 -4.14 9.73
N ARG D 152 43.68 -4.70 9.63
CA ARG D 152 43.75 -6.16 9.62
C ARG D 152 43.49 -6.72 11.01
N GLU D 153 44.11 -6.13 12.05
CA GLU D 153 43.96 -6.72 13.38
C GLU D 153 42.54 -6.57 13.89
N VAL D 154 41.86 -5.50 13.50
CA VAL D 154 40.49 -5.25 13.95
C VAL D 154 39.47 -6.07 13.17
N PHE D 155 39.61 -6.16 11.84
CA PHE D 155 38.58 -6.78 11.02
C PHE D 155 38.92 -8.16 10.47
N MET D 156 40.20 -8.53 10.37
CA MET D 156 40.62 -9.70 9.60
C MET D 156 41.44 -10.71 10.39
N GLY D 157 41.64 -10.51 11.69
CA GLY D 157 42.37 -11.45 12.51
C GLY D 157 41.85 -12.88 12.48
N ASP D 158 40.66 -13.07 11.94
CA ASP D 158 40.15 -14.43 11.79
C ASP D 158 40.68 -15.10 10.54
N TYR D 159 41.21 -14.33 9.59
CA TYR D 159 41.74 -14.94 8.38
C TYR D 159 43.01 -15.68 8.74
N PRO D 160 43.16 -16.95 8.33
CA PRO D 160 44.41 -17.65 8.58
C PRO D 160 45.60 -16.92 7.95
N GLY D 161 46.65 -16.74 8.76
CA GLY D 161 47.88 -16.11 8.31
C GLY D 161 47.73 -14.64 7.93
N MET D 164 46.21 -12.00 4.76
CA MET D 164 45.11 -11.06 4.47
C MET D 164 44.21 -11.56 3.33
N PRO D 165 42.90 -11.33 3.41
CA PRO D 165 41.94 -12.01 2.49
C PRO D 165 41.95 -11.41 1.08
N PRO D 166 41.41 -12.12 0.10
CA PRO D 166 41.49 -11.66 -1.30
C PRO D 166 40.64 -10.43 -1.58
N ALA D 167 40.96 -9.77 -2.70
CA ALA D 167 40.23 -8.55 -3.03
C ALA D 167 38.79 -8.82 -3.40
N GLU D 168 38.43 -10.04 -3.80
CA GLU D 168 37.04 -10.29 -4.14
C GLU D 168 36.11 -10.19 -2.94
N HIS D 169 36.66 -10.08 -1.73
CA HIS D 169 35.87 -10.02 -0.53
C HIS D 169 35.39 -8.62 -0.20
N PHE D 170 36.11 -7.57 -0.66
CA PHE D 170 35.86 -6.20 -0.22
C PHE D 170 35.52 -5.28 -1.38
N ILE D 171 34.78 -4.21 -1.08
CA ILE D 171 34.57 -3.09 -1.98
C ILE D 171 35.13 -1.85 -1.31
N GLN D 172 35.31 -0.79 -2.11
CA GLN D 172 35.97 0.43 -1.66
C GLN D 172 35.08 1.31 -0.78
N THR D 173 33.84 1.55 -1.20
CA THR D 173 32.94 2.45 -0.47
C THR D 173 31.60 1.78 -0.23
N GLN D 174 31.06 1.97 0.98
CA GLN D 174 29.83 1.31 1.40
C GLN D 174 28.70 2.31 1.48
N SER D 175 27.52 1.92 1.00
CA SER D 175 26.39 2.82 1.06
C SER D 175 25.88 2.88 2.48
N THR D 176 25.68 4.11 2.99
CA THR D 176 25.11 4.34 4.32
C THR D 176 23.63 4.07 4.41
N VAL D 177 22.98 3.67 3.32
CA VAL D 177 21.53 3.49 3.35
C VAL D 177 21.07 2.58 4.49
N PRO D 178 21.64 1.39 4.71
CA PRO D 178 21.12 0.53 5.79
C PRO D 178 21.35 1.07 7.21
N PHE D 179 22.09 2.16 7.42
CA PHE D 179 22.21 2.65 8.79
C PHE D 179 21.00 3.49 9.18
N GLY D 180 20.59 4.39 8.32
CA GLY D 180 19.51 5.28 8.66
C GLY D 180 18.10 4.76 8.43
N THR D 181 17.93 3.50 8.04
CA THR D 181 16.58 3.02 7.73
C THR D 181 16.07 2.12 8.84
N PRO D 182 15.00 2.52 9.53
CA PRO D 182 14.49 1.76 10.67
C PRO D 182 14.02 0.36 10.29
N ASN D 183 14.21 -0.53 11.22
CA ASN D 183 13.78 -1.90 11.06
C ASN D 183 12.28 -1.96 10.90
N PRO D 184 11.76 -2.51 9.80
CA PRO D 184 10.31 -2.51 9.55
C PRO D 184 9.59 -3.80 9.92
N MET D 185 10.20 -4.70 10.65
CA MET D 185 9.55 -5.97 10.92
C MET D 185 8.24 -5.72 11.67
N GLU D 186 7.26 -6.57 11.38
CA GLU D 186 5.98 -6.52 12.09
C GLU D 186 5.12 -7.71 11.67
N GLY D 187 4.33 -8.17 12.64
CA GLY D 187 3.28 -9.12 12.34
C GLY D 187 3.82 -10.48 12.01
N ARG D 188 3.30 -11.05 10.92
CA ARG D 188 3.72 -12.39 10.51
C ARG D 188 5.24 -12.51 10.47
N ALA D 189 5.94 -11.38 10.34
CA ALA D 189 7.40 -11.38 10.29
C ALA D 189 7.99 -11.85 11.60
N LEU D 190 7.40 -11.47 12.74
CA LEU D 190 8.03 -11.74 14.02
C LEU D 190 7.94 -13.22 14.42
N GLU D 191 7.04 -13.98 13.81
CA GLU D 191 6.94 -15.39 14.17
C GLU D 191 8.00 -16.25 13.50
N ILE D 192 8.91 -15.66 12.69
CA ILE D 192 10.01 -16.49 12.18
C ILE D 192 11.00 -16.74 13.30
N PRO D 193 11.49 -17.96 13.44
CA PRO D 193 12.62 -18.20 14.35
C PRO D 193 13.77 -17.24 14.09
N ARG D 194 14.31 -16.66 15.15
CA ARG D 194 15.46 -15.76 15.04
C ARG D 194 16.56 -16.24 15.98
N LEU D 195 17.66 -16.71 15.40
CA LEU D 195 18.83 -17.13 16.13
C LEU D 195 19.95 -16.13 15.94
N TYR D 196 20.73 -15.92 17.00
CA TYR D 196 21.92 -15.07 16.98
C TYR D 196 23.13 -15.96 17.24
N ILE D 197 24.13 -15.84 16.37
CA ILE D 197 25.44 -16.49 16.51
C ILE D 197 26.44 -15.39 16.88
N GLU D 198 26.83 -15.34 18.15
CA GLU D 198 27.70 -14.26 18.59
C GLU D 198 29.17 -14.64 18.46
N ALA D 199 30.01 -13.65 18.20
CA ALA D 199 31.46 -13.79 18.27
C ALA D 199 31.94 -13.18 19.60
N LEU D 200 32.55 -14.00 20.44
CA LEU D 200 32.88 -13.55 21.80
C LEU D 200 33.98 -12.50 21.77
N ASP D 201 35.06 -12.77 21.05
CA ASP D 201 36.22 -11.90 20.99
C ASP D 201 36.10 -10.83 19.92
N ASP D 202 34.91 -10.69 19.30
CA ASP D 202 34.73 -9.59 18.37
C ASP D 202 35.03 -8.28 19.08
N VAL D 203 35.54 -7.33 18.31
CA VAL D 203 35.93 -6.02 18.81
C VAL D 203 35.47 -4.89 17.89
N VAL D 204 35.10 -5.15 16.64
CA VAL D 204 34.29 -4.17 15.92
C VAL D 204 32.96 -3.99 16.63
N LEU D 205 32.26 -5.10 16.88
CA LEU D 205 30.98 -5.10 17.60
C LEU D 205 31.18 -5.83 18.93
N PRO D 206 31.60 -5.12 19.98
CA PRO D 206 31.97 -5.77 21.24
C PRO D 206 30.83 -6.64 21.74
N ILE D 207 31.16 -7.81 22.28
CA ILE D 207 30.11 -8.77 22.60
C ILE D 207 29.08 -8.19 23.55
N ALA D 208 29.44 -7.20 24.33
CA ALA D 208 28.46 -6.64 25.23
C ALA D 208 27.35 -6.16 24.35
N VAL D 209 27.67 -5.55 23.24
CA VAL D 209 26.64 -5.07 22.35
C VAL D 209 25.85 -6.22 21.75
N GLN D 210 26.52 -7.26 21.35
CA GLN D 210 25.83 -8.38 20.74
C GLN D 210 24.81 -8.98 21.69
N ARG D 211 25.19 -9.13 22.95
CA ARG D 211 24.30 -9.66 23.97
C ARG D 211 23.15 -8.70 24.21
N GLN D 212 23.43 -7.42 24.16
CA GLN D 212 22.45 -6.39 24.40
C GLN D 212 21.40 -6.33 23.36
N MET D 213 21.76 -6.64 22.14
CA MET D 213 20.81 -6.65 21.05
C MET D 213 19.75 -7.70 21.28
N GLN D 214 20.13 -8.85 21.79
CA GLN D 214 19.17 -9.90 22.05
C GLN D 214 18.15 -9.48 23.10
N LYS D 215 18.63 -8.82 24.15
CA LYS D 215 17.79 -8.37 25.24
C LYS D 215 16.76 -7.34 24.84
N GLU D 216 17.16 -6.43 23.97
CA GLU D 216 16.28 -5.39 23.55
C GLU D 216 15.31 -5.77 22.46
N PHE D 217 15.52 -6.89 21.79
CA PHE D 217 14.63 -7.26 20.69
C PHE D 217 13.41 -8.02 21.23
N PRO D 218 12.21 -7.56 20.91
CA PRO D 218 10.99 -8.18 21.48
C PRO D 218 10.80 -9.60 20.96
N GLY D 219 10.54 -10.53 21.87
CA GLY D 219 10.38 -11.92 21.52
C GLY D 219 11.67 -12.67 21.71
N PRO D 220 11.61 -13.99 21.71
CA PRO D 220 12.83 -14.78 21.98
C PRO D 220 13.80 -14.76 20.80
N VAL D 221 15.10 -14.73 21.14
CA VAL D 221 16.19 -14.98 20.20
C VAL D 221 17.01 -16.13 20.74
N ALA D 222 17.09 -17.22 19.99
CA ALA D 222 18.00 -18.30 20.38
C ALA D 222 19.45 -17.84 20.22
N VAL D 223 20.36 -18.49 20.93
CA VAL D 223 21.77 -18.09 20.89
C VAL D 223 22.68 -19.31 20.90
N VAL D 224 23.72 -19.26 20.07
CA VAL D 224 24.84 -20.18 20.14
C VAL D 224 26.10 -19.36 19.90
N SER D 225 27.12 -19.61 20.72
CA SER D 225 28.30 -18.77 20.81
C SER D 225 29.48 -19.44 20.13
N LEU D 226 30.34 -18.60 19.54
CA LEU D 226 31.60 -18.95 18.91
C LEU D 226 32.72 -18.05 19.43
N PRO D 227 33.92 -18.62 19.68
CA PRO D 227 35.03 -17.83 20.25
C PRO D 227 35.89 -17.13 19.20
N ALA D 228 35.28 -16.20 18.45
CA ALA D 228 35.91 -15.60 17.27
C ALA D 228 35.96 -14.09 17.40
N SER D 229 36.78 -13.45 16.56
CA SER D 229 36.64 -12.01 16.44
C SER D 229 35.65 -11.78 15.32
N HIS D 230 35.73 -10.63 14.66
CA HIS D 230 34.64 -10.11 13.84
C HIS D 230 34.12 -11.15 12.84
N ALA D 231 34.99 -11.99 12.31
CA ALA D 231 34.71 -12.68 11.04
C ALA D 231 34.79 -14.20 11.16
N PRO D 232 33.82 -14.82 11.83
CA PRO D 232 33.90 -16.26 12.06
C PRO D 232 34.04 -17.11 10.81
N TYR D 233 33.58 -16.61 9.66
CA TYR D 233 33.58 -17.41 8.42
C TYR D 233 35.01 -17.68 7.92
N TYR D 234 35.98 -16.93 8.43
CA TYR D 234 37.39 -17.18 8.19
C TYR D 234 37.99 -18.18 9.18
N SER D 235 37.63 -18.09 10.47
CA SER D 235 38.20 -18.92 11.54
C SER D 235 37.58 -20.31 11.58
N MET D 236 36.27 -20.36 11.77
CA MET D 236 35.55 -21.61 12.00
C MET D 236 34.55 -21.90 10.89
N PRO D 237 35.01 -22.04 9.61
CA PRO D 237 34.07 -22.46 8.57
C PRO D 237 33.31 -23.68 9.05
N GLU D 238 34.04 -24.77 9.33
CA GLU D 238 33.40 -26.02 9.71
C GLU D 238 32.42 -25.83 10.86
N ARG D 239 32.84 -25.10 11.91
CA ARG D 239 32.01 -24.96 13.09
C ARG D 239 30.80 -24.08 12.81
N LEU D 240 31.03 -22.86 12.30
CA LEU D 240 29.92 -22.01 11.88
C LEU D 240 29.02 -22.75 10.92
N ALA D 241 29.61 -23.49 9.98
CA ALA D 241 28.81 -24.21 9.00
C ALA D 241 27.81 -25.13 9.66
N GLU D 242 28.16 -25.74 10.79
CA GLU D 242 27.23 -26.71 11.37
C GLU D 242 26.23 -26.07 12.30
N ALA D 243 26.59 -24.99 12.97
CA ALA D 243 25.59 -24.21 13.68
C ALA D 243 24.51 -23.74 12.71
N ILE D 244 24.92 -23.12 11.61
CA ILE D 244 23.96 -22.69 10.59
C ILE D 244 23.11 -23.87 10.13
N ALA D 245 23.76 -24.92 9.59
CA ALA D 245 23.02 -26.05 9.03
C ALA D 245 21.99 -26.58 10.00
N ASP D 246 22.42 -26.93 11.22
CA ASP D 246 21.50 -27.58 12.16
C ASP D 246 20.33 -26.67 12.51
N PHE D 247 20.54 -25.36 12.55
CA PHE D 247 19.42 -24.44 12.68
C PHE D 247 18.46 -24.62 11.52
N ALA D 248 18.98 -24.84 10.31
CA ALA D 248 18.12 -24.90 9.13
C ALA D 248 17.34 -26.21 9.07
N ASP D 249 17.85 -27.28 9.68
CA ASP D 249 17.13 -28.55 9.56
C ASP D 249 15.82 -28.54 10.32
N ALA D 250 15.64 -27.61 11.26
CA ALA D 250 14.40 -27.40 12.00
C ALA D 250 14.51 -26.14 12.83
N PRO D 251 14.21 -24.96 12.25
CA PRO D 251 14.54 -23.72 12.96
C PRO D 251 13.60 -23.43 14.11
N ALA D 252 12.39 -24.00 14.09
CA ALA D 252 11.45 -23.75 15.18
C ALA D 252 11.96 -24.35 16.49
N GLU D 253 12.33 -25.63 16.47
CA GLU D 253 12.67 -26.35 17.71
C GLU D 253 13.85 -25.70 18.44
N TYR D 254 14.81 -25.19 17.67
CA TYR D 254 15.98 -24.46 18.19
C TYR D 254 15.63 -23.47 19.30
N THR E 2 3.20 31.73 13.94
CA THR E 2 2.84 30.62 13.05
C THR E 2 2.20 29.48 13.85
N VAL E 3 2.44 29.44 15.16
CA VAL E 3 1.76 28.47 16.03
C VAL E 3 0.44 29.06 16.49
N THR E 4 -0.64 28.30 16.31
CA THR E 4 -1.99 28.74 16.59
C THR E 4 -2.68 27.94 17.69
N ASP E 5 -2.33 26.67 17.85
CA ASP E 5 -2.86 25.89 18.96
C ASP E 5 -1.74 25.35 19.86
N ILE E 6 -2.15 25.00 21.08
CA ILE E 6 -1.38 24.24 22.05
C ILE E 6 -2.32 23.14 22.55
N ILE E 7 -1.78 21.97 22.85
CA ILE E 7 -2.63 20.90 23.34
C ILE E 7 -1.99 20.16 24.52
N LEU E 8 -2.82 19.80 25.50
CA LEU E 8 -2.37 19.26 26.78
C LEU E 8 -2.71 17.77 26.85
N ILE E 9 -1.73 16.93 26.51
CA ILE E 9 -1.89 15.49 26.58
C ILE E 9 -1.55 15.10 28.00
N HIS E 10 -2.52 14.49 28.69
CA HIS E 10 -2.32 14.19 30.09
C HIS E 10 -1.40 12.97 30.25
N GLY E 11 -1.20 12.52 31.48
CA GLY E 11 -0.40 11.34 31.76
C GLY E 11 -1.17 10.13 32.26
N ALA E 12 -0.42 9.10 32.65
CA ALA E 12 -1.02 7.84 33.06
C ALA E 12 -2.18 8.08 34.03
N LEU E 13 -3.23 7.30 33.88
CA LEU E 13 -4.39 7.33 34.79
C LEU E 13 -5.00 8.71 35.04
N ASN E 14 -4.59 9.74 34.28
CA ASN E 14 -5.09 11.10 34.38
C ASN E 14 -6.22 11.35 33.38
N ARG E 15 -6.76 12.59 33.35
CA ARG E 15 -7.65 13.08 32.31
C ARG E 15 -7.27 14.52 31.96
N GLY E 16 -7.64 14.93 30.73
CA GLY E 16 -7.30 16.27 30.25
C GLY E 16 -7.81 17.38 31.14
N ALA E 17 -8.78 17.09 32.01
CA ALA E 17 -9.20 18.08 32.98
C ALA E 17 -8.07 18.45 33.94
N CYS E 18 -7.03 17.63 34.05
CA CYS E 18 -6.03 17.86 35.08
C CYS E 18 -5.38 19.23 34.92
N TYR E 19 -5.48 19.82 33.74
CA TYR E 19 -4.98 21.17 33.50
C TYR E 19 -6.09 22.22 33.55
N ASP E 20 -7.19 21.94 34.23
CA ASP E 20 -8.26 22.92 34.31
C ASP E 20 -7.75 24.26 34.81
N ALA E 21 -6.64 24.26 35.55
CA ALA E 21 -6.10 25.51 36.06
C ALA E 21 -5.14 26.19 35.09
N VAL E 22 -4.58 25.46 34.16
CA VAL E 22 -3.65 26.07 33.24
C VAL E 22 -4.15 26.50 31.87
N VAL E 23 -5.29 26.00 31.42
CA VAL E 23 -5.77 26.39 30.10
C VAL E 23 -6.22 27.79 30.02
N PRO E 24 -7.13 28.18 30.98
CA PRO E 24 -7.58 29.55 30.89
C PRO E 24 -6.46 30.52 30.82
N LEU E 25 -5.30 30.07 31.21
CA LEU E 25 -4.16 30.91 31.26
C LEU E 25 -3.49 31.09 29.96
N LEU E 26 -3.36 30.01 29.23
CA LEU E 26 -2.74 30.05 27.95
C LEU E 26 -3.68 30.79 27.07
N GLU E 27 -4.95 30.45 27.14
CA GLU E 27 -5.91 31.16 26.31
C GLU E 27 -5.63 32.65 26.31
N ALA E 28 -5.33 33.19 27.47
CA ALA E 28 -5.08 34.62 27.59
C ALA E 28 -3.94 35.07 26.71
N ARG E 29 -2.91 34.25 26.58
CA ARG E 29 -1.79 34.62 25.75
C ARG E 29 -2.25 34.78 24.31
N GLY E 30 -3.16 33.91 23.89
CA GLY E 30 -3.71 33.98 22.55
C GLY E 30 -3.64 32.74 21.69
N TYR E 31 -3.86 31.58 22.28
CA TYR E 31 -3.80 30.35 21.50
C TYR E 31 -4.96 29.41 21.73
N ARG E 32 -5.56 28.89 20.67
CA ARG E 32 -6.56 27.84 20.89
C ARG E 32 -5.90 26.72 21.68
N VAL E 33 -6.52 26.33 22.79
CA VAL E 33 -5.91 25.40 23.73
C VAL E 33 -6.83 24.20 23.90
N HIS E 34 -6.25 23.00 23.74
CA HIS E 34 -6.98 21.75 23.86
C HIS E 34 -6.45 20.93 25.04
N ALA E 35 -7.37 20.29 25.77
CA ALA E 35 -7.02 19.39 26.87
C ALA E 35 -7.76 18.07 26.65
N PRO E 36 -7.34 17.30 25.65
CA PRO E 36 -8.12 16.16 25.18
C PRO E 36 -7.88 14.91 25.99
N ASP E 37 -8.91 14.09 26.09
CA ASP E 37 -8.78 12.75 26.68
C ASP E 37 -8.37 11.77 25.58
N LEU E 38 -7.25 11.08 25.80
CA LEU E 38 -6.76 10.13 24.81
C LEU E 38 -7.68 8.92 24.77
N THR E 39 -7.45 8.04 23.79
CA THR E 39 -8.28 6.83 23.67
C THR E 39 -8.31 6.09 25.00
N GLY E 40 -9.52 5.76 25.47
CA GLY E 40 -9.65 5.04 26.71
C GLY E 40 -9.89 5.84 27.97
N HIS E 41 -9.88 7.16 27.90
CA HIS E 41 -9.73 8.00 29.06
C HIS E 41 -10.96 8.86 29.37
N THR E 42 -12.08 8.55 28.71
CA THR E 42 -13.32 9.29 28.89
C THR E 42 -14.30 8.25 29.41
N PRO E 43 -14.90 8.38 30.61
CA PRO E 43 -15.71 7.28 31.16
C PRO E 43 -16.81 6.87 30.19
N GLY E 44 -16.84 5.60 29.79
CA GLY E 44 -17.88 5.09 28.91
C GLY E 44 -17.42 4.68 27.52
N ASP E 45 -16.15 4.81 27.21
CA ASP E 45 -15.49 4.30 26.02
C ASP E 45 -15.17 2.83 26.11
N GLY E 46 -15.66 2.15 27.15
CA GLY E 46 -15.40 0.74 27.36
C GLY E 46 -13.99 0.37 27.79
N GLY E 47 -13.22 1.30 28.35
CA GLY E 47 -12.03 0.95 29.10
C GLY E 47 -10.73 0.86 28.32
N HIS E 48 -9.70 0.45 29.07
CA HIS E 48 -8.31 0.45 28.59
C HIS E 48 -8.13 -0.47 27.39
N LEU E 49 -8.76 -1.64 27.41
CA LEU E 49 -8.63 -2.62 26.34
C LEU E 49 -8.98 -2.05 24.96
N SER E 50 -9.67 -0.91 24.90
CA SER E 50 -10.06 -0.32 23.63
C SER E 50 -8.87 0.18 22.81
N VAL E 51 -7.68 0.30 23.39
CA VAL E 51 -6.54 0.96 22.74
C VAL E 51 -5.75 -0.05 21.90
N VAL E 52 -5.29 0.38 20.72
CA VAL E 52 -4.61 -0.50 19.79
C VAL E 52 -3.12 -0.18 19.69
N ASP E 53 -2.77 1.08 19.53
CA ASP E 53 -1.35 1.43 19.36
C ASP E 53 -1.18 2.93 19.55
N MET E 54 -0.01 3.45 19.17
CA MET E 54 0.31 4.86 19.31
C MET E 54 -0.28 5.72 18.21
N GLU E 55 -0.70 5.13 17.08
CA GLU E 55 -1.50 5.90 16.13
C GLU E 55 -2.94 6.10 16.64
N HIS E 56 -3.47 5.15 17.39
CA HIS E 56 -4.86 5.23 17.85
C HIS E 56 -4.99 5.85 19.22
N TYR E 57 -4.09 5.51 20.15
CA TYR E 57 -4.10 6.18 21.45
C TYR E 57 -4.16 7.68 21.26
N THR E 58 -3.22 8.19 20.47
CA THR E 58 -3.11 9.60 20.15
C THR E 58 -4.19 10.11 19.19
N ARG E 59 -5.13 9.28 18.73
CA ARG E 59 -6.10 9.71 17.71
C ARG E 59 -6.83 11.00 18.07
N PRO E 60 -7.40 11.16 19.27
CA PRO E 60 -8.07 12.43 19.57
C PRO E 60 -7.18 13.64 19.32
N VAL E 61 -5.88 13.51 19.58
CA VAL E 61 -4.98 14.63 19.31
C VAL E 61 -4.74 14.77 17.83
N ALA E 62 -4.50 13.65 17.14
CA ALA E 62 -4.22 13.70 15.71
C ALA E 62 -5.34 14.41 14.96
N ASP E 63 -6.60 14.03 15.24
CA ASP E 63 -7.77 14.78 14.80
C ASP E 63 -7.56 16.29 14.89
N ILE E 64 -7.20 16.76 16.07
CA ILE E 64 -7.10 18.19 16.36
C ILE E 64 -6.05 18.86 15.48
N LEU E 65 -5.05 18.10 15.01
CA LEU E 65 -3.97 18.72 14.25
C LEU E 65 -4.28 18.84 12.76
N ALA E 66 -5.24 18.05 12.27
CA ALA E 66 -5.83 18.35 10.96
C ALA E 66 -6.80 19.51 11.05
N ARG E 67 -7.57 19.58 12.15
CA ARG E 67 -8.44 20.72 12.44
C ARG E 67 -7.66 21.98 12.85
N ALA E 68 -6.49 21.82 13.45
CA ALA E 68 -5.68 22.99 13.78
C ALA E 68 -5.34 23.78 12.53
N GLU E 69 -5.45 25.11 12.62
CA GLU E 69 -5.25 25.92 11.44
C GLU E 69 -3.78 26.22 11.18
N GLY E 70 -2.96 26.19 12.21
CA GLY E 70 -1.54 26.41 12.04
C GLY E 70 -0.75 25.33 12.76
N GLN E 71 0.45 25.72 13.18
CA GLN E 71 1.30 24.83 13.93
C GLN E 71 0.72 24.60 15.32
N SER E 72 0.65 23.34 15.73
CA SER E 72 0.21 22.97 17.07
C SER E 72 1.42 22.51 17.87
N ILE E 73 1.55 22.98 19.12
CA ILE E 73 2.62 22.57 20.02
C ILE E 73 2.07 21.54 21.00
N LEU E 74 2.78 20.41 21.12
CA LEU E 74 2.32 19.24 21.86
C LEU E 74 3.07 19.09 23.16
N LEU E 75 2.32 19.02 24.27
CA LEU E 75 2.85 18.90 25.62
C LEU E 75 2.37 17.62 26.28
N GLY E 76 3.30 16.94 26.95
CA GLY E 76 2.99 15.68 27.59
C GLY E 76 3.52 15.61 29.01
N HIS E 77 2.73 15.02 29.89
CA HIS E 77 3.12 14.89 31.26
C HIS E 77 3.25 13.43 31.59
N ALA E 78 4.35 13.03 32.22
CA ALA E 78 4.52 11.64 32.56
C ALA E 78 4.55 10.78 31.30
N LEU E 79 3.67 9.81 31.21
CA LEU E 79 3.68 8.93 30.06
C LEU E 79 3.47 9.70 28.78
N GLY E 80 2.69 10.76 28.87
CA GLY E 80 2.34 11.53 27.71
C GLY E 80 3.59 11.86 26.93
N GLY E 81 4.73 11.84 27.59
CA GLY E 81 5.98 12.15 26.91
C GLY E 81 6.12 11.26 25.70
N ALA E 82 5.73 10.00 25.84
CA ALA E 82 5.81 9.05 24.74
C ALA E 82 4.87 9.40 23.59
N SER E 83 3.64 9.76 23.94
CA SER E 83 2.63 10.14 22.95
C SER E 83 3.08 11.37 22.16
N ILE E 84 3.27 12.50 22.84
CA ILE E 84 3.79 13.71 22.19
C ILE E 84 5.05 13.44 21.38
N SER E 85 5.79 12.37 21.70
CA SER E 85 7.02 12.01 20.99
C SER E 85 6.75 11.11 19.80
N TRP E 86 5.78 10.20 19.92
CA TRP E 86 5.35 9.41 18.77
C TRP E 86 4.85 10.33 17.66
N LEU E 87 4.03 11.30 18.03
CA LEU E 87 3.37 12.12 17.02
C LEU E 87 4.38 12.93 16.24
N ALA E 88 5.40 13.46 16.92
CA ALA E 88 6.30 14.40 16.27
C ALA E 88 6.97 13.79 15.04
N GLN E 89 7.18 12.45 15.03
CA GLN E 89 7.76 11.80 13.84
C GLN E 89 6.83 11.86 12.63
N HIS E 90 5.52 11.97 12.86
CA HIS E 90 4.51 11.82 11.83
C HIS E 90 3.86 13.13 11.45
N HIS E 91 4.25 14.21 12.05
CA HIS E 91 3.62 15.48 11.71
C HIS E 91 4.64 16.61 11.83
N PRO E 92 5.84 16.49 11.22
CA PRO E 92 6.88 17.51 11.45
C PRO E 92 6.51 18.90 10.95
N ASP E 93 6.01 18.99 9.71
CA ASP E 93 5.54 20.27 9.20
C ASP E 93 4.45 20.83 10.10
N LYS E 94 3.58 19.95 10.63
CA LYS E 94 2.43 20.39 11.42
C LYS E 94 2.84 20.87 12.82
N VAL E 95 3.75 20.14 13.50
CA VAL E 95 4.13 20.44 14.87
C VAL E 95 5.29 21.44 14.87
N ALA E 96 5.25 22.39 15.80
CA ALA E 96 6.33 23.36 15.92
C ALA E 96 7.24 23.15 17.12
N GLY E 97 6.83 22.35 18.11
CA GLY E 97 7.65 22.06 19.27
C GLY E 97 6.98 21.00 20.11
N LEU E 98 7.77 20.39 21.00
CA LEU E 98 7.20 19.41 21.91
C LEU E 98 7.76 19.65 23.30
N ILE E 99 6.93 19.50 24.32
CA ILE E 99 7.35 19.74 25.68
C ILE E 99 6.98 18.61 26.61
N TYR E 100 7.94 18.14 27.39
CA TYR E 100 7.69 17.05 28.33
C TYR E 100 7.73 17.59 29.75
N LEU E 101 6.61 17.44 30.45
CA LEU E 101 6.49 17.92 31.81
C LEU E 101 6.63 16.76 32.76
N THR E 102 7.82 16.59 33.34
CA THR E 102 8.05 15.52 34.30
C THR E 102 7.56 14.23 33.69
N ALA E 103 7.85 14.03 32.42
CA ALA E 103 7.41 12.84 31.71
C ALA E 103 8.51 12.18 30.89
N VAL E 104 8.28 10.92 30.55
CA VAL E 104 9.22 10.09 29.81
C VAL E 104 9.65 10.63 28.46
N LEU E 105 10.95 10.52 28.22
CA LEU E 105 11.56 10.96 26.99
C LEU E 105 12.51 9.87 26.53
N THR E 106 12.82 9.83 25.24
CA THR E 106 13.71 8.81 24.73
C THR E 106 14.51 9.27 23.52
N ALA E 107 15.67 8.64 23.33
CA ALA E 107 16.55 8.91 22.20
C ALA E 107 15.85 8.25 21.04
N PRO E 108 16.09 8.70 19.81
CA PRO E 108 15.33 8.07 18.72
C PRO E 108 15.50 6.56 18.73
N GLY E 109 14.36 5.87 18.65
CA GLY E 109 14.31 4.43 18.63
C GLY E 109 14.40 3.88 20.03
N VAL E 110 14.73 4.77 20.95
CA VAL E 110 14.87 4.42 22.34
C VAL E 110 13.51 4.05 22.80
N THR E 111 13.41 3.24 23.86
CA THR E 111 12.11 2.91 24.40
C THR E 111 12.07 3.55 25.74
N PRO E 112 10.96 4.15 26.11
CA PRO E 112 10.87 4.78 27.41
C PRO E 112 10.25 3.92 28.50
N GLU E 113 9.74 2.77 28.18
CA GLU E 113 9.14 1.96 29.21
C GLU E 113 10.19 1.41 30.10
N THR E 114 11.43 1.65 29.75
CA THR E 114 12.52 1.13 30.56
C THR E 114 12.61 1.85 31.87
N PHE E 115 12.64 3.16 31.80
CA PHE E 115 12.81 4.02 32.96
C PHE E 115 11.91 3.65 34.12
N VAL E 116 10.69 3.25 33.84
CA VAL E 116 9.84 2.85 34.95
C VAL E 116 10.45 1.63 35.64
N LEU E 117 11.17 0.81 34.88
CA LEU E 117 11.70 -0.46 35.35
C LEU E 117 13.08 -0.26 36.01
N PRO E 118 13.32 -0.92 37.15
CA PRO E 118 14.60 -0.73 37.86
C PRO E 118 15.76 -0.94 36.91
N GLY E 119 16.78 -0.09 37.02
CA GLY E 119 17.89 -0.17 36.09
C GLY E 119 18.88 0.95 36.34
N GLU E 120 20.01 0.85 35.64
CA GLU E 120 21.08 1.80 35.82
C GLU E 120 21.57 2.22 34.46
N PRO E 121 22.23 3.38 34.36
CA PRO E 121 22.39 4.35 35.44
C PRO E 121 21.12 5.21 35.55
N ASN E 122 20.71 5.50 36.80
CA ASN E 122 19.67 6.49 37.10
C ASN E 122 18.30 6.16 36.47
N ARG E 123 17.93 4.89 36.35
CA ARG E 123 16.61 4.57 35.86
C ARG E 123 15.80 3.95 36.99
N GLY E 124 14.51 4.21 36.97
CA GLY E 124 13.60 3.55 37.88
C GLY E 124 12.62 4.54 38.47
N THR E 125 11.41 4.05 38.79
CA THR E 125 10.41 4.81 39.53
C THR E 125 9.82 3.88 40.59
N PRO E 126 10.61 3.51 41.59
CA PRO E 126 10.08 2.60 42.63
C PRO E 126 8.78 3.05 43.24
N HIS E 127 8.61 4.37 43.45
CA HIS E 127 7.39 4.87 44.06
C HIS E 127 6.18 4.57 43.18
N ALA E 128 6.31 4.79 41.88
CA ALA E 128 5.26 4.40 40.95
C ALA E 128 4.92 2.92 41.08
N LEU E 129 5.91 2.04 40.79
CA LEU E 129 5.67 0.59 40.69
C LEU E 129 4.99 0.01 41.92
N ASP E 130 5.30 0.54 43.10
CA ASP E 130 4.65 0.02 44.29
C ASP E 130 3.16 0.36 44.30
N LEU E 131 2.82 1.61 43.97
CA LEU E 131 1.44 2.07 44.03
C LEU E 131 0.67 1.86 42.72
N ILE E 132 1.35 1.42 41.66
CA ILE E 132 0.73 1.14 40.36
C ILE E 132 0.79 -0.36 40.11
N GLN E 133 -0.41 -1.02 40.00
CA GLN E 133 -0.50 -2.47 39.87
C GLN E 133 -0.81 -2.86 38.43
N PRO E 134 0.00 -3.73 37.80
CA PRO E 134 -0.46 -4.41 36.57
C PRO E 134 -1.73 -5.23 36.81
N VAL E 135 -2.73 -5.05 35.91
CA VAL E 135 -4.02 -5.71 35.99
C VAL E 135 -4.47 -6.26 34.62
N ASP E 136 -5.35 -7.26 34.67
CA ASP E 136 -5.86 -7.97 33.49
C ASP E 136 -4.73 -8.34 32.55
N GLU E 137 -3.82 -9.15 33.07
CA GLU E 137 -2.75 -9.74 32.29
C GLU E 137 -1.76 -8.69 31.81
N GLY E 138 -1.63 -7.60 32.57
CA GLY E 138 -0.74 -6.54 32.16
C GLY E 138 -1.15 -5.78 30.92
N ARG E 139 -2.41 -5.93 30.48
CA ARG E 139 -2.90 -5.03 29.44
C ARG E 139 -3.22 -3.66 30.02
N GLY E 140 -3.57 -3.59 31.31
CA GLY E 140 -3.86 -2.33 31.95
C GLY E 140 -3.24 -2.23 33.34
N LEU E 141 -3.05 -0.98 33.77
CA LEU E 141 -2.52 -0.66 35.09
C LEU E 141 -3.59 -0.02 35.97
N GLN E 142 -3.57 -0.37 37.25
CA GLN E 142 -4.51 0.18 38.21
C GLN E 142 -3.74 0.74 39.40
N ALA E 143 -4.13 1.93 39.85
CA ALA E 143 -3.51 2.48 41.04
C ALA E 143 -3.83 1.61 42.26
N ASP E 144 -2.95 1.64 43.25
CA ASP E 144 -3.10 0.84 44.45
C ASP E 144 -3.94 1.60 45.46
N PHE E 145 -5.15 1.10 45.75
CA PHE E 145 -6.03 1.79 46.67
C PHE E 145 -5.98 1.23 48.09
N SER E 146 -5.03 0.34 48.37
CA SER E 146 -4.78 0.01 49.77
C SER E 146 -4.26 1.23 50.54
N ARG E 147 -3.48 2.07 49.86
CA ARG E 147 -2.74 3.18 50.45
C ARG E 147 -3.30 4.48 49.90
N LEU E 148 -4.41 4.94 50.49
CA LEU E 148 -5.05 6.14 49.97
C LEU E 148 -4.10 7.33 50.00
N GLU E 149 -3.59 7.70 51.20
CA GLU E 149 -2.78 8.92 51.24
C GLU E 149 -1.36 8.70 50.76
N ARG E 150 -0.84 7.49 50.89
CA ARG E 150 0.45 7.28 50.24
C ARG E 150 0.33 7.64 48.76
N LEU E 151 -0.83 7.33 48.15
CA LEU E 151 -1.09 7.80 46.79
C LEU E 151 -1.18 9.31 46.74
N ARG E 152 -1.92 9.90 47.69
CA ARG E 152 -2.10 11.35 47.70
C ARG E 152 -0.77 12.06 47.95
N GLU E 153 0.11 11.45 48.75
CA GLU E 153 1.43 12.03 48.99
C GLU E 153 2.29 12.03 47.72
N VAL E 154 2.23 10.98 46.91
CA VAL E 154 3.23 10.76 45.87
C VAL E 154 2.88 11.47 44.55
N PHE E 155 1.61 11.38 44.13
CA PHE E 155 1.10 12.00 42.90
C PHE E 155 0.40 13.33 43.15
N MET E 156 -0.55 13.34 44.08
CA MET E 156 -1.42 14.49 44.29
C MET E 156 -0.94 15.37 45.43
N GLY E 157 0.36 15.38 45.69
CA GLY E 157 0.85 16.30 46.69
C GLY E 157 0.60 17.73 46.29
N ASP E 158 0.74 18.01 44.99
CA ASP E 158 0.63 19.36 44.47
C ASP E 158 -0.70 20.09 44.63
N TYR E 159 -1.82 19.42 44.38
CA TYR E 159 -3.10 20.10 44.50
C TYR E 159 -3.20 20.91 45.78
N PRO E 160 -3.68 22.21 45.64
CA PRO E 160 -3.74 22.96 46.89
C PRO E 160 -4.65 22.28 47.88
N GLY E 161 -4.22 22.19 49.13
CA GLY E 161 -5.01 21.55 50.16
C GLY E 161 -4.59 20.12 50.31
N MET E 164 -9.20 16.78 47.83
CA MET E 164 -8.25 16.27 46.84
C MET E 164 -8.65 16.76 45.47
N PRO E 165 -7.90 16.43 44.40
CA PRO E 165 -8.37 16.82 43.08
C PRO E 165 -9.71 16.18 42.80
N PRO E 166 -10.56 16.82 42.02
CA PRO E 166 -11.89 16.23 41.78
C PRO E 166 -11.79 15.05 40.83
N ALA E 167 -12.77 14.14 40.92
CA ALA E 167 -12.73 12.87 40.19
C ALA E 167 -12.52 13.06 38.70
N GLU E 168 -13.01 14.16 38.13
CA GLU E 168 -12.89 14.42 36.70
C GLU E 168 -11.45 14.33 36.17
N HIS E 169 -10.46 14.18 37.05
CA HIS E 169 -9.08 14.21 36.61
C HIS E 169 -8.47 12.83 36.36
N PHE E 170 -9.02 11.78 36.94
CA PHE E 170 -8.43 10.45 36.73
C PHE E 170 -9.35 9.27 36.31
N ILE E 171 -8.91 8.52 35.31
CA ILE E 171 -9.61 7.33 34.85
C ILE E 171 -9.15 6.14 35.69
N GLN E 172 -10.00 5.15 35.84
CA GLN E 172 -9.69 3.97 36.64
C GLN E 172 -8.49 3.12 36.20
N THR E 173 -8.45 2.71 34.93
CA THR E 173 -7.40 1.83 34.47
C THR E 173 -6.79 2.28 33.16
N GLN E 174 -5.50 2.02 33.00
CA GLN E 174 -4.69 2.62 31.95
C GLN E 174 -4.07 1.53 31.08
N SER E 175 -4.21 1.66 29.77
CA SER E 175 -3.62 0.66 28.88
C SER E 175 -2.12 0.85 28.78
N THR E 176 -1.41 -0.26 28.59
CA THR E 176 0.03 -0.25 28.58
C THR E 176 0.60 -0.10 27.18
N VAL E 177 -0.22 0.33 26.23
CA VAL E 177 0.29 0.60 24.88
C VAL E 177 1.46 1.57 24.90
N PRO E 178 1.40 2.71 25.60
CA PRO E 178 2.46 3.73 25.42
C PRO E 178 3.86 3.23 25.74
N PHE E 179 3.99 2.41 26.80
CA PHE E 179 5.22 1.68 27.12
C PHE E 179 5.81 1.05 25.87
N GLY E 180 5.09 0.06 25.33
CA GLY E 180 5.48 -0.73 24.19
C GLY E 180 6.32 -0.12 23.09
N THR E 181 5.86 0.97 22.53
CA THR E 181 6.36 1.37 21.21
C THR E 181 7.65 2.15 21.40
N PRO E 182 8.75 1.77 20.74
CA PRO E 182 9.91 2.68 20.60
C PRO E 182 9.53 4.08 20.12
N ASN E 183 10.47 5.01 20.22
CA ASN E 183 10.30 6.33 19.63
C ASN E 183 10.67 6.29 18.15
N PRO E 184 9.80 6.76 17.25
CA PRO E 184 10.08 6.65 15.83
C PRO E 184 10.53 7.97 15.22
N MET E 185 10.84 8.95 16.06
CA MET E 185 11.25 10.26 15.57
C MET E 185 12.43 10.15 14.62
N GLU E 186 12.31 10.73 13.43
CA GLU E 186 13.37 10.64 12.45
C GLU E 186 13.38 11.87 11.55
N GLY E 187 14.55 12.18 11.01
CA GLY E 187 14.69 13.21 10.00
C GLY E 187 14.29 14.58 10.50
N ARG E 188 13.23 15.13 9.90
CA ARG E 188 12.73 16.45 10.27
C ARG E 188 12.06 16.45 11.65
N ALA E 189 11.59 15.31 12.13
CA ALA E 189 11.02 15.22 13.49
C ALA E 189 12.05 15.65 14.54
N LEU E 190 13.29 15.16 14.44
CA LEU E 190 14.33 15.60 15.37
C LEU E 190 14.64 17.08 15.19
N GLU E 191 14.44 17.61 13.98
CA GLU E 191 14.62 19.05 13.77
C GLU E 191 13.55 19.86 14.49
N ILE E 192 12.42 19.24 14.86
CA ILE E 192 11.46 19.92 15.72
C ILE E 192 12.15 20.27 17.03
N PRO E 193 11.91 21.47 17.58
CA PRO E 193 12.48 21.80 18.90
C PRO E 193 11.82 20.98 19.99
N ARG E 194 12.65 20.50 20.92
CA ARG E 194 12.16 19.76 22.07
C ARG E 194 12.51 20.55 23.33
N LEU E 195 11.59 20.60 24.30
CA LEU E 195 11.77 21.35 25.55
C LEU E 195 11.36 20.50 26.74
N TYR E 196 12.29 20.32 27.68
CA TYR E 196 12.07 19.51 28.87
C TYR E 196 11.83 20.44 30.04
N ILE E 197 10.66 20.32 30.68
CA ILE E 197 10.33 21.05 31.89
C ILE E 197 10.35 20.07 33.06
N GLU E 198 11.23 20.31 34.03
CA GLU E 198 11.42 19.36 35.12
C GLU E 198 10.81 19.85 36.42
N ALA E 199 10.14 18.95 37.11
CA ALA E 199 9.57 19.22 38.42
C ALA E 199 10.57 18.70 39.44
N LEU E 200 11.33 19.62 40.04
CA LEU E 200 12.53 19.24 40.77
C LEU E 200 12.25 18.53 42.08
N ASP E 201 11.03 18.49 42.55
CA ASP E 201 10.76 17.77 43.78
C ASP E 201 9.90 16.56 43.51
N ASP E 202 9.93 16.10 42.27
CA ASP E 202 9.14 14.97 41.86
C ASP E 202 9.60 13.73 42.59
N VAL E 203 8.65 12.98 43.14
CA VAL E 203 8.99 11.76 43.82
C VAL E 203 8.69 10.58 42.89
N VAL E 204 7.70 10.73 42.02
CA VAL E 204 7.38 9.69 41.07
C VAL E 204 8.49 9.51 40.04
N LEU E 205 8.93 10.61 39.46
CA LEU E 205 10.00 10.58 38.50
C LEU E 205 11.05 11.49 39.06
N PRO E 206 12.13 10.85 39.67
CA PRO E 206 13.12 11.76 40.24
C PRO E 206 13.84 12.58 39.20
N ILE E 207 14.37 13.72 39.64
CA ILE E 207 15.04 14.65 38.77
C ILE E 207 16.24 14.05 38.06
N ALA E 208 16.97 13.17 38.74
CA ALA E 208 18.13 12.56 38.10
C ALA E 208 17.65 11.74 36.92
N VAL E 209 16.55 11.03 37.10
CA VAL E 209 15.97 10.23 36.03
C VAL E 209 15.52 11.11 34.89
N GLN E 210 14.87 12.22 35.22
CA GLN E 210 14.39 13.15 34.23
C GLN E 210 15.58 13.74 33.53
N ARG E 211 16.61 14.01 34.31
CA ARG E 211 17.85 14.59 33.80
C ARG E 211 18.60 13.67 32.87
N GLN E 212 18.58 12.38 33.16
CA GLN E 212 19.28 11.42 32.33
C GLN E 212 18.72 11.36 30.93
N MET E 213 17.40 11.40 30.82
CA MET E 213 16.77 11.31 29.52
C MET E 213 17.22 12.43 28.60
N GLN E 214 17.31 13.65 29.12
CA GLN E 214 17.72 14.78 28.30
C GLN E 214 19.16 14.68 27.77
N LYS E 215 20.07 14.26 28.63
CA LYS E 215 21.46 14.09 28.25
C LYS E 215 21.56 12.94 27.25
N GLU E 216 20.79 11.89 27.52
CA GLU E 216 20.77 10.70 26.70
C GLU E 216 20.24 10.93 25.29
N PHE E 217 19.16 11.71 25.17
CA PHE E 217 18.54 11.98 23.89
C PHE E 217 19.55 12.70 23.01
N PRO E 218 19.61 12.38 21.72
CA PRO E 218 20.61 13.02 20.87
C PRO E 218 20.13 14.37 20.40
N GLY E 219 21.06 15.28 20.19
CA GLY E 219 20.69 16.60 19.76
C GLY E 219 20.03 17.36 20.89
N PRO E 220 20.14 18.68 20.85
CA PRO E 220 19.75 19.49 22.00
C PRO E 220 18.28 19.35 22.40
N VAL E 221 18.07 19.38 23.73
CA VAL E 221 16.78 19.46 24.41
C VAL E 221 16.86 20.65 25.36
N ALA E 222 15.94 21.61 25.21
CA ALA E 222 15.96 22.80 26.06
C ALA E 222 15.24 22.52 27.38
N VAL E 223 15.75 23.09 28.47
CA VAL E 223 15.26 22.77 29.81
C VAL E 223 14.98 24.05 30.59
N VAL E 224 13.83 24.08 31.26
CA VAL E 224 13.60 24.97 32.40
C VAL E 224 13.10 24.11 33.55
N SER E 225 13.37 24.59 34.76
CA SER E 225 13.05 23.84 35.96
C SER E 225 12.02 24.60 36.78
N LEU E 226 11.25 23.85 37.56
CA LEU E 226 10.18 24.38 38.39
C LEU E 226 10.29 23.74 39.77
N PRO E 227 10.16 24.53 40.87
CA PRO E 227 10.21 23.93 42.21
C PRO E 227 8.96 23.15 42.55
N ALA E 228 8.66 22.13 41.78
CA ALA E 228 7.43 21.38 41.96
C ALA E 228 7.57 19.87 42.02
N SER E 229 6.50 19.25 42.50
CA SER E 229 6.36 17.82 42.65
C SER E 229 5.86 17.21 41.35
N HIS E 230 5.20 16.07 41.46
CA HIS E 230 4.70 15.32 40.32
C HIS E 230 3.71 16.05 39.43
N ALA E 231 2.89 16.93 40.01
CA ALA E 231 1.89 17.63 39.23
C ALA E 231 2.08 19.12 39.28
N PRO E 232 3.05 19.61 38.43
CA PRO E 232 3.25 21.07 38.48
C PRO E 232 2.04 21.86 38.04
N TYR E 233 1.17 21.26 37.24
CA TYR E 233 0.01 21.96 36.73
C TYR E 233 -0.90 22.40 37.88
N TYR E 234 -0.77 21.76 39.03
CA TYR E 234 -1.57 22.12 40.19
C TYR E 234 -0.90 23.19 41.05
N SER E 235 0.42 23.06 41.29
CA SER E 235 1.20 23.93 42.18
C SER E 235 1.44 25.30 41.57
N MET E 236 1.63 25.35 40.27
CA MET E 236 2.04 26.61 39.68
C MET E 236 1.46 26.80 38.28
N PRO E 237 0.14 26.90 38.14
CA PRO E 237 -0.44 27.13 36.80
C PRO E 237 0.15 28.34 36.09
N GLU E 238 0.09 29.53 36.70
CA GLU E 238 0.59 30.72 36.01
C GLU E 238 2.03 30.53 35.58
N ARG E 239 2.87 30.00 36.49
CA ARG E 239 4.29 29.81 36.17
C ARG E 239 4.48 28.75 35.09
N LEU E 240 3.76 27.63 35.20
CA LEU E 240 3.74 26.64 34.12
C LEU E 240 3.36 27.29 32.79
N ALA E 241 2.25 28.02 32.77
CA ALA E 241 1.78 28.54 31.49
C ALA E 241 2.64 29.67 30.97
N GLU E 242 3.40 30.34 31.84
CA GLU E 242 4.36 31.31 31.32
C GLU E 242 5.36 30.59 30.42
N ALA E 243 5.88 29.45 30.89
CA ALA E 243 6.90 28.72 30.17
C ALA E 243 6.37 28.18 28.84
N ILE E 244 5.21 27.53 28.86
CA ILE E 244 4.66 26.99 27.64
C ILE E 244 4.47 28.09 26.60
N ALA E 245 3.99 29.24 27.02
CA ALA E 245 3.66 30.31 26.08
C ALA E 245 4.90 31.06 25.62
N ASP E 246 5.98 31.08 26.41
CA ASP E 246 7.24 31.63 25.89
C ASP E 246 7.85 30.68 24.87
N PHE E 247 7.60 29.38 25.02
CA PHE E 247 8.09 28.42 24.04
C PHE E 247 7.31 28.51 22.74
N ALA E 248 6.02 28.83 22.81
CA ALA E 248 5.21 28.89 21.60
C ALA E 248 5.56 30.10 20.74
N ASP E 249 5.78 31.27 21.37
CA ASP E 249 6.13 32.47 20.61
C ASP E 249 7.42 32.28 19.82
N ALA E 250 8.31 31.39 20.29
CA ALA E 250 9.65 31.28 19.73
C ALA E 250 10.20 29.86 19.86
N PRO E 251 9.53 28.86 19.28
CA PRO E 251 9.95 27.47 19.52
C PRO E 251 11.41 27.25 19.19
N ALA E 252 11.79 27.59 17.97
CA ALA E 252 13.12 27.26 17.50
C ALA E 252 14.20 28.07 18.20
N GLU E 253 13.84 29.16 18.88
CA GLU E 253 14.83 30.10 19.41
C GLU E 253 14.84 30.18 20.92
N TYR E 254 14.33 29.15 21.62
CA TYR E 254 14.21 29.18 23.07
C TYR E 254 15.55 28.93 23.78
N THR F 2 -0.72 -30.94 -10.37
CA THR F 2 -1.83 -30.08 -9.98
C THR F 2 -2.00 -30.04 -8.46
N VAL F 3 -3.12 -30.54 -7.95
CA VAL F 3 -3.36 -30.53 -6.52
C VAL F 3 -2.36 -31.43 -5.80
N THR F 4 -1.74 -30.89 -4.76
CA THR F 4 -0.76 -31.64 -4.01
C THR F 4 -1.13 -31.79 -2.54
N ASP F 5 -2.09 -31.01 -2.10
CA ASP F 5 -2.48 -31.07 -0.69
C ASP F 5 -3.98 -31.05 -0.46
N ILE F 6 -4.40 -31.74 0.60
CA ILE F 6 -5.79 -31.77 0.99
C ILE F 6 -5.84 -31.35 2.44
N ILE F 7 -6.65 -30.34 2.75
CA ILE F 7 -6.75 -29.91 4.13
C ILE F 7 -8.17 -30.04 4.64
N LEU F 8 -8.31 -30.82 5.69
CA LEU F 8 -9.57 -31.10 6.31
C LEU F 8 -9.74 -30.28 7.57
N ILE F 9 -10.59 -29.27 7.45
CA ILE F 9 -10.90 -28.37 8.52
C ILE F 9 -11.66 -29.07 9.60
N HIS F 10 -11.92 -28.38 10.69
CA HIS F 10 -12.66 -29.00 11.76
C HIS F 10 -13.62 -28.09 12.48
N GLY F 11 -14.89 -28.44 12.39
CA GLY F 11 -15.95 -27.67 13.01
C GLY F 11 -15.77 -27.45 14.47
N ALA F 12 -16.62 -26.59 15.01
CA ALA F 12 -16.58 -26.25 16.40
C ALA F 12 -16.31 -27.33 17.41
N LEU F 13 -15.61 -26.93 18.46
CA LEU F 13 -15.25 -27.76 19.61
C LEU F 13 -14.52 -29.05 19.19
N ASN F 14 -14.18 -29.14 17.92
CA ASN F 14 -13.47 -30.30 17.44
C ASN F 14 -12.04 -30.01 17.19
N ARG F 15 -11.28 -31.07 17.03
CA ARG F 15 -9.88 -31.02 16.73
C ARG F 15 -9.67 -31.73 15.41
N GLY F 16 -8.62 -31.40 14.69
CA GLY F 16 -8.36 -32.02 13.40
C GLY F 16 -8.26 -33.50 13.48
N ALA F 17 -7.85 -33.98 14.64
CA ALA F 17 -7.73 -35.41 14.86
C ALA F 17 -9.03 -36.16 14.57
N CYS F 18 -10.16 -35.50 14.62
CA CYS F 18 -11.42 -36.16 14.38
C CYS F 18 -11.48 -36.64 12.95
N TYR F 19 -10.37 -36.57 12.25
CA TYR F 19 -10.32 -36.99 10.90
C TYR F 19 -9.35 -38.12 10.82
N ASP F 20 -8.77 -38.44 11.96
CA ASP F 20 -7.83 -39.56 12.04
C ASP F 20 -8.32 -40.77 11.28
N ALA F 21 -9.64 -40.91 11.13
CA ALA F 21 -10.18 -42.03 10.38
C ALA F 21 -10.09 -41.80 8.89
N VAL F 22 -10.39 -40.59 8.42
CA VAL F 22 -10.43 -40.37 6.98
C VAL F 22 -9.04 -40.11 6.43
N VAL F 23 -8.09 -39.81 7.30
CA VAL F 23 -6.87 -39.17 6.80
C VAL F 23 -5.91 -40.19 6.23
N PRO F 24 -5.71 -41.40 6.81
CA PRO F 24 -4.82 -42.36 6.13
C PRO F 24 -5.36 -42.82 4.79
N LEU F 25 -6.68 -42.94 4.66
CA LEU F 25 -7.29 -43.37 3.42
C LEU F 25 -6.97 -42.42 2.28
N LEU F 26 -6.96 -41.13 2.57
CA LEU F 26 -6.64 -40.12 1.57
C LEU F 26 -5.19 -40.24 1.10
N GLU F 27 -4.30 -40.54 2.04
CA GLU F 27 -2.88 -40.68 1.74
C GLU F 27 -2.71 -41.82 0.75
N ALA F 28 -3.46 -42.88 0.97
CA ALA F 28 -3.42 -44.06 0.12
C ALA F 28 -3.86 -43.73 -1.29
N ARG F 29 -4.61 -42.65 -1.43
CA ARG F 29 -5.14 -42.23 -2.73
C ARG F 29 -4.24 -41.30 -3.52
N GLY F 30 -3.04 -41.02 -3.02
CA GLY F 30 -2.13 -40.15 -3.74
C GLY F 30 -2.07 -38.67 -3.43
N TYR F 31 -2.66 -38.25 -2.31
CA TYR F 31 -2.64 -36.84 -1.93
C TYR F 31 -2.05 -36.63 -0.55
N ARG F 32 -1.53 -35.43 -0.32
CA ARG F 32 -0.97 -35.07 0.97
C ARG F 32 -2.14 -34.62 1.81
N VAL F 33 -2.31 -35.22 2.98
CA VAL F 33 -3.43 -34.89 3.86
C VAL F 33 -3.05 -34.32 5.20
N HIS F 34 -3.73 -33.24 5.60
CA HIS F 34 -3.49 -32.59 6.87
C HIS F 34 -4.71 -32.41 7.73
N ALA F 35 -4.53 -32.53 9.04
CA ALA F 35 -5.58 -32.36 10.03
C ALA F 35 -4.97 -31.53 11.13
N PRO F 36 -5.19 -30.16 11.12
CA PRO F 36 -4.52 -29.40 12.19
C PRO F 36 -5.51 -28.80 13.24
N ASP F 37 -5.05 -28.80 14.49
CA ASP F 37 -5.73 -28.32 15.68
C ASP F 37 -5.58 -26.83 15.56
N LEU F 38 -6.63 -26.16 15.14
CA LEU F 38 -6.59 -24.72 14.99
C LEU F 38 -6.38 -24.09 16.33
N THR F 39 -6.18 -22.78 16.29
CA THR F 39 -5.91 -21.97 17.46
C THR F 39 -6.77 -22.22 18.67
N GLY F 40 -6.15 -22.29 19.83
CA GLY F 40 -6.94 -22.44 21.04
C GLY F 40 -7.57 -23.81 21.12
N HIS F 41 -7.26 -24.58 20.09
CA HIS F 41 -7.74 -25.93 19.92
C HIS F 41 -6.63 -26.93 20.16
N THR F 42 -5.75 -26.63 21.08
CA THR F 42 -4.66 -27.50 21.50
C THR F 42 -4.53 -27.31 23.01
N PRO F 43 -4.70 -28.36 23.82
CA PRO F 43 -4.47 -28.25 25.27
C PRO F 43 -3.12 -27.71 25.68
N GLY F 44 -3.12 -26.55 26.35
CA GLY F 44 -1.88 -25.81 26.61
C GLY F 44 -1.83 -24.45 25.91
N ASP F 45 -2.33 -24.38 24.66
CA ASP F 45 -2.46 -23.14 23.90
C ASP F 45 -3.17 -22.07 24.72
N GLY F 46 -3.80 -22.48 25.81
CA GLY F 46 -4.72 -21.61 26.49
C GLY F 46 -6.09 -21.99 26.01
N GLY F 47 -6.67 -21.19 25.12
CA GLY F 47 -7.97 -21.54 24.58
C GLY F 47 -8.77 -20.37 24.05
N HIS F 48 -10.06 -20.36 24.37
CA HIS F 48 -10.92 -19.25 23.97
C HIS F 48 -10.35 -17.92 24.43
N LEU F 49 -9.53 -17.92 25.48
CA LEU F 49 -8.82 -16.70 25.85
C LEU F 49 -7.65 -16.42 24.90
N SER F 50 -7.10 -17.46 24.27
CA SER F 50 -6.02 -17.29 23.31
C SER F 50 -6.50 -16.70 21.98
N VAL F 51 -7.78 -16.75 21.67
CA VAL F 51 -8.22 -16.34 20.35
C VAL F 51 -8.14 -14.83 20.22
N VAL F 52 -7.55 -14.35 19.12
CA VAL F 52 -7.56 -12.90 18.87
C VAL F 52 -8.51 -12.59 17.71
N ASP F 53 -8.14 -12.97 16.49
CA ASP F 53 -8.92 -12.69 15.30
C ASP F 53 -9.10 -13.99 14.54
N MET F 54 -9.95 -13.96 13.49
CA MET F 54 -10.17 -15.15 12.68
C MET F 54 -8.90 -15.53 11.92
N GLU F 55 -8.21 -14.54 11.36
CA GLU F 55 -6.92 -14.79 10.72
C GLU F 55 -5.98 -15.55 11.64
N HIS F 56 -6.08 -15.26 12.91
CA HIS F 56 -5.30 -15.96 13.91
C HIS F 56 -5.93 -17.36 14.22
N TYR F 57 -7.25 -17.46 14.13
CA TYR F 57 -7.91 -18.72 14.40
C TYR F 57 -7.52 -19.63 13.29
N THR F 58 -7.50 -19.09 12.08
CA THR F 58 -7.10 -19.85 10.92
C THR F 58 -5.59 -19.88 10.82
N ARG F 59 -4.92 -19.75 11.95
CA ARG F 59 -3.48 -19.71 11.93
C ARG F 59 -2.73 -20.91 11.47
N PRO F 60 -2.77 -22.01 12.21
CA PRO F 60 -2.04 -23.20 11.82
C PRO F 60 -2.34 -23.61 10.42
N VAL F 61 -3.46 -23.18 9.89
CA VAL F 61 -3.80 -23.54 8.55
C VAL F 61 -2.89 -22.80 7.65
N ALA F 62 -3.08 -21.50 7.58
CA ALA F 62 -2.26 -20.74 6.66
C ALA F 62 -0.80 -21.19 6.71
N ASP F 63 -0.30 -21.46 7.92
CA ASP F 63 1.10 -21.86 8.08
C ASP F 63 1.37 -23.19 7.39
N ILE F 64 0.40 -24.11 7.40
CA ILE F 64 0.60 -25.40 6.76
C ILE F 64 0.68 -25.25 5.25
N LEU F 65 -0.14 -24.37 4.66
CA LEU F 65 -0.16 -24.24 3.20
C LEU F 65 1.19 -23.74 2.68
N ALA F 66 1.86 -22.86 3.43
CA ALA F 66 3.20 -22.42 3.05
C ALA F 66 4.10 -23.60 2.70
N ARG F 67 4.05 -24.67 3.49
CA ARG F 67 4.84 -25.86 3.21
C ARG F 67 4.36 -26.57 1.94
N ALA F 68 3.08 -26.44 1.58
CA ALA F 68 2.54 -27.20 0.46
C ALA F 68 3.12 -26.67 -0.85
N GLU F 69 3.75 -27.56 -1.63
CA GLU F 69 4.47 -27.13 -2.82
C GLU F 69 3.54 -26.94 -4.03
N GLY F 70 2.39 -27.63 -4.06
CA GLY F 70 1.44 -27.35 -5.11
C GLY F 70 0.03 -27.06 -4.60
N GLN F 71 -0.94 -27.00 -5.52
CA GLN F 71 -2.28 -26.53 -5.19
C GLN F 71 -2.96 -27.45 -4.17
N SER F 72 -3.62 -26.85 -3.19
CA SER F 72 -4.26 -27.57 -2.10
C SER F 72 -5.77 -27.71 -2.31
N ILE F 73 -6.39 -28.50 -1.42
CA ILE F 73 -7.84 -28.66 -1.35
C ILE F 73 -8.28 -28.43 0.09
N LEU F 74 -9.35 -27.66 0.26
CA LEU F 74 -9.92 -27.37 1.58
C LEU F 74 -11.32 -27.96 1.67
N LEU F 75 -11.58 -28.75 2.71
CA LEU F 75 -12.88 -29.35 2.93
C LEU F 75 -13.44 -28.90 4.27
N GLY F 76 -14.64 -28.32 4.25
CA GLY F 76 -15.22 -27.80 5.48
C GLY F 76 -16.32 -28.59 6.15
N HIS F 77 -16.18 -28.74 7.45
CA HIS F 77 -17.15 -29.42 8.28
C HIS F 77 -17.76 -28.46 9.30
N ALA F 78 -19.07 -28.42 9.38
CA ALA F 78 -19.70 -27.55 10.37
C ALA F 78 -19.22 -26.11 10.20
N LEU F 79 -18.75 -25.51 11.28
CA LEU F 79 -18.28 -24.13 11.28
C LEU F 79 -17.05 -24.04 10.39
N GLY F 80 -16.46 -25.19 10.10
CA GLY F 80 -15.28 -25.26 9.28
C GLY F 80 -15.64 -24.59 7.97
N GLY F 81 -16.89 -24.68 7.58
CA GLY F 81 -17.34 -24.06 6.36
C GLY F 81 -17.06 -22.58 6.50
N ALA F 82 -17.22 -22.07 7.71
CA ALA F 82 -16.96 -20.67 7.98
C ALA F 82 -15.49 -20.32 7.74
N SER F 83 -14.61 -21.22 8.18
CA SER F 83 -13.17 -21.06 8.02
C SER F 83 -12.76 -21.19 6.54
N ILE F 84 -13.20 -22.25 5.86
CA ILE F 84 -12.61 -22.60 4.56
C ILE F 84 -12.90 -21.53 3.51
N SER F 85 -14.04 -20.83 3.60
CA SER F 85 -14.22 -19.76 2.63
C SER F 85 -13.52 -18.48 3.08
N TRP F 86 -13.50 -18.21 4.39
CA TRP F 86 -12.69 -17.11 4.91
C TRP F 86 -11.27 -17.21 4.38
N LEU F 87 -10.69 -18.41 4.39
CA LEU F 87 -9.34 -18.69 3.89
C LEU F 87 -9.26 -18.75 2.37
N ALA F 88 -10.41 -18.86 1.68
CA ALA F 88 -10.36 -18.86 0.23
C ALA F 88 -9.84 -17.53 -0.30
N GLN F 89 -10.23 -16.44 0.35
CA GLN F 89 -9.86 -15.13 -0.16
C GLN F 89 -8.47 -14.69 0.27
N HIS F 90 -8.04 -15.08 1.47
CA HIS F 90 -6.72 -14.70 1.92
C HIS F 90 -5.63 -15.59 1.32
N HIS F 91 -6.01 -16.74 0.77
CA HIS F 91 -5.10 -17.60 0.01
C HIS F 91 -5.88 -18.16 -1.18
N PRO F 92 -6.17 -17.33 -2.19
CA PRO F 92 -6.98 -17.81 -3.32
C PRO F 92 -6.23 -18.69 -4.31
N ASP F 93 -5.00 -18.32 -4.67
CA ASP F 93 -4.25 -19.11 -5.65
C ASP F 93 -3.81 -20.45 -5.08
N LYS F 94 -3.44 -20.48 -3.78
CA LYS F 94 -3.00 -21.71 -3.14
C LYS F 94 -4.07 -22.79 -3.06
N VAL F 95 -5.36 -22.44 -3.16
CA VAL F 95 -6.47 -23.38 -2.95
C VAL F 95 -7.13 -23.68 -4.29
N ALA F 96 -7.12 -24.96 -4.67
CA ALA F 96 -7.71 -25.44 -5.91
C ALA F 96 -9.17 -25.83 -5.76
N GLY F 97 -9.56 -26.29 -4.57
CA GLY F 97 -10.93 -26.70 -4.35
C GLY F 97 -11.43 -26.48 -2.93
N LEU F 98 -12.69 -26.07 -2.84
CA LEU F 98 -13.39 -25.92 -1.58
C LEU F 98 -14.55 -26.91 -1.54
N ILE F 99 -14.62 -27.66 -0.44
CA ILE F 99 -15.64 -28.67 -0.17
C ILE F 99 -16.25 -28.45 1.22
N TYR F 100 -17.57 -28.50 1.34
CA TYR F 100 -18.19 -28.33 2.65
C TYR F 100 -18.93 -29.60 2.98
N LEU F 101 -18.51 -30.25 4.05
CA LEU F 101 -19.06 -31.53 4.51
C LEU F 101 -20.00 -31.20 5.68
N THR F 102 -21.30 -31.24 5.40
CA THR F 102 -22.38 -30.80 6.31
C THR F 102 -21.94 -29.57 7.11
N ALA F 103 -21.63 -28.50 6.36
CA ALA F 103 -20.98 -27.32 6.93
C ALA F 103 -21.68 -26.05 6.48
N VAL F 104 -21.46 -24.98 7.26
CA VAL F 104 -22.13 -23.70 7.01
C VAL F 104 -21.62 -23.11 5.71
N LEU F 105 -22.51 -22.48 4.95
CA LEU F 105 -22.11 -21.88 3.70
C LEU F 105 -22.98 -20.67 3.41
N THR F 106 -22.34 -19.52 3.28
CA THR F 106 -22.98 -18.23 3.20
C THR F 106 -22.70 -17.58 1.85
N ALA F 107 -23.66 -16.79 1.39
CA ALA F 107 -23.60 -16.01 0.15
C ALA F 107 -22.57 -14.88 0.32
N PRO F 108 -22.45 -13.94 -0.64
CA PRO F 108 -21.58 -12.78 -0.40
C PRO F 108 -22.00 -12.02 0.85
N GLY F 109 -21.06 -11.91 1.79
CA GLY F 109 -21.32 -11.01 2.90
C GLY F 109 -22.40 -11.44 3.86
N VAL F 110 -22.46 -12.72 4.23
CA VAL F 110 -23.46 -13.22 5.16
C VAL F 110 -22.76 -13.93 6.31
N THR F 111 -23.18 -13.63 7.54
CA THR F 111 -22.63 -14.33 8.69
C THR F 111 -23.15 -15.76 8.70
N PRO F 112 -22.50 -16.66 9.45
CA PRO F 112 -23.12 -17.99 9.63
C PRO F 112 -24.32 -17.96 10.55
N GLU F 113 -24.35 -17.06 11.54
CA GLU F 113 -25.47 -17.01 12.47
C GLU F 113 -26.83 -16.99 11.76
N THR F 114 -26.90 -16.49 10.53
CA THR F 114 -28.19 -16.41 9.86
C THR F 114 -28.85 -17.77 9.65
N PHE F 115 -28.08 -18.86 9.65
CA PHE F 115 -28.65 -20.20 9.59
C PHE F 115 -28.47 -20.97 10.89
N VAL F 116 -27.59 -20.51 11.77
CA VAL F 116 -27.48 -21.18 13.06
C VAL F 116 -28.70 -20.86 13.92
N LEU F 117 -29.16 -19.61 13.89
CA LEU F 117 -30.19 -18.99 14.72
C LEU F 117 -31.50 -18.86 13.93
N PRO F 118 -32.64 -18.73 14.62
CA PRO F 118 -33.94 -18.97 13.95
C PRO F 118 -34.20 -17.98 12.83
N GLY F 119 -34.58 -18.50 11.66
CA GLY F 119 -34.87 -17.62 10.55
C GLY F 119 -35.77 -18.31 9.55
N GLU F 120 -36.17 -17.55 8.53
CA GLU F 120 -37.03 -18.11 7.49
C GLU F 120 -36.82 -17.42 6.15
N PRO F 121 -36.75 -18.21 5.07
CA PRO F 121 -36.96 -19.66 4.89
C PRO F 121 -35.84 -20.57 5.38
N ASN F 122 -36.21 -21.69 5.99
CA ASN F 122 -35.34 -22.83 6.26
C ASN F 122 -34.00 -22.40 6.88
N ARG F 123 -34.06 -22.05 8.15
CA ARG F 123 -32.88 -21.65 8.90
C ARG F 123 -33.04 -21.99 10.38
N GLY F 124 -31.92 -22.16 11.07
CA GLY F 124 -31.89 -22.48 12.49
C GLY F 124 -31.35 -23.88 12.72
N THR F 125 -30.64 -24.05 13.84
CA THR F 125 -30.23 -25.36 14.34
C THR F 125 -30.63 -25.45 15.80
N PRO F 126 -31.92 -25.68 16.09
CA PRO F 126 -32.37 -25.76 17.49
C PRO F 126 -31.52 -26.64 18.40
N HIS F 127 -31.20 -27.86 17.96
CA HIS F 127 -30.49 -28.78 18.85
C HIS F 127 -29.13 -28.24 19.25
N ALA F 128 -28.46 -27.52 18.35
CA ALA F 128 -27.17 -26.92 18.64
C ALA F 128 -27.26 -25.94 19.80
N LEU F 129 -27.91 -24.80 19.54
CA LEU F 129 -28.09 -23.76 20.55
C LEU F 129 -28.66 -24.31 21.83
N ASP F 130 -29.49 -25.34 21.75
CA ASP F 130 -30.00 -25.89 22.99
C ASP F 130 -28.93 -26.62 23.77
N LEU F 131 -27.91 -27.14 23.08
CA LEU F 131 -26.90 -27.93 23.77
C LEU F 131 -25.59 -27.19 23.98
N ILE F 132 -25.37 -26.12 23.23
CA ILE F 132 -24.18 -25.34 23.39
C ILE F 132 -24.58 -24.13 24.21
N GLN F 133 -24.01 -24.00 25.41
CA GLN F 133 -24.33 -22.89 26.28
C GLN F 133 -23.15 -21.95 26.36
N PRO F 134 -23.41 -20.62 26.04
CA PRO F 134 -22.25 -19.73 26.07
C PRO F 134 -21.64 -19.53 27.45
N VAL F 135 -20.32 -19.33 27.47
CA VAL F 135 -19.57 -19.13 28.70
C VAL F 135 -18.94 -17.75 28.83
N ASP F 136 -19.10 -17.13 30.00
CA ASP F 136 -18.52 -15.81 30.27
C ASP F 136 -18.65 -14.73 29.19
N GLU F 137 -19.88 -14.40 28.82
CA GLU F 137 -20.14 -13.37 27.82
C GLU F 137 -19.95 -13.76 26.36
N GLY F 138 -19.95 -15.05 26.06
CA GLY F 138 -19.79 -15.50 24.70
C GLY F 138 -18.35 -15.62 24.29
N ARG F 139 -17.47 -15.43 25.25
CA ARG F 139 -16.03 -15.55 25.02
C ARG F 139 -15.74 -16.99 24.61
N GLY F 140 -16.43 -17.93 25.25
CA GLY F 140 -16.27 -19.35 25.00
C GLY F 140 -17.65 -19.98 24.88
N LEU F 141 -17.74 -21.11 24.18
CA LEU F 141 -19.03 -21.75 24.02
C LEU F 141 -19.00 -23.22 24.40
N GLN F 142 -18.90 -23.46 25.69
CA GLN F 142 -18.89 -24.82 26.23
C GLN F 142 -20.24 -25.47 26.01
N ALA F 143 -20.23 -26.70 25.50
CA ALA F 143 -21.48 -27.41 25.32
C ALA F 143 -22.11 -27.69 26.69
N ASP F 144 -23.41 -27.93 26.68
CA ASP F 144 -24.10 -28.27 27.92
C ASP F 144 -23.75 -29.70 28.32
N PHE F 145 -23.00 -29.84 29.40
CA PHE F 145 -22.64 -31.14 29.93
C PHE F 145 -23.63 -31.63 31.00
N SER F 146 -24.76 -30.91 31.19
CA SER F 146 -25.83 -31.38 32.06
C SER F 146 -26.38 -32.71 31.57
N ARG F 147 -26.26 -32.94 30.27
CA ARG F 147 -27.00 -33.98 29.58
C ARG F 147 -25.97 -34.59 28.63
N LEU F 148 -25.29 -35.65 29.05
CA LEU F 148 -24.25 -36.13 28.16
C LEU F 148 -24.78 -37.17 27.19
N GLU F 149 -25.80 -37.94 27.60
CA GLU F 149 -26.44 -38.83 26.64
C GLU F 149 -26.99 -38.04 25.47
N ARG F 150 -27.70 -36.96 25.77
CA ARG F 150 -28.24 -36.16 24.68
C ARG F 150 -27.14 -35.60 23.81
N LEU F 151 -26.03 -35.17 24.41
CA LEU F 151 -24.90 -34.68 23.63
C LEU F 151 -24.35 -35.76 22.71
N ARG F 152 -24.26 -37.00 23.21
CA ARG F 152 -23.71 -38.07 22.37
C ARG F 152 -24.54 -38.26 21.11
N GLU F 153 -25.84 -38.46 21.27
CA GLU F 153 -26.70 -38.75 20.14
C GLU F 153 -26.75 -37.68 19.06
N VAL F 154 -26.89 -36.42 19.46
CA VAL F 154 -26.95 -35.34 18.49
C VAL F 154 -25.68 -35.08 17.69
N PHE F 155 -24.53 -35.08 18.35
CA PHE F 155 -23.27 -34.81 17.68
C PHE F 155 -22.40 -36.02 17.39
N MET F 156 -22.51 -37.07 18.19
CA MET F 156 -21.70 -38.27 18.03
C MET F 156 -22.28 -39.59 17.55
N GLY F 157 -23.47 -39.53 16.98
CA GLY F 157 -24.16 -40.73 16.55
C GLY F 157 -23.39 -41.57 15.57
N ASP F 158 -22.59 -40.92 14.73
CA ASP F 158 -21.81 -41.59 13.71
C ASP F 158 -20.80 -42.60 14.26
N TYR F 159 -20.15 -42.25 15.36
CA TYR F 159 -19.14 -43.11 15.94
C TYR F 159 -19.61 -44.48 16.40
N PRO F 160 -18.78 -45.49 16.15
CA PRO F 160 -19.05 -46.86 16.57
C PRO F 160 -18.71 -47.10 18.06
N GLY F 163 -20.77 -45.45 21.61
CA GLY F 163 -19.53 -45.31 22.35
C GLY F 163 -19.13 -43.87 22.26
N MET F 164 -18.12 -43.47 23.01
CA MET F 164 -17.68 -42.09 22.99
C MET F 164 -16.35 -41.92 22.27
N PRO F 165 -16.30 -40.89 21.35
CA PRO F 165 -15.02 -40.76 20.64
C PRO F 165 -13.86 -40.42 21.51
N PRO F 166 -12.64 -40.15 20.89
CA PRO F 166 -11.53 -39.90 21.80
C PRO F 166 -11.28 -38.46 22.21
N ALA F 167 -10.80 -38.25 23.43
CA ALA F 167 -10.66 -36.91 23.96
C ALA F 167 -9.84 -36.03 23.03
N GLU F 168 -8.90 -36.62 22.31
CA GLU F 168 -8.06 -35.87 21.39
C GLU F 168 -8.86 -35.17 20.30
N HIS F 169 -10.11 -35.59 20.05
CA HIS F 169 -10.92 -34.92 19.02
C HIS F 169 -11.59 -33.69 19.55
N PHE F 170 -11.70 -33.55 20.87
CA PHE F 170 -12.62 -32.59 21.46
C PHE F 170 -11.92 -31.50 22.25
N ILE F 171 -12.57 -30.37 22.23
CA ILE F 171 -12.21 -29.16 22.92
C ILE F 171 -13.19 -28.92 24.06
N GLN F 172 -12.76 -28.20 25.09
CA GLN F 172 -13.77 -27.80 26.07
C GLN F 172 -14.45 -26.48 25.72
N THR F 173 -13.78 -25.53 25.04
CA THR F 173 -14.40 -24.25 24.80
C THR F 173 -13.88 -23.56 23.55
N GLN F 174 -14.79 -22.88 22.84
CA GLN F 174 -14.62 -22.47 21.45
C GLN F 174 -14.76 -20.97 21.24
N SER F 175 -13.98 -20.43 20.30
CA SER F 175 -14.09 -19.01 19.98
C SER F 175 -15.34 -18.68 19.18
N THR F 176 -15.75 -17.43 19.31
CA THR F 176 -17.03 -16.92 18.86
C THR F 176 -16.90 -16.07 17.61
N VAL F 177 -15.72 -16.06 17.00
CA VAL F 177 -15.40 -15.18 15.87
C VAL F 177 -15.87 -15.74 14.53
N PRO F 178 -16.01 -17.06 14.34
CA PRO F 178 -16.57 -17.53 13.06
C PRO F 178 -17.96 -16.99 12.78
N PHE F 179 -18.75 -16.71 13.83
CA PHE F 179 -20.10 -16.18 13.64
C PHE F 179 -20.10 -14.70 13.28
N GLY F 180 -19.18 -13.94 13.85
CA GLY F 180 -19.13 -12.50 13.68
C GLY F 180 -18.94 -11.89 12.30
N THR F 181 -18.11 -12.48 11.47
CA THR F 181 -17.87 -11.89 10.17
C THR F 181 -18.57 -12.58 9.02
N PRO F 182 -19.26 -11.75 8.15
CA PRO F 182 -19.89 -12.47 7.03
C PRO F 182 -18.72 -13.00 6.20
N ASN F 183 -18.96 -14.01 5.38
CA ASN F 183 -17.86 -14.58 4.63
C ASN F 183 -17.16 -13.48 3.85
N PRO F 184 -15.78 -13.60 3.87
CA PRO F 184 -15.07 -12.54 3.14
C PRO F 184 -14.95 -12.89 1.68
N MET F 185 -15.78 -13.81 1.19
CA MET F 185 -15.78 -14.20 -0.22
C MET F 185 -16.06 -12.90 -0.93
N GLU F 186 -15.48 -12.74 -2.09
CA GLU F 186 -15.51 -11.44 -2.75
C GLU F 186 -15.11 -11.49 -4.24
N ALA F 189 -12.24 -14.63 -5.31
CA ALA F 189 -12.07 -16.04 -5.03
C ALA F 189 -13.33 -16.85 -5.34
N LEU F 190 -14.37 -16.21 -5.87
CA LEU F 190 -15.59 -16.97 -6.19
C LEU F 190 -15.38 -17.89 -7.38
N GLU F 191 -14.31 -17.69 -8.15
CA GLU F 191 -14.10 -18.49 -9.35
C GLU F 191 -13.87 -19.96 -9.01
N ILE F 192 -13.22 -20.24 -7.87
CA ILE F 192 -12.81 -21.60 -7.51
C ILE F 192 -14.06 -22.45 -7.23
N PRO F 193 -14.17 -23.64 -7.81
CA PRO F 193 -15.39 -24.43 -7.65
C PRO F 193 -15.51 -24.97 -6.23
N ARG F 194 -16.75 -25.34 -5.88
CA ARG F 194 -17.04 -25.90 -4.58
C ARG F 194 -18.03 -27.05 -4.70
N LEU F 195 -18.02 -27.92 -3.70
CA LEU F 195 -18.93 -29.05 -3.65
C LEU F 195 -19.45 -29.24 -2.22
N TYR F 196 -20.77 -29.35 -2.09
CA TYR F 196 -21.40 -29.59 -0.81
C TYR F 196 -21.65 -31.08 -0.63
N ILE F 197 -21.24 -31.61 0.52
CA ILE F 197 -21.42 -33.01 0.87
C ILE F 197 -22.51 -33.08 1.92
N GLU F 198 -23.73 -33.42 1.50
CA GLU F 198 -24.85 -33.43 2.44
C GLU F 198 -24.78 -34.66 3.36
N ALA F 199 -25.13 -34.45 4.62
CA ALA F 199 -25.30 -35.50 5.62
C ALA F 199 -26.81 -35.64 5.90
N LEU F 200 -27.48 -36.50 5.13
CA LEU F 200 -28.92 -36.44 4.99
C LEU F 200 -29.67 -36.62 6.31
N ASP F 201 -29.15 -37.42 7.23
CA ASP F 201 -29.81 -37.58 8.52
C ASP F 201 -29.17 -36.71 9.60
N ASP F 202 -28.58 -35.59 9.19
CA ASP F 202 -28.05 -34.63 10.15
C ASP F 202 -29.20 -33.92 10.84
N VAL F 203 -29.27 -34.01 12.16
CA VAL F 203 -30.28 -33.26 12.90
C VAL F 203 -29.62 -32.03 13.56
N VAL F 204 -28.36 -32.15 14.01
CA VAL F 204 -27.68 -30.99 14.58
C VAL F 204 -27.65 -29.83 13.59
N LEU F 205 -27.39 -30.11 12.31
CA LEU F 205 -27.74 -29.16 11.27
C LEU F 205 -28.80 -29.81 10.37
N PRO F 206 -30.05 -29.40 10.49
CA PRO F 206 -31.12 -30.00 9.70
C PRO F 206 -30.89 -29.94 8.20
N ILE F 207 -31.20 -31.05 7.55
CA ILE F 207 -30.81 -31.23 6.16
C ILE F 207 -31.40 -30.12 5.30
N ALA F 208 -32.63 -29.70 5.57
CA ALA F 208 -33.24 -28.67 4.74
C ALA F 208 -32.49 -27.34 4.88
N VAL F 209 -31.81 -27.11 6.01
CA VAL F 209 -30.98 -25.91 6.15
C VAL F 209 -29.73 -26.04 5.29
N GLN F 210 -29.07 -27.21 5.35
CA GLN F 210 -28.00 -27.55 4.43
C GLN F 210 -28.33 -27.16 2.99
N ARG F 211 -29.53 -27.54 2.53
CA ARG F 211 -29.85 -27.37 1.11
C ARG F 211 -30.13 -25.93 0.76
N GLN F 212 -30.65 -25.16 1.71
CA GLN F 212 -30.93 -23.76 1.41
C GLN F 212 -29.66 -23.06 0.97
N MET F 213 -28.59 -23.20 1.77
CA MET F 213 -27.35 -22.50 1.50
C MET F 213 -26.83 -22.80 0.09
N GLN F 214 -26.88 -24.05 -0.34
CA GLN F 214 -26.54 -24.35 -1.73
C GLN F 214 -27.37 -23.50 -2.68
N LYS F 215 -28.70 -23.56 -2.53
CA LYS F 215 -29.58 -22.75 -3.35
C LYS F 215 -29.39 -21.27 -3.04
N GLU F 216 -29.11 -20.92 -1.77
CA GLU F 216 -28.89 -19.54 -1.37
C GLU F 216 -27.40 -19.21 -1.50
N PHE F 217 -26.96 -19.17 -2.74
CA PHE F 217 -25.61 -18.88 -3.19
C PHE F 217 -25.73 -18.92 -4.71
N PRO F 218 -25.20 -17.94 -5.42
CA PRO F 218 -25.42 -17.88 -6.86
C PRO F 218 -24.38 -18.69 -7.63
N GLY F 219 -24.66 -18.87 -8.92
CA GLY F 219 -23.86 -19.71 -9.76
C GLY F 219 -24.14 -21.18 -9.47
N PRO F 220 -23.11 -22.02 -9.61
CA PRO F 220 -23.31 -23.46 -9.39
C PRO F 220 -22.81 -23.91 -8.03
N VAL F 221 -23.35 -25.04 -7.57
CA VAL F 221 -22.88 -25.75 -6.37
C VAL F 221 -22.97 -27.24 -6.66
N ALA F 222 -21.87 -27.96 -6.40
CA ALA F 222 -21.82 -29.39 -6.61
C ALA F 222 -22.30 -30.11 -5.35
N VAL F 223 -23.25 -31.02 -5.50
CA VAL F 223 -23.88 -31.66 -4.35
C VAL F 223 -23.67 -33.17 -4.45
N VAL F 224 -23.26 -33.78 -3.33
CA VAL F 224 -23.27 -35.23 -3.17
C VAL F 224 -23.82 -35.56 -1.79
N SER F 225 -24.70 -36.57 -1.73
CA SER F 225 -25.45 -36.91 -0.52
C SER F 225 -24.83 -38.12 0.18
N LEU F 226 -24.61 -38.00 1.48
CA LEU F 226 -24.21 -39.21 2.20
C LEU F 226 -25.29 -39.62 3.19
N PRO F 227 -25.61 -40.92 3.27
CA PRO F 227 -26.57 -41.40 4.30
C PRO F 227 -26.02 -41.36 5.73
N ALA F 228 -25.69 -40.16 6.24
CA ALA F 228 -25.04 -40.06 7.54
C ALA F 228 -25.57 -38.83 8.27
N SER F 229 -25.28 -38.81 9.58
CA SER F 229 -25.62 -37.67 10.40
C SER F 229 -24.46 -36.68 10.42
N HIS F 230 -24.36 -35.89 11.49
CA HIS F 230 -23.46 -34.76 11.53
C HIS F 230 -22.02 -35.11 11.20
N ALA F 231 -21.55 -36.27 11.66
CA ALA F 231 -20.14 -36.61 11.53
C ALA F 231 -19.93 -37.70 10.49
N PRO F 232 -20.10 -37.43 9.19
CA PRO F 232 -20.01 -38.52 8.21
C PRO F 232 -18.65 -39.16 8.24
N TYR F 233 -17.63 -38.39 8.60
CA TYR F 233 -16.28 -38.91 8.73
C TYR F 233 -16.25 -40.08 9.70
N TYR F 234 -16.87 -39.95 10.87
CA TYR F 234 -16.82 -41.01 11.87
C TYR F 234 -17.44 -42.32 11.40
N SER F 235 -18.29 -42.31 10.35
CA SER F 235 -19.15 -43.45 10.10
C SER F 235 -19.08 -43.99 8.67
N MET F 236 -18.60 -43.21 7.73
CA MET F 236 -18.38 -43.68 6.36
C MET F 236 -17.08 -43.06 5.85
N PRO F 237 -15.97 -43.30 6.56
CA PRO F 237 -14.73 -42.62 6.19
C PRO F 237 -14.22 -43.07 4.84
N GLU F 238 -14.43 -44.33 4.48
CA GLU F 238 -14.09 -44.70 3.11
C GLU F 238 -14.94 -43.89 2.14
N ARG F 239 -16.25 -44.10 2.15
CA ARG F 239 -17.15 -43.48 1.18
C ARG F 239 -16.90 -42.00 1.09
N LEU F 240 -16.70 -41.36 2.23
CA LEU F 240 -16.35 -39.95 2.26
C LEU F 240 -15.06 -39.70 1.49
N ALA F 241 -13.99 -40.41 1.87
CA ALA F 241 -12.69 -40.22 1.22
C ALA F 241 -12.80 -40.32 -0.29
N GLU F 242 -13.66 -41.22 -0.78
CA GLU F 242 -13.83 -41.35 -2.22
C GLU F 242 -14.32 -40.04 -2.83
N ALA F 243 -15.40 -39.48 -2.27
CA ALA F 243 -15.98 -38.26 -2.82
C ALA F 243 -14.93 -37.15 -2.89
N ILE F 244 -14.15 -36.97 -1.82
CA ILE F 244 -13.11 -35.94 -1.81
C ILE F 244 -12.09 -36.19 -2.91
N ALA F 245 -11.44 -37.37 -2.85
CA ALA F 245 -10.41 -37.69 -3.82
C ALA F 245 -10.94 -37.55 -5.24
N ASP F 246 -12.07 -38.19 -5.55
CA ASP F 246 -12.67 -38.03 -6.87
C ASP F 246 -12.88 -36.56 -7.21
N PHE F 247 -13.22 -35.75 -6.21
CA PHE F 247 -13.24 -34.31 -6.44
C PHE F 247 -11.83 -33.79 -6.67
N ALA F 248 -10.88 -34.16 -5.79
CA ALA F 248 -9.51 -33.63 -5.86
C ALA F 248 -8.73 -34.11 -7.08
N ASP F 249 -9.21 -35.14 -7.79
CA ASP F 249 -8.60 -35.54 -9.05
C ASP F 249 -8.74 -34.40 -10.05
N ALA F 250 -9.97 -34.12 -10.47
CA ALA F 250 -10.28 -33.03 -11.40
C ALA F 250 -11.42 -32.18 -10.85
N PRO F 251 -11.12 -31.27 -9.90
CA PRO F 251 -12.21 -30.53 -9.23
C PRO F 251 -13.12 -29.73 -10.15
N ALA F 252 -12.57 -28.95 -11.08
CA ALA F 252 -13.42 -28.17 -11.98
C ALA F 252 -14.40 -29.05 -12.76
N GLU F 253 -14.06 -30.32 -13.00
CA GLU F 253 -14.89 -31.17 -13.83
C GLU F 253 -16.15 -31.65 -13.11
N TYR F 254 -16.11 -31.74 -11.79
CA TYR F 254 -17.25 -32.19 -10.99
C TYR F 254 -18.51 -31.35 -11.23
#